data_3GNA
# 
_entry.id   3GNA 
# 
_audit_conform.dict_name       mmcif_pdbx.dic 
_audit_conform.dict_version    5.387 
_audit_conform.dict_location   http://mmcif.pdb.org/dictionaries/ascii/mmcif_pdbx.dic 
# 
loop_
_database_2.database_id 
_database_2.database_code 
_database_2.pdbx_database_accession 
_database_2.pdbx_DOI 
PDB   3GNA         pdb_00003gna 10.2210/pdb3gna/pdb 
NDB   PD1261       ?            ?                   
RCSB  RCSB052073   ?            ?                   
WWPDB D_1000052073 ?            ?                   
# 
loop_
_pdbx_audit_revision_history.ordinal 
_pdbx_audit_revision_history.data_content_type 
_pdbx_audit_revision_history.major_revision 
_pdbx_audit_revision_history.minor_revision 
_pdbx_audit_revision_history.revision_date 
1 'Structure model' 1 0 2009-04-28 
2 'Structure model' 1 1 2011-07-13 
3 'Structure model' 1 2 2024-02-21 
# 
_pdbx_audit_revision_details.ordinal             1 
_pdbx_audit_revision_details.revision_ordinal    1 
_pdbx_audit_revision_details.data_content_type   'Structure model' 
_pdbx_audit_revision_details.provider            repository 
_pdbx_audit_revision_details.type                'Initial release' 
_pdbx_audit_revision_details.description         ? 
_pdbx_audit_revision_details.details             ? 
# 
loop_
_pdbx_audit_revision_group.ordinal 
_pdbx_audit_revision_group.revision_ordinal 
_pdbx_audit_revision_group.data_content_type 
_pdbx_audit_revision_group.group 
1 2 'Structure model' Advisory                    
2 2 'Structure model' 'Version format compliance' 
3 3 'Structure model' 'Data collection'           
4 3 'Structure model' 'Database references'       
5 3 'Structure model' 'Refinement description'    
# 
loop_
_pdbx_audit_revision_category.ordinal 
_pdbx_audit_revision_category.revision_ordinal 
_pdbx_audit_revision_category.data_content_type 
_pdbx_audit_revision_category.category 
1 3 'Structure model' chem_comp_atom     
2 3 'Structure model' chem_comp_bond     
3 3 'Structure model' database_2         
4 3 'Structure model' struct_ncs_dom_lim 
5 3 'Structure model' struct_ref_seq_dif 
# 
loop_
_pdbx_audit_revision_item.ordinal 
_pdbx_audit_revision_item.revision_ordinal 
_pdbx_audit_revision_item.data_content_type 
_pdbx_audit_revision_item.item 
1  3 'Structure model' '_database_2.pdbx_DOI'                  
2  3 'Structure model' '_database_2.pdbx_database_accession'   
3  3 'Structure model' '_struct_ncs_dom_lim.beg_auth_comp_id'  
4  3 'Structure model' '_struct_ncs_dom_lim.beg_label_asym_id' 
5  3 'Structure model' '_struct_ncs_dom_lim.beg_label_comp_id' 
6  3 'Structure model' '_struct_ncs_dom_lim.beg_label_seq_id'  
7  3 'Structure model' '_struct_ncs_dom_lim.end_auth_comp_id'  
8  3 'Structure model' '_struct_ncs_dom_lim.end_label_asym_id' 
9  3 'Structure model' '_struct_ncs_dom_lim.end_label_comp_id' 
10 3 'Structure model' '_struct_ncs_dom_lim.end_label_seq_id'  
11 3 'Structure model' '_struct_ref_seq_dif.details'           
# 
_pdbx_database_status.status_code                     REL 
_pdbx_database_status.entry_id                        3GNA 
_pdbx_database_status.recvd_initial_deposition_date   2009-03-16 
_pdbx_database_status.deposit_site                    RCSB 
_pdbx_database_status.process_site                    RCSB 
_pdbx_database_status.status_code_sf                  REL 
_pdbx_database_status.status_code_mr                  ? 
_pdbx_database_status.SG_entry                        ? 
_pdbx_database_status.pdb_format_compatible           Y 
_pdbx_database_status.status_code_cs                  ? 
_pdbx_database_status.status_code_nmr_data            ? 
_pdbx_database_status.methods_development_category    ? 
# 
_pdbx_database_related.db_name        PDB 
_pdbx_database_related.db_id          3GNB 
_pdbx_database_related.details        'Crystal structure of the RAG1 nonamer-binding domain with DNA' 
_pdbx_database_related.content_type   unspecified 
# 
loop_
_audit_author.name 
_audit_author.pdbx_ordinal 
'Yin, F.F.'    1 
'Bailey, S.'   2 
'Innis, C.A.'  3 
'Steitz, T.A.' 4 
'Schatz, D.G.' 5 
# 
_citation.id                        primary 
_citation.title                     
'Structure of the RAG1 nonamer binding domain with DNA reveals a dimer that mediates DNA synapsis.' 
_citation.journal_abbrev            Nat.Struct.Mol.Biol. 
_citation.journal_volume            16 
_citation.page_first                499 
_citation.page_last                 508 
_citation.year                      2009 
_citation.journal_id_ASTM           ? 
_citation.country                   US 
_citation.journal_id_ISSN           1545-9993 
_citation.journal_id_CSD            ? 
_citation.book_publisher            ? 
_citation.pdbx_database_id_PubMed   19396172 
_citation.pdbx_database_id_DOI      10.1038/nsmb.1593 
# 
loop_
_citation_author.citation_id 
_citation_author.name 
_citation_author.ordinal 
_citation_author.identifier_ORCID 
primary 'Yin, F.F.'     1 ? 
primary 'Bailey, S.'    2 ? 
primary 'Innis, C.A.'   3 ? 
primary 'Ciubotaru, M.' 4 ? 
primary 'Kamtekar, S.'  5 ? 
primary 'Steitz, T.A.'  6 ? 
primary 'Schatz, D.G.'  7 ? 
# 
loop_
_entity.id 
_entity.type 
_entity.src_method 
_entity.pdbx_description 
_entity.formula_weight 
_entity.pdbx_number_of_molecules 
_entity.pdbx_ec 
_entity.pdbx_mutation 
_entity.pdbx_fragment 
_entity.details 
1 polymer man 'V(D)J recombination-activating protein 1'           10805.378 1 ? ? 'Nonamer binding domain: UNP residues 389-456' 
? 
2 polymer syn "5'-D(*AP*CP*TP*TP*AP*AP*CP*AP*AP*AP*AP*AP*CP*C)-3'" 4225.809  1 ? ? ?                                              
? 
3 polymer syn "5'-D(*TP*GP*GP*TP*TP*TP*TP*TP*GP*TP*TP*AP*AP*G)-3'" 4331.822  1 ? ? ?                                              
? 
4 water   nat water                                                18.015    8 ? ? ?                                              
? 
# 
_entity_name_com.entity_id   1 
_entity_name_com.name        RAG-1 
# 
loop_
_entity_poly.entity_id 
_entity_poly.type 
_entity_poly.nstd_linkage 
_entity_poly.nstd_monomer 
_entity_poly.pdbx_seq_one_letter_code 
_entity_poly.pdbx_seq_one_letter_code_can 
_entity_poly.pdbx_strand_id 
_entity_poly.pdbx_target_identifier 
1 'polypeptide(L)'        no no 
;MGSSHHHHHHSSGLVPGSHMGGRPRQHLLSLTRRAQKHRLRELKIQVKEFADKEEGGDVKAVCLTLFLLALRARNEHRQA
DELEAIMQGRGSGLQP
;
;MGSSHHHHHHSSGLVPGSHMGGRPRQHLLSLTRRAQKHRLRELKIQVKEFADKEEGGDVKAVCLTLFLLALRARNEHRQA
DELEAIMQGRGSGLQP
;
A ? 
2 polydeoxyribonucleotide no no '(DA)(DC)(DT)(DT)(DA)(DA)(DC)(DA)(DA)(DA)(DA)(DA)(DC)(DC)' ACTTAACAAAAACC D ? 
3 polydeoxyribonucleotide no no '(DT)(DG)(DG)(DT)(DT)(DT)(DT)(DT)(DG)(DT)(DT)(DA)(DA)(DG)' TGGTTTTTGTTAAG E ? 
# 
_pdbx_entity_nonpoly.entity_id   4 
_pdbx_entity_nonpoly.name        water 
_pdbx_entity_nonpoly.comp_id     HOH 
# 
loop_
_entity_poly_seq.entity_id 
_entity_poly_seq.num 
_entity_poly_seq.mon_id 
_entity_poly_seq.hetero 
1 1  MET n 
1 2  GLY n 
1 3  SER n 
1 4  SER n 
1 5  HIS n 
1 6  HIS n 
1 7  HIS n 
1 8  HIS n 
1 9  HIS n 
1 10 HIS n 
1 11 SER n 
1 12 SER n 
1 13 GLY n 
1 14 LEU n 
1 15 VAL n 
1 16 PRO n 
1 17 GLY n 
1 18 SER n 
1 19 HIS n 
1 20 MET n 
1 21 GLY n 
1 22 GLY n 
1 23 ARG n 
1 24 PRO n 
1 25 ARG n 
1 26 GLN n 
1 27 HIS n 
1 28 LEU n 
1 29 LEU n 
1 30 SER n 
1 31 LEU n 
1 32 THR n 
1 33 ARG n 
1 34 ARG n 
1 35 ALA n 
1 36 GLN n 
1 37 LYS n 
1 38 HIS n 
1 39 ARG n 
1 40 LEU n 
1 41 ARG n 
1 42 GLU n 
1 43 LEU n 
1 44 LYS n 
1 45 ILE n 
1 46 GLN n 
1 47 VAL n 
1 48 LYS n 
1 49 GLU n 
1 50 PHE n 
1 51 ALA n 
1 52 ASP n 
1 53 LYS n 
1 54 GLU n 
1 55 GLU n 
1 56 GLY n 
1 57 GLY n 
1 58 ASP n 
1 59 VAL n 
1 60 LYS n 
1 61 ALA n 
1 62 VAL n 
1 63 CYS n 
1 64 LEU n 
1 65 THR n 
1 66 LEU n 
1 67 PHE n 
1 68 LEU n 
1 69 LEU n 
1 70 ALA n 
1 71 LEU n 
1 72 ARG n 
1 73 ALA n 
1 74 ARG n 
1 75 ASN n 
1 76 GLU n 
1 77 HIS n 
1 78 ARG n 
1 79 GLN n 
1 80 ALA n 
1 81 ASP n 
1 82 GLU n 
1 83 LEU n 
1 84 GLU n 
1 85 ALA n 
1 86 ILE n 
1 87 MET n 
1 88 GLN n 
1 89 GLY n 
1 90 ARG n 
1 91 GLY n 
1 92 SER n 
1 93 GLY n 
1 94 LEU n 
1 95 GLN n 
1 96 PRO n 
2 1  DA  n 
2 2  DC  n 
2 3  DT  n 
2 4  DT  n 
2 5  DA  n 
2 6  DA  n 
2 7  DC  n 
2 8  DA  n 
2 9  DA  n 
2 10 DA  n 
2 11 DA  n 
2 12 DA  n 
2 13 DC  n 
2 14 DC  n 
3 1  DT  n 
3 2  DG  n 
3 3  DG  n 
3 4  DT  n 
3 5  DT  n 
3 6  DT  n 
3 7  DT  n 
3 8  DT  n 
3 9  DG  n 
3 10 DT  n 
3 11 DT  n 
3 12 DA  n 
3 13 DA  n 
3 14 DG  n 
# 
_entity_src_gen.entity_id                          1 
_entity_src_gen.pdbx_src_id                        1 
_entity_src_gen.pdbx_alt_source_flag               sample 
_entity_src_gen.pdbx_seq_type                      ? 
_entity_src_gen.pdbx_beg_seq_num                   ? 
_entity_src_gen.pdbx_end_seq_num                   ? 
_entity_src_gen.gene_src_common_name               Mouse 
_entity_src_gen.gene_src_genus                     ? 
_entity_src_gen.pdbx_gene_src_gene                 'Rag1, Rag-1' 
_entity_src_gen.gene_src_species                   ? 
_entity_src_gen.gene_src_strain                    ? 
_entity_src_gen.gene_src_tissue                    ? 
_entity_src_gen.gene_src_tissue_fraction           ? 
_entity_src_gen.gene_src_details                   ? 
_entity_src_gen.pdbx_gene_src_fragment             ? 
_entity_src_gen.pdbx_gene_src_scientific_name      'Mus musculus' 
_entity_src_gen.pdbx_gene_src_ncbi_taxonomy_id     10090 
_entity_src_gen.pdbx_gene_src_variant              ? 
_entity_src_gen.pdbx_gene_src_cell_line            ? 
_entity_src_gen.pdbx_gene_src_atcc                 ? 
_entity_src_gen.pdbx_gene_src_organ                ? 
_entity_src_gen.pdbx_gene_src_organelle            ? 
_entity_src_gen.pdbx_gene_src_cell                 ? 
_entity_src_gen.pdbx_gene_src_cellular_location    ? 
_entity_src_gen.host_org_common_name               ? 
_entity_src_gen.pdbx_host_org_scientific_name      'Escherichia coli' 
_entity_src_gen.pdbx_host_org_ncbi_taxonomy_id     562 
_entity_src_gen.host_org_genus                     ? 
_entity_src_gen.pdbx_host_org_gene                 ? 
_entity_src_gen.pdbx_host_org_organ                ? 
_entity_src_gen.host_org_species                   ? 
_entity_src_gen.pdbx_host_org_tissue               ? 
_entity_src_gen.pdbx_host_org_tissue_fraction      ? 
_entity_src_gen.pdbx_host_org_strain               'BL21(DE3)' 
_entity_src_gen.pdbx_host_org_variant              ? 
_entity_src_gen.pdbx_host_org_cell_line            ? 
_entity_src_gen.pdbx_host_org_atcc                 ? 
_entity_src_gen.pdbx_host_org_culture_collection   ? 
_entity_src_gen.pdbx_host_org_cell                 ? 
_entity_src_gen.pdbx_host_org_organelle            ? 
_entity_src_gen.pdbx_host_org_cellular_location    ? 
_entity_src_gen.pdbx_host_org_vector_type          plasmid 
_entity_src_gen.pdbx_host_org_vector               ? 
_entity_src_gen.host_org_details                   ? 
_entity_src_gen.expression_system_id               ? 
_entity_src_gen.plasmid_name                       pET28a 
_entity_src_gen.plasmid_details                    ? 
_entity_src_gen.pdbx_description                   ? 
# 
loop_
_pdbx_entity_src_syn.entity_id 
_pdbx_entity_src_syn.pdbx_src_id 
_pdbx_entity_src_syn.pdbx_alt_source_flag 
_pdbx_entity_src_syn.pdbx_beg_seq_num 
_pdbx_entity_src_syn.pdbx_end_seq_num 
_pdbx_entity_src_syn.organism_scientific 
_pdbx_entity_src_syn.organism_common_name 
_pdbx_entity_src_syn.ncbi_taxonomy_id 
_pdbx_entity_src_syn.details 
2 1 sample ? ? ? ? ? 'Synthetic DNA' 
3 1 sample ? ? ? ? ? 'Synthetic DNA' 
# 
loop_
_chem_comp.id 
_chem_comp.type 
_chem_comp.mon_nstd_flag 
_chem_comp.name 
_chem_comp.pdbx_synonyms 
_chem_comp.formula 
_chem_comp.formula_weight 
ALA 'L-peptide linking' y ALANINE                              ? 'C3 H7 N O2'      89.093  
ARG 'L-peptide linking' y ARGININE                             ? 'C6 H15 N4 O2 1'  175.209 
ASN 'L-peptide linking' y ASPARAGINE                           ? 'C4 H8 N2 O3'     132.118 
ASP 'L-peptide linking' y 'ASPARTIC ACID'                      ? 'C4 H7 N O4'      133.103 
CYS 'L-peptide linking' y CYSTEINE                             ? 'C3 H7 N O2 S'    121.158 
DA  'DNA linking'       y "2'-DEOXYADENOSINE-5'-MONOPHOSPHATE" ? 'C10 H14 N5 O6 P' 331.222 
DC  'DNA linking'       y "2'-DEOXYCYTIDINE-5'-MONOPHOSPHATE"  ? 'C9 H14 N3 O7 P'  307.197 
DG  'DNA linking'       y "2'-DEOXYGUANOSINE-5'-MONOPHOSPHATE" ? 'C10 H14 N5 O7 P' 347.221 
DT  'DNA linking'       y "THYMIDINE-5'-MONOPHOSPHATE"         ? 'C10 H15 N2 O8 P' 322.208 
GLN 'L-peptide linking' y GLUTAMINE                            ? 'C5 H10 N2 O3'    146.144 
GLU 'L-peptide linking' y 'GLUTAMIC ACID'                      ? 'C5 H9 N O4'      147.129 
GLY 'peptide linking'   y GLYCINE                              ? 'C2 H5 N O2'      75.067  
HIS 'L-peptide linking' y HISTIDINE                            ? 'C6 H10 N3 O2 1'  156.162 
HOH non-polymer         . WATER                                ? 'H2 O'            18.015  
ILE 'L-peptide linking' y ISOLEUCINE                           ? 'C6 H13 N O2'     131.173 
LEU 'L-peptide linking' y LEUCINE                              ? 'C6 H13 N O2'     131.173 
LYS 'L-peptide linking' y LYSINE                               ? 'C6 H15 N2 O2 1'  147.195 
MET 'L-peptide linking' y METHIONINE                           ? 'C5 H11 N O2 S'   149.211 
PHE 'L-peptide linking' y PHENYLALANINE                        ? 'C9 H11 N O2'     165.189 
PRO 'L-peptide linking' y PROLINE                              ? 'C5 H9 N O2'      115.130 
SER 'L-peptide linking' y SERINE                               ? 'C3 H7 N O3'      105.093 
THR 'L-peptide linking' y THREONINE                            ? 'C4 H9 N O3'      119.119 
VAL 'L-peptide linking' y VALINE                               ? 'C5 H11 N O2'     117.146 
# 
loop_
_pdbx_poly_seq_scheme.asym_id 
_pdbx_poly_seq_scheme.entity_id 
_pdbx_poly_seq_scheme.seq_id 
_pdbx_poly_seq_scheme.mon_id 
_pdbx_poly_seq_scheme.ndb_seq_num 
_pdbx_poly_seq_scheme.pdb_seq_num 
_pdbx_poly_seq_scheme.auth_seq_num 
_pdbx_poly_seq_scheme.pdb_mon_id 
_pdbx_poly_seq_scheme.auth_mon_id 
_pdbx_poly_seq_scheme.pdb_strand_id 
_pdbx_poly_seq_scheme.pdb_ins_code 
_pdbx_poly_seq_scheme.hetero 
A 1 1  MET 1  369 ?   ?   ?   A . n 
A 1 2  GLY 2  370 ?   ?   ?   A . n 
A 1 3  SER 3  371 ?   ?   ?   A . n 
A 1 4  SER 4  372 ?   ?   ?   A . n 
A 1 5  HIS 5  373 ?   ?   ?   A . n 
A 1 6  HIS 6  374 ?   ?   ?   A . n 
A 1 7  HIS 7  375 ?   ?   ?   A . n 
A 1 8  HIS 8  376 ?   ?   ?   A . n 
A 1 9  HIS 9  377 ?   ?   ?   A . n 
A 1 10 HIS 10 378 ?   ?   ?   A . n 
A 1 11 SER 11 379 ?   ?   ?   A . n 
A 1 12 SER 12 380 ?   ?   ?   A . n 
A 1 13 GLY 13 381 ?   ?   ?   A . n 
A 1 14 LEU 14 382 ?   ?   ?   A . n 
A 1 15 VAL 15 383 ?   ?   ?   A . n 
A 1 16 PRO 16 384 ?   ?   ?   A . n 
A 1 17 GLY 17 385 ?   ?   ?   A . n 
A 1 18 SER 18 386 ?   ?   ?   A . n 
A 1 19 HIS 19 387 ?   ?   ?   A . n 
A 1 20 MET 20 388 ?   ?   ?   A . n 
A 1 21 GLY 21 389 389 GLY GLY A . n 
A 1 22 GLY 22 390 390 GLY GLY A . n 
A 1 23 ARG 23 391 391 ARG ARG A . n 
A 1 24 PRO 24 392 392 PRO PRO A . n 
A 1 25 ARG 25 393 393 ARG ARG A . n 
A 1 26 GLN 26 394 394 GLN GLN A . n 
A 1 27 HIS 27 395 395 HIS HIS A . n 
A 1 28 LEU 28 396 396 LEU LEU A . n 
A 1 29 LEU 29 397 397 LEU LEU A . n 
A 1 30 SER 30 398 398 SER SER A . n 
A 1 31 LEU 31 399 399 LEU LEU A . n 
A 1 32 THR 32 400 400 THR THR A . n 
A 1 33 ARG 33 401 401 ARG ARG A . n 
A 1 34 ARG 34 402 402 ARG ARG A . n 
A 1 35 ALA 35 403 403 ALA ALA A . n 
A 1 36 GLN 36 404 404 GLN GLN A . n 
A 1 37 LYS 37 405 405 LYS LYS A . n 
A 1 38 HIS 38 406 406 HIS HIS A . n 
A 1 39 ARG 39 407 407 ARG ARG A . n 
A 1 40 LEU 40 408 408 LEU LEU A . n 
A 1 41 ARG 41 409 409 ARG ARG A . n 
A 1 42 GLU 42 410 410 GLU GLU A . n 
A 1 43 LEU 43 411 411 LEU LEU A . n 
A 1 44 LYS 44 412 412 LYS LYS A . n 
A 1 45 ILE 45 413 413 ILE ILE A . n 
A 1 46 GLN 46 414 414 GLN GLN A . n 
A 1 47 VAL 47 415 415 VAL VAL A . n 
A 1 48 LYS 48 416 416 LYS LYS A . n 
A 1 49 GLU 49 417 417 GLU GLU A . n 
A 1 50 PHE 50 418 418 PHE PHE A . n 
A 1 51 ALA 51 419 419 ALA ALA A . n 
A 1 52 ASP 52 420 420 ASP ASP A . n 
A 1 53 LYS 53 421 421 LYS LYS A . n 
A 1 54 GLU 54 422 422 GLU GLU A . n 
A 1 55 GLU 55 423 423 GLU GLU A . n 
A 1 56 GLY 56 424 424 GLY GLY A . n 
A 1 57 GLY 57 425 425 GLY GLY A . n 
A 1 58 ASP 58 426 426 ASP ASP A . n 
A 1 59 VAL 59 427 427 VAL VAL A . n 
A 1 60 LYS 60 428 428 LYS LYS A . n 
A 1 61 ALA 61 429 429 ALA ALA A . n 
A 1 62 VAL 62 430 430 VAL VAL A . n 
A 1 63 CYS 63 431 431 CYS CYS A . n 
A 1 64 LEU 64 432 432 LEU LEU A . n 
A 1 65 THR 65 433 433 THR THR A . n 
A 1 66 LEU 66 434 434 LEU LEU A . n 
A 1 67 PHE 67 435 435 PHE PHE A . n 
A 1 68 LEU 68 436 436 LEU LEU A . n 
A 1 69 LEU 69 437 437 LEU LEU A . n 
A 1 70 ALA 70 438 438 ALA ALA A . n 
A 1 71 LEU 71 439 439 LEU LEU A . n 
A 1 72 ARG 72 440 440 ARG ARG A . n 
A 1 73 ALA 73 441 441 ALA ALA A . n 
A 1 74 ARG 74 442 442 ARG ARG A . n 
A 1 75 ASN 75 443 443 ASN ASN A . n 
A 1 76 GLU 76 444 444 GLU GLU A . n 
A 1 77 HIS 77 445 445 HIS HIS A . n 
A 1 78 ARG 78 446 446 ARG ARG A . n 
A 1 79 GLN 79 447 447 GLN GLN A . n 
A 1 80 ALA 80 448 448 ALA ALA A . n 
A 1 81 ASP 81 449 449 ASP ASP A . n 
A 1 82 GLU 82 450 450 GLU GLU A . n 
A 1 83 LEU 83 451 451 LEU LEU A . n 
A 1 84 GLU 84 452 452 GLU GLU A . n 
A 1 85 ALA 85 453 453 ALA ALA A . n 
A 1 86 ILE 86 454 454 ILE ILE A . n 
A 1 87 MET 87 455 455 MET MET A . n 
A 1 88 GLN 88 456 456 GLN GLN A . n 
A 1 89 GLY 89 457 ?   ?   ?   A . n 
A 1 90 ARG 90 458 ?   ?   ?   A . n 
A 1 91 GLY 91 459 ?   ?   ?   A . n 
A 1 92 SER 92 460 ?   ?   ?   A . n 
A 1 93 GLY 93 461 ?   ?   ?   A . n 
A 1 94 LEU 94 462 ?   ?   ?   A . n 
A 1 95 GLN 95 463 ?   ?   ?   A . n 
A 1 96 PRO 96 464 ?   ?   ?   A . n 
B 2 1  DA  1  1   1   DA  A   D . n 
B 2 2  DC  2  2   2   DC  C   D . n 
B 2 3  DT  3  3   3   DT  T   D . n 
B 2 4  DT  4  4   4   DT  T   D . n 
B 2 5  DA  5  5   5   DA  A   D . n 
B 2 6  DA  6  6   6   DA  A   D . n 
B 2 7  DC  7  7   7   DC  C   D . n 
B 2 8  DA  8  8   8   DA  A   D . n 
B 2 9  DA  9  9   9   DA  A   D . n 
B 2 10 DA  10 10  10  DA  A   D . n 
B 2 11 DA  11 11  11  DA  A   D . n 
B 2 12 DA  12 12  12  DA  A   D . n 
B 2 13 DC  13 13  13  DC  C   D . n 
B 2 14 DC  14 14  14  DC  C   D . n 
C 3 1  DT  1  1   1   DT  T   E . n 
C 3 2  DG  2  2   2   DG  G   E . n 
C 3 3  DG  3  3   3   DG  G   E . n 
C 3 4  DT  4  4   4   DT  T   E . n 
C 3 5  DT  5  5   5   DT  T   E . n 
C 3 6  DT  6  6   6   DT  T   E . n 
C 3 7  DT  7  7   7   DT  T   E . n 
C 3 8  DT  8  8   8   DT  T   E . n 
C 3 9  DG  9  9   9   DG  G   E . n 
C 3 10 DT  10 10  10  DT  T   E . n 
C 3 11 DT  11 11  11  DT  T   E . n 
C 3 12 DA  12 12  12  DA  A   E . n 
C 3 13 DA  13 13  13  DA  A   E . n 
C 3 14 DG  14 14  14  DG  G   E . n 
# 
loop_
_pdbx_nonpoly_scheme.asym_id 
_pdbx_nonpoly_scheme.entity_id 
_pdbx_nonpoly_scheme.mon_id 
_pdbx_nonpoly_scheme.ndb_seq_num 
_pdbx_nonpoly_scheme.pdb_seq_num 
_pdbx_nonpoly_scheme.auth_seq_num 
_pdbx_nonpoly_scheme.pdb_mon_id 
_pdbx_nonpoly_scheme.auth_mon_id 
_pdbx_nonpoly_scheme.pdb_strand_id 
_pdbx_nonpoly_scheme.pdb_ins_code 
D 4 HOH 1 1  1  HOH HOH A . 
D 4 HOH 2 3  3  HOH HOH A . 
D 4 HOH 3 4  4  HOH HOH A . 
D 4 HOH 4 5  5  HOH HOH A . 
D 4 HOH 5 6  6  HOH HOH A . 
D 4 HOH 6 8  8  HOH HOH A . 
D 4 HOH 7 9  9  HOH HOH A . 
D 4 HOH 8 10 10 HOH HOH A . 
# 
loop_
_pdbx_unobs_or_zero_occ_atoms.id 
_pdbx_unobs_or_zero_occ_atoms.PDB_model_num 
_pdbx_unobs_or_zero_occ_atoms.polymer_flag 
_pdbx_unobs_or_zero_occ_atoms.occupancy_flag 
_pdbx_unobs_or_zero_occ_atoms.auth_asym_id 
_pdbx_unobs_or_zero_occ_atoms.auth_comp_id 
_pdbx_unobs_or_zero_occ_atoms.auth_seq_id 
_pdbx_unobs_or_zero_occ_atoms.PDB_ins_code 
_pdbx_unobs_or_zero_occ_atoms.auth_atom_id 
_pdbx_unobs_or_zero_occ_atoms.label_alt_id 
_pdbx_unobs_or_zero_occ_atoms.label_asym_id 
_pdbx_unobs_or_zero_occ_atoms.label_comp_id 
_pdbx_unobs_or_zero_occ_atoms.label_seq_id 
_pdbx_unobs_or_zero_occ_atoms.label_atom_id 
1  1 Y 1 D DA 1 ? N9 ? B DA 1 N9 
2  1 Y 1 D DA 1 ? C8 ? B DA 1 C8 
3  1 Y 1 D DA 1 ? N7 ? B DA 1 N7 
4  1 Y 1 D DA 1 ? C5 ? B DA 1 C5 
5  1 Y 1 D DA 1 ? C6 ? B DA 1 C6 
6  1 Y 1 D DA 1 ? N6 ? B DA 1 N6 
7  1 Y 1 D DA 1 ? N1 ? B DA 1 N1 
8  1 Y 1 D DA 1 ? C2 ? B DA 1 C2 
9  1 Y 1 D DA 1 ? N3 ? B DA 1 N3 
10 1 Y 1 D DA 1 ? C4 ? B DA 1 C4 
11 1 Y 1 E DT 1 ? N1 ? C DT 1 N1 
12 1 Y 1 E DT 1 ? C2 ? C DT 1 C2 
13 1 Y 1 E DT 1 ? O2 ? C DT 1 O2 
14 1 Y 1 E DT 1 ? N3 ? C DT 1 N3 
15 1 Y 1 E DT 1 ? C4 ? C DT 1 C4 
16 1 Y 1 E DT 1 ? O4 ? C DT 1 O4 
17 1 Y 1 E DT 1 ? C5 ? C DT 1 C5 
18 1 Y 1 E DT 1 ? C7 ? C DT 1 C7 
19 1 Y 1 E DT 1 ? C6 ? C DT 1 C6 
# 
loop_
_software.name 
_software.classification 
_software.version 
_software.citation_id 
_software.pdbx_ordinal 
ADSC     'data collection' Quantum  ? 1 
SOLVE    phasing           .        ? 2 
REFMAC   refinement        5.2.0019 ? 3 
HKL-2000 'data reduction'  .        ? 4 
HKL-2000 'data scaling'    .        ? 5 
# 
_cell.entry_id           3GNA 
_cell.length_a           97.470 
_cell.length_b           97.470 
_cell.length_c           69.780 
_cell.angle_alpha        90.00 
_cell.angle_beta         90.00 
_cell.angle_gamma        90.00 
_cell.Z_PDB              16 
_cell.pdbx_unique_axis   ? 
_cell.length_a_esd       ? 
_cell.length_b_esd       ? 
_cell.length_c_esd       ? 
_cell.angle_alpha_esd    ? 
_cell.angle_beta_esd     ? 
_cell.angle_gamma_esd    ? 
# 
_symmetry.entry_id                         3GNA 
_symmetry.space_group_name_H-M             'I 4 2 2' 
_symmetry.pdbx_full_space_group_name_H-M   ? 
_symmetry.cell_setting                     ? 
_symmetry.Int_Tables_number                97 
_symmetry.space_group_name_Hall            ? 
# 
_exptl.entry_id          3GNA 
_exptl.method            'X-RAY DIFFRACTION' 
_exptl.crystals_number   1 
# 
_exptl_crystal.id                    1 
_exptl_crystal.density_meas          ? 
_exptl_crystal.density_Matthews      2.14 
_exptl_crystal.density_percent_sol   42.52 
_exptl_crystal.description           ? 
_exptl_crystal.F_000                 ? 
_exptl_crystal.preparation           ? 
# 
_exptl_crystal_grow.crystal_id      1 
_exptl_crystal_grow.method          'VAPOR DIFFUSION, HANGING DROP' 
_exptl_crystal_grow.temp            298 
_exptl_crystal_grow.temp_details    ? 
_exptl_crystal_grow.pH              7.5 
_exptl_crystal_grow.pdbx_details    '30% PEG 400, pH 7.5, VAPOR DIFFUSION, HANGING DROP, temperature 298K' 
_exptl_crystal_grow.pdbx_pH_range   ? 
# 
loop_
_exptl_crystal_grow_comp.crystal_id 
_exptl_crystal_grow_comp.id 
_exptl_crystal_grow_comp.sol_id 
_exptl_crystal_grow_comp.name 
_exptl_crystal_grow_comp.volume 
_exptl_crystal_grow_comp.conc 
_exptl_crystal_grow_comp.details 
1 1 1 'PEG 400' ? ? ? 
1 2 2 'PEG 400' ? ? ? 
# 
_diffrn.id                     1 
_diffrn.ambient_temp           100 
_diffrn.ambient_temp_details   ? 
_diffrn.crystal_id             1 
# 
_diffrn_detector.diffrn_id              1 
_diffrn_detector.detector               CCD 
_diffrn_detector.type                   'ADSC QUANTUM 315r' 
_diffrn_detector.pdbx_collection_date   2008-04-13 
_diffrn_detector.details                ? 
# 
_diffrn_radiation.diffrn_id                        1 
_diffrn_radiation.wavelength_id                    1 
_diffrn_radiation.pdbx_monochromatic_or_laue_m_l   M 
_diffrn_radiation.monochromator                    'Si(111) channel' 
_diffrn_radiation.pdbx_diffrn_protocol             'SINGLE WAVELENGTH' 
_diffrn_radiation.pdbx_scattering_type             x-ray 
# 
_diffrn_radiation_wavelength.id           1 
_diffrn_radiation_wavelength.wavelength   1.008 
_diffrn_radiation_wavelength.wt           1.0 
# 
_diffrn_source.diffrn_id                   1 
_diffrn_source.source                      SYNCHROTRON 
_diffrn_source.type                        'APS BEAMLINE 24-ID-C' 
_diffrn_source.pdbx_synchrotron_site       APS 
_diffrn_source.pdbx_synchrotron_beamline   24-ID-C 
_diffrn_source.pdbx_wavelength             ? 
_diffrn_source.pdbx_wavelength_list        1.008 
# 
_reflns.entry_id                     3GNA 
_reflns.observed_criterion_sigma_I   1 
_reflns.observed_criterion_sigma_F   1 
_reflns.d_resolution_low             20.0 
_reflns.d_resolution_high            2.35 
_reflns.number_obs                   7526 
_reflns.number_all                   11093 
_reflns.percent_possible_obs         99.5 
_reflns.pdbx_Rmerge_I_obs            0.048 
_reflns.pdbx_Rsym_value              ? 
_reflns.pdbx_netI_over_sigmaI        ? 
_reflns.B_iso_Wilson_estimate        ? 
_reflns.pdbx_redundancy              ? 
_reflns.R_free_details               ? 
_reflns.limit_h_max                  ? 
_reflns.limit_h_min                  ? 
_reflns.limit_k_max                  ? 
_reflns.limit_k_min                  ? 
_reflns.limit_l_max                  ? 
_reflns.limit_l_min                  ? 
_reflns.observed_criterion_F_max     ? 
_reflns.observed_criterion_F_min     ? 
_reflns.pdbx_chi_squared             ? 
_reflns.pdbx_scaling_rejects         ? 
_reflns.pdbx_ordinal                 1 
_reflns.pdbx_diffrn_id               1 
# 
_reflns_shell.d_res_high             2.35 
_reflns_shell.d_res_low              2.43 
_reflns_shell.percent_possible_all   98 
_reflns_shell.Rmerge_I_obs           1.00 
_reflns_shell.pdbx_Rsym_value        ? 
_reflns_shell.meanI_over_sigI_obs    ? 
_reflns_shell.pdbx_redundancy        ? 
_reflns_shell.percent_possible_obs   ? 
_reflns_shell.number_unique_all      ? 
_reflns_shell.number_measured_all    ? 
_reflns_shell.number_measured_obs    ? 
_reflns_shell.number_unique_obs      ? 
_reflns_shell.pdbx_chi_squared       ? 
_reflns_shell.pdbx_ordinal           1 
_reflns_shell.pdbx_diffrn_id         1 
# 
_refine.entry_id                                 3GNA 
_refine.ls_number_reflns_obs                     6475 
_refine.ls_number_reflns_all                     ? 
_refine.pdbx_ls_sigma_I                          ? 
_refine.pdbx_ls_sigma_F                          1 
_refine.pdbx_data_cutoff_high_absF               ? 
_refine.pdbx_data_cutoff_low_absF                ? 
_refine.pdbx_data_cutoff_high_rms_absF           ? 
_refine.ls_d_res_low                             20.00 
_refine.ls_d_res_high                            2.40 
_refine.ls_percent_reflns_obs                    99.66 
_refine.ls_R_factor_obs                          0.23789 
_refine.ls_R_factor_all                          ? 
_refine.ls_R_factor_R_work                       0.23642 
_refine.ls_R_factor_R_free                       0.27063 
_refine.ls_R_factor_R_free_error                 ? 
_refine.ls_R_factor_R_free_error_details         ? 
_refine.ls_percent_reflns_R_free                 4.8 
_refine.ls_number_reflns_R_free                  330 
_refine.ls_number_parameters                     ? 
_refine.ls_number_restraints                     ? 
_refine.occupancy_min                            ? 
_refine.occupancy_max                            ? 
_refine.correlation_coeff_Fo_to_Fc               0.953 
_refine.correlation_coeff_Fo_to_Fc_free          0.943 
_refine.B_iso_mean                               80.982 
_refine.aniso_B[1][1]                            2.06 
_refine.aniso_B[2][2]                            2.06 
_refine.aniso_B[3][3]                            -4.12 
_refine.aniso_B[1][2]                            0.00 
_refine.aniso_B[1][3]                            0.00 
_refine.aniso_B[2][3]                            0.00 
_refine.solvent_model_details                    'BABINET MODEL WITH MASK' 
_refine.solvent_model_param_ksol                 ? 
_refine.solvent_model_param_bsol                 ? 
_refine.pdbx_solvent_vdw_probe_radii             1.20 
_refine.pdbx_solvent_ion_probe_radii             0.80 
_refine.pdbx_solvent_shrinkage_radii             0.80 
_refine.pdbx_ls_cross_valid_method               THROUGHOUT 
_refine.details                                  
'1. The Friedel pairs were used in phasing. 2. HYDROGENS HAVE BEEN ADDED IN THE RIDING POSITIONS' 
_refine.pdbx_starting_model                      ? 
_refine.pdbx_method_to_determine_struct          MIR 
_refine.pdbx_isotropic_thermal_model             ? 
_refine.pdbx_stereochemistry_target_values       'MAXIMUM LIKELIHOOD' 
_refine.pdbx_stereochem_target_val_spec_case     ? 
_refine.pdbx_R_Free_selection_details            RANDOM 
_refine.pdbx_overall_ESU_R                       0.428 
_refine.pdbx_overall_ESU_R_Free                  0.274 
_refine.overall_SU_ML                            0.286 
_refine.overall_SU_B                             27.231 
_refine.ls_redundancy_reflns_obs                 ? 
_refine.B_iso_min                                ? 
_refine.B_iso_max                                ? 
_refine.overall_SU_R_Cruickshank_DPI             ? 
_refine.overall_SU_R_free                        ? 
_refine.ls_wR_factor_R_free                      ? 
_refine.ls_wR_factor_R_work                      ? 
_refine.overall_FOM_free_R_set                   ? 
_refine.overall_FOM_work_R_set                   ? 
_refine.pdbx_overall_phase_error                 ? 
_refine.pdbx_refine_id                           'X-RAY DIFFRACTION' 
_refine.pdbx_TLS_residual_ADP_flag               'LIKELY RESIDUAL' 
_refine.pdbx_diffrn_id                           1 
_refine.pdbx_overall_SU_R_free_Cruickshank_DPI   ? 
_refine.pdbx_overall_SU_R_Blow_DPI               ? 
_refine.pdbx_overall_SU_R_free_Blow_DPI          ? 
# 
_refine_hist.pdbx_refine_id                   'X-RAY DIFFRACTION' 
_refine_hist.cycle_id                         LAST 
_refine_hist.pdbx_number_atoms_protein        553 
_refine_hist.pdbx_number_atoms_nucleic_acid   549 
_refine_hist.pdbx_number_atoms_ligand         0 
_refine_hist.number_atoms_solvent             8 
_refine_hist.number_atoms_total               1110 
_refine_hist.d_res_high                       2.40 
_refine_hist.d_res_low                        20.00 
# 
loop_
_refine_ls_restr.type 
_refine_ls_restr.dev_ideal 
_refine_ls_restr.dev_ideal_target 
_refine_ls_restr.weight 
_refine_ls_restr.number 
_refine_ls_restr.pdbx_refine_id 
_refine_ls_restr.pdbx_restraint_function 
r_bond_refined_d         0.006  0.021  ? 1176 'X-RAY DIFFRACTION' ? 
r_bond_other_d           0.003  0.020  ? 670  'X-RAY DIFFRACTION' ? 
r_angle_refined_deg      1.204  2.547  ? 1693 'X-RAY DIFFRACTION' ? 
r_angle_other_deg        0.909  3.000  ? 1647 'X-RAY DIFFRACTION' ? 
r_dihedral_angle_1_deg   3.063  5.000  ? 69   'X-RAY DIFFRACTION' ? 
r_dihedral_angle_2_deg   24.528 22.333 ? 30   'X-RAY DIFFRACTION' ? 
r_dihedral_angle_3_deg   13.840 15.000 ? 117  'X-RAY DIFFRACTION' ? 
r_dihedral_angle_4_deg   5.929  15.000 ? 9    'X-RAY DIFFRACTION' ? 
r_chiral_restr           0.054  0.200  ? 191  'X-RAY DIFFRACTION' ? 
r_gen_planes_refined     0.002  0.020  ? 891  'X-RAY DIFFRACTION' ? 
r_gen_planes_other       0.001  0.020  ? 119  'X-RAY DIFFRACTION' ? 
r_nbd_refined            0.192  0.200  ? 147  'X-RAY DIFFRACTION' ? 
r_nbd_other              0.177  0.200  ? 536  'X-RAY DIFFRACTION' ? 
r_nbtor_refined          0.207  0.200  ? 425  'X-RAY DIFFRACTION' ? 
r_nbtor_other            0.081  0.200  ? 429  'X-RAY DIFFRACTION' ? 
r_xyhbond_nbd_refined    0.079  0.200  ? 15   'X-RAY DIFFRACTION' ? 
r_symmetry_vdw_refined   0.094  0.200  ? 16   'X-RAY DIFFRACTION' ? 
r_symmetry_vdw_other     0.258  0.200  ? 49   'X-RAY DIFFRACTION' ? 
r_symmetry_hbond_refined 0.105  0.200  ? 3    'X-RAY DIFFRACTION' ? 
r_mcbond_it              0.552  1.500  ? 356  'X-RAY DIFFRACTION' ? 
r_mcbond_other           0.136  1.500  ? 139  'X-RAY DIFFRACTION' ? 
r_mcangle_it             0.880  2.000  ? 538  'X-RAY DIFFRACTION' ? 
r_scbond_it              0.657  2.000  ? 1103 'X-RAY DIFFRACTION' ? 
r_scangle_it             0.944  2.500  ? 1154 'X-RAY DIFFRACTION' ? 
# 
loop_
_refine_ls_restr_ncs.dom_id 
_refine_ls_restr_ncs.pdbx_auth_asym_id 
_refine_ls_restr_ncs.pdbx_number 
_refine_ls_restr_ncs.rms_dev_position 
_refine_ls_restr_ncs.weight_position 
_refine_ls_restr_ncs.pdbx_type 
_refine_ls_restr_ncs.pdbx_ens_id 
_refine_ls_restr_ncs.pdbx_ordinal 
_refine_ls_restr_ncs.pdbx_refine_id 
_refine_ls_restr_ncs.ncs_model_details 
_refine_ls_restr_ncs.rms_dev_B_iso 
_refine_ls_restr_ncs.weight_B_iso 
_refine_ls_restr_ncs.pdbx_asym_id 
_refine_ls_restr_ncs.pdbx_rms 
_refine_ls_restr_ncs.pdbx_weight 
1 D 59 0.11 ?     'loose positional' 1 1 'X-RAY DIFFRACTION' ? ? ? ? ? ? 
1 D 59 0.54 10.00 'loose thermal'    1 2 'X-RAY DIFFRACTION' ? ? ? ? ? ? 
# 
_refine_ls_shell.pdbx_total_number_of_bins_used   20 
_refine_ls_shell.d_res_high                       2.400 
_refine_ls_shell.d_res_low                        2.462 
_refine_ls_shell.number_reflns_R_work             445 
_refine_ls_shell.R_factor_R_work                  0.444 
_refine_ls_shell.percent_reflns_obs               98.54 
_refine_ls_shell.R_factor_R_free                  0.490 
_refine_ls_shell.R_factor_R_free_error            ? 
_refine_ls_shell.percent_reflns_R_free            ? 
_refine_ls_shell.number_reflns_R_free             28 
_refine_ls_shell.number_reflns_all                ? 
_refine_ls_shell.R_factor_all                     ? 
_refine_ls_shell.number_reflns_obs                ? 
_refine_ls_shell.redundancy_reflns_obs            ? 
_refine_ls_shell.pdbx_refine_id                   'X-RAY DIFFRACTION' 
# 
loop_
_struct_ncs_dom.id 
_struct_ncs_dom.details 
_struct_ncs_dom.pdbx_ens_id 
1 D 1 
2 E 1 
# 
loop_
_struct_ncs_dom_lim.pdbx_ens_id 
_struct_ncs_dom_lim.dom_id 
_struct_ncs_dom_lim.pdbx_component_id 
_struct_ncs_dom_lim.beg_label_asym_id 
_struct_ncs_dom_lim.beg_label_comp_id 
_struct_ncs_dom_lim.beg_label_seq_id 
_struct_ncs_dom_lim.beg_label_alt_id 
_struct_ncs_dom_lim.end_label_asym_id 
_struct_ncs_dom_lim.end_label_comp_id 
_struct_ncs_dom_lim.end_label_seq_id 
_struct_ncs_dom_lim.end_label_alt_id 
_struct_ncs_dom_lim.beg_auth_asym_id 
_struct_ncs_dom_lim.beg_auth_comp_id 
_struct_ncs_dom_lim.beg_auth_seq_id 
_struct_ncs_dom_lim.end_auth_asym_id 
_struct_ncs_dom_lim.end_auth_comp_id 
_struct_ncs_dom_lim.end_auth_seq_id 
_struct_ncs_dom_lim.pdbx_refine_code 
_struct_ncs_dom_lim.selection_details 
1 1 1 B DA 1 A B DC 14 A D DA 1 D DC 14 3 ? 
1 2 1 C DT 1 B C DG 14 B E DT 1 E DG 14 3 ? 
# 
_struct_ncs_ens.id        1 
_struct_ncs_ens.details   ? 
# 
_struct.entry_id                  3GNA 
_struct.title                     'Crystal structure of the RAG1 nonamer-binding domain with DNA' 
_struct.pdbx_model_details        ? 
_struct.pdbx_CASP_flag            ? 
_struct.pdbx_model_type_details   ? 
# 
_struct_keywords.entry_id        3GNA 
_struct_keywords.pdbx_keywords   RECOMBINATION 
_struct_keywords.text            
;vdj recombination, DNA recombination, DNA-binding, Endonuclease, Hydrolase, Metal-binding, Nuclease, Nucleus, Zinc-finger, Amino-acid biosynthesis, Isomerase, Lysine biosynthesis, RECOMBINATION
;
# 
loop_
_struct_asym.id 
_struct_asym.pdbx_blank_PDB_chainid_flag 
_struct_asym.pdbx_modified 
_struct_asym.entity_id 
_struct_asym.details 
A N N 1 ? 
B N N 2 ? 
C N N 3 ? 
D N N 4 ? 
# 
loop_
_struct_ref.id 
_struct_ref.db_name 
_struct_ref.db_code 
_struct_ref.pdbx_db_accession 
_struct_ref.entity_id 
_struct_ref.pdbx_seq_one_letter_code 
_struct_ref.pdbx_align_begin 
_struct_ref.pdbx_db_isoform 
1 UNP RAG1_MOUSE P15919 1 GGRPRQHLLSLTRRAQKHRLRELKIQVKEFADKEEGGDVKAVCLTLFLLALRARNEHRQADELEAIMQGRGSGLQP 389 ? 
2 PDB 3GNA       3GNA   2 ACTTAACAAAAACC                                                               1   ? 
3 PDB 3GNA       3GNA   3 TGGTTTTTGTTAAG                                                               1   ? 
# 
loop_
_struct_ref_seq.align_id 
_struct_ref_seq.ref_id 
_struct_ref_seq.pdbx_PDB_id_code 
_struct_ref_seq.pdbx_strand_id 
_struct_ref_seq.seq_align_beg 
_struct_ref_seq.pdbx_seq_align_beg_ins_code 
_struct_ref_seq.seq_align_end 
_struct_ref_seq.pdbx_seq_align_end_ins_code 
_struct_ref_seq.pdbx_db_accession 
_struct_ref_seq.db_align_beg 
_struct_ref_seq.pdbx_db_align_beg_ins_code 
_struct_ref_seq.db_align_end 
_struct_ref_seq.pdbx_db_align_end_ins_code 
_struct_ref_seq.pdbx_auth_seq_align_beg 
_struct_ref_seq.pdbx_auth_seq_align_end 
1 1 3GNA A 21 ? 96 ? P15919 389 ? 464 ? 389 464 
2 2 3GNA D 1  ? 14 ? 3GNA   1   ? 14  ? 1   14  
3 3 3GNA E 1  ? 14 ? 3GNA   1   ? 14  ? 1   14  
# 
loop_
_struct_ref_seq_dif.align_id 
_struct_ref_seq_dif.pdbx_pdb_id_code 
_struct_ref_seq_dif.mon_id 
_struct_ref_seq_dif.pdbx_pdb_strand_id 
_struct_ref_seq_dif.seq_num 
_struct_ref_seq_dif.pdbx_pdb_ins_code 
_struct_ref_seq_dif.pdbx_seq_db_name 
_struct_ref_seq_dif.pdbx_seq_db_accession_code 
_struct_ref_seq_dif.db_mon_id 
_struct_ref_seq_dif.pdbx_seq_db_seq_num 
_struct_ref_seq_dif.details 
_struct_ref_seq_dif.pdbx_auth_seq_num 
_struct_ref_seq_dif.pdbx_ordinal 
1 3GNA MET A 1  ? UNP P15919 ? ? 'expression tag' 369 1  
1 3GNA GLY A 2  ? UNP P15919 ? ? 'expression tag' 370 2  
1 3GNA SER A 3  ? UNP P15919 ? ? 'expression tag' 371 3  
1 3GNA SER A 4  ? UNP P15919 ? ? 'expression tag' 372 4  
1 3GNA HIS A 5  ? UNP P15919 ? ? 'expression tag' 373 5  
1 3GNA HIS A 6  ? UNP P15919 ? ? 'expression tag' 374 6  
1 3GNA HIS A 7  ? UNP P15919 ? ? 'expression tag' 375 7  
1 3GNA HIS A 8  ? UNP P15919 ? ? 'expression tag' 376 8  
1 3GNA HIS A 9  ? UNP P15919 ? ? 'expression tag' 377 9  
1 3GNA HIS A 10 ? UNP P15919 ? ? 'expression tag' 378 10 
1 3GNA SER A 11 ? UNP P15919 ? ? 'expression tag' 379 11 
1 3GNA SER A 12 ? UNP P15919 ? ? 'expression tag' 380 12 
1 3GNA GLY A 13 ? UNP P15919 ? ? 'expression tag' 381 13 
1 3GNA LEU A 14 ? UNP P15919 ? ? 'expression tag' 382 14 
1 3GNA VAL A 15 ? UNP P15919 ? ? 'expression tag' 383 15 
1 3GNA PRO A 16 ? UNP P15919 ? ? 'expression tag' 384 16 
1 3GNA GLY A 17 ? UNP P15919 ? ? 'expression tag' 385 17 
1 3GNA SER A 18 ? UNP P15919 ? ? 'expression tag' 386 18 
1 3GNA HIS A 19 ? UNP P15919 ? ? 'expression tag' 387 19 
1 3GNA MET A 20 ? UNP P15919 ? ? 'expression tag' 388 20 
# 
_pdbx_struct_assembly.id                   1 
_pdbx_struct_assembly.details              author_defined_assembly 
_pdbx_struct_assembly.method_details       ? 
_pdbx_struct_assembly.oligomeric_details   hexameric 
_pdbx_struct_assembly.oligomeric_count     6 
# 
_pdbx_struct_assembly_gen.assembly_id       1 
_pdbx_struct_assembly_gen.oper_expression   1,2 
_pdbx_struct_assembly_gen.asym_id_list      A,B,C,D 
# 
loop_
_pdbx_struct_oper_list.id 
_pdbx_struct_oper_list.type 
_pdbx_struct_oper_list.name 
_pdbx_struct_oper_list.symmetry_operation 
_pdbx_struct_oper_list.matrix[1][1] 
_pdbx_struct_oper_list.matrix[1][2] 
_pdbx_struct_oper_list.matrix[1][3] 
_pdbx_struct_oper_list.vector[1] 
_pdbx_struct_oper_list.matrix[2][1] 
_pdbx_struct_oper_list.matrix[2][2] 
_pdbx_struct_oper_list.matrix[2][3] 
_pdbx_struct_oper_list.vector[2] 
_pdbx_struct_oper_list.matrix[3][1] 
_pdbx_struct_oper_list.matrix[3][2] 
_pdbx_struct_oper_list.matrix[3][3] 
_pdbx_struct_oper_list.vector[3] 
1 'identity operation'         1_555 x,y,z  1.0000000000 0.0000000000  0.0000000000  0.0000000000 0.0000000000  1.0000000000  0.0000000000 0.0000000000 0.0000000000  0.0000000000 1.0000000000  0.0000000000 
2 'crystal symmetry operation' 7_555 y,x,-z 0.5444904529 -0.8013620147 -0.2476874404 1.4924452596 -0.8013620147 -0.5842116878 0.1285131325 1.7229503087 -0.2476874404 0.1285131325 -0.9602787651 3.7319636511 
# 
_struct_biol.id        1 
_struct_biol.details   ? 
# 
loop_
_struct_conf.conf_type_id 
_struct_conf.id 
_struct_conf.pdbx_PDB_helix_id 
_struct_conf.beg_label_comp_id 
_struct_conf.beg_label_asym_id 
_struct_conf.beg_label_seq_id 
_struct_conf.pdbx_beg_PDB_ins_code 
_struct_conf.end_label_comp_id 
_struct_conf.end_label_asym_id 
_struct_conf.end_label_seq_id 
_struct_conf.pdbx_end_PDB_ins_code 
_struct_conf.beg_auth_comp_id 
_struct_conf.beg_auth_asym_id 
_struct_conf.beg_auth_seq_id 
_struct_conf.end_auth_comp_id 
_struct_conf.end_auth_asym_id 
_struct_conf.end_auth_seq_id 
_struct_conf.pdbx_PDB_helix_class 
_struct_conf.details 
_struct_conf.pdbx_PDB_helix_length 
HELX_P HELX_P1 1 HIS A 27 ? LEU A 31 ? HIS A 395 LEU A 399 5 ? 5  
HELX_P HELX_P2 2 THR A 32 ? GLU A 55 ? THR A 400 GLU A 423 1 ? 24 
HELX_P HELX_P3 3 ASP A 58 ? ARG A 74 ? ASP A 426 ARG A 442 1 ? 17 
HELX_P HELX_P4 4 GLU A 76 ? MET A 87 ? GLU A 444 MET A 455 1 ? 12 
# 
_struct_conf_type.id          HELX_P 
_struct_conf_type.criteria    ? 
_struct_conf_type.reference   ? 
# 
loop_
_struct_conn.id 
_struct_conn.conn_type_id 
_struct_conn.pdbx_leaving_atom_flag 
_struct_conn.pdbx_PDB_id 
_struct_conn.ptnr1_label_asym_id 
_struct_conn.ptnr1_label_comp_id 
_struct_conn.ptnr1_label_seq_id 
_struct_conn.ptnr1_label_atom_id 
_struct_conn.pdbx_ptnr1_label_alt_id 
_struct_conn.pdbx_ptnr1_PDB_ins_code 
_struct_conn.pdbx_ptnr1_standard_comp_id 
_struct_conn.ptnr1_symmetry 
_struct_conn.ptnr2_label_asym_id 
_struct_conn.ptnr2_label_comp_id 
_struct_conn.ptnr2_label_seq_id 
_struct_conn.ptnr2_label_atom_id 
_struct_conn.pdbx_ptnr2_label_alt_id 
_struct_conn.pdbx_ptnr2_PDB_ins_code 
_struct_conn.ptnr1_auth_asym_id 
_struct_conn.ptnr1_auth_comp_id 
_struct_conn.ptnr1_auth_seq_id 
_struct_conn.ptnr2_auth_asym_id 
_struct_conn.ptnr2_auth_comp_id 
_struct_conn.ptnr2_auth_seq_id 
_struct_conn.ptnr2_symmetry 
_struct_conn.pdbx_ptnr3_label_atom_id 
_struct_conn.pdbx_ptnr3_label_seq_id 
_struct_conn.pdbx_ptnr3_label_comp_id 
_struct_conn.pdbx_ptnr3_label_asym_id 
_struct_conn.pdbx_ptnr3_label_alt_id 
_struct_conn.pdbx_ptnr3_PDB_ins_code 
_struct_conn.details 
_struct_conn.pdbx_dist_value 
_struct_conn.pdbx_value_order 
_struct_conn.pdbx_role 
hydrog1  hydrog ? ? B DT 4  N3 A ? ? 1_555 B DA 12 N1 A ? D DT 4  D DA 12 5_655 ? ? ? ? ? ? WATSON-CRICK ? ? ? 
hydrog2  hydrog ? ? B DT 4  O4 A ? ? 1_555 B DA 12 N6 A ? D DT 4  D DA 12 5_655 ? ? ? ? ? ? WATSON-CRICK ? ? ? 
hydrog3  hydrog ? ? B DA 5  N1 A ? ? 1_555 B DA 11 N6 A ? D DA 5  D DA 11 5_655 ? ? ? ? ? ? TYPE_1_PAIR  ? ? ? 
hydrog4  hydrog ? ? B DA 5  N6 A ? ? 1_555 B DA 11 N1 A ? D DA 5  D DA 11 5_655 ? ? ? ? ? ? TYPE_1_PAIR  ? ? ? 
hydrog5  hydrog ? ? B DA 6  N1 A ? ? 1_555 B DA 10 N6 A ? D DA 6  D DA 10 5_655 ? ? ? ? ? ? TYPE_1_PAIR  ? ? ? 
hydrog6  hydrog ? ? B DA 6  N6 A ? ? 1_555 B DA 10 N1 A ? D DA 6  D DA 10 5_655 ? ? ? ? ? ? TYPE_1_PAIR  ? ? ? 
hydrog7  hydrog ? ? B DA 8  N1 A ? ? 1_555 B DA 8  N6 A ? D DA 8  D DA 8  5_655 ? ? ? ? ? ? TYPE_1_PAIR  ? ? ? 
hydrog8  hydrog ? ? B DA 8  N6 A ? ? 1_555 B DA 8  N1 A ? D DA 8  D DA 8  5_655 ? ? ? ? ? ? TYPE_1_PAIR  ? ? ? 
hydrog9  hydrog ? ? B DA 10 N1 A ? ? 1_555 B DA 6  N6 A ? D DA 10 D DA 6  5_655 ? ? ? ? ? ? TYPE_1_PAIR  ? ? ? 
hydrog10 hydrog ? ? B DA 10 N6 A ? ? 1_555 B DA 6  N1 A ? D DA 10 D DA 6  5_655 ? ? ? ? ? ? TYPE_1_PAIR  ? ? ? 
hydrog11 hydrog ? ? B DA 11 N1 A ? ? 1_555 B DA 5  N6 A ? D DA 11 D DA 5  5_655 ? ? ? ? ? ? TYPE_1_PAIR  ? ? ? 
hydrog12 hydrog ? ? B DA 11 N6 A ? ? 1_555 B DA 5  N1 A ? D DA 11 D DA 5  5_655 ? ? ? ? ? ? TYPE_1_PAIR  ? ? ? 
hydrog13 hydrog ? ? B DA 12 N1 A ? ? 1_555 B DT 4  N3 A ? D DA 12 D DT 4  5_655 ? ? ? ? ? ? WATSON-CRICK ? ? ? 
hydrog14 hydrog ? ? B DA 12 N6 A ? ? 1_555 B DT 4  O4 A ? D DA 12 D DT 4  5_655 ? ? ? ? ? ? WATSON-CRICK ? ? ? 
# 
_struct_conn_type.id          hydrog 
_struct_conn_type.criteria    ? 
_struct_conn_type.reference   ? 
# 
loop_
_pdbx_validate_rmsd_angle.id 
_pdbx_validate_rmsd_angle.PDB_model_num 
_pdbx_validate_rmsd_angle.auth_atom_id_1 
_pdbx_validate_rmsd_angle.auth_asym_id_1 
_pdbx_validate_rmsd_angle.auth_comp_id_1 
_pdbx_validate_rmsd_angle.auth_seq_id_1 
_pdbx_validate_rmsd_angle.PDB_ins_code_1 
_pdbx_validate_rmsd_angle.label_alt_id_1 
_pdbx_validate_rmsd_angle.auth_atom_id_2 
_pdbx_validate_rmsd_angle.auth_asym_id_2 
_pdbx_validate_rmsd_angle.auth_comp_id_2 
_pdbx_validate_rmsd_angle.auth_seq_id_2 
_pdbx_validate_rmsd_angle.PDB_ins_code_2 
_pdbx_validate_rmsd_angle.label_alt_id_2 
_pdbx_validate_rmsd_angle.auth_atom_id_3 
_pdbx_validate_rmsd_angle.auth_asym_id_3 
_pdbx_validate_rmsd_angle.auth_comp_id_3 
_pdbx_validate_rmsd_angle.auth_seq_id_3 
_pdbx_validate_rmsd_angle.PDB_ins_code_3 
_pdbx_validate_rmsd_angle.label_alt_id_3 
_pdbx_validate_rmsd_angle.angle_value 
_pdbx_validate_rmsd_angle.angle_target_value 
_pdbx_validate_rmsd_angle.angle_deviation 
_pdbx_validate_rmsd_angle.angle_standard_deviation 
_pdbx_validate_rmsd_angle.linker_flag 
1  1 "O4'" D DC 2  ? A "C1'" D DC 2  ? A N1    D DC 2  ? A 110.56 108.30 2.26  0.30 N 
2  1 N1    D DA 8  ? A C2    D DA 8  ? A N3    D DA 8  ? A 126.01 129.30 -3.29 0.50 N 
3  1 C2    D DA 8  ? A N3    D DA 8  ? A C4    D DA 8  ? A 113.62 110.60 3.02  0.50 N 
4  1 "O4'" D DA 9  ? A "C1'" D DA 9  ? A N9    D DA 9  ? A 111.02 108.30 2.72  0.30 N 
5  1 "O4'" D DA 10 ? A "C1'" D DA 10 ? A N9    D DA 10 ? A 110.16 108.30 1.86  0.30 N 
6  1 "O4'" D DC 13 ? A "C4'" D DC 13 ? A "C3'" D DC 13 ? A 100.81 104.50 -3.69 0.40 N 
7  1 "O4'" D DC 13 ? A "C1'" D DC 13 ? A N1    D DC 13 ? A 112.78 108.30 4.48  0.30 N 
8  1 "O4'" D DC 14 ? A "C1'" D DC 14 ? A N1    D DC 14 ? A 111.02 108.30 2.72  0.30 N 
9  1 "O4'" E DG 3  ? B "C1'" E DG 3  ? B N9    E DG 3  ? B 110.16 108.30 1.86  0.30 N 
10 1 "O4'" E DT 4  ? B "C1'" E DT 4  ? B N1    E DT 4  ? B 110.41 108.30 2.11  0.30 N 
11 1 "O4'" E DT 10 ? B "C1'" E DT 10 ? B N1    E DT 10 ? B 111.15 108.30 2.85  0.30 N 
12 1 "O4'" E DA 13 ? B "C4'" E DA 13 ? B "C3'" E DA 13 ? B 100.72 104.50 -3.78 0.40 N 
13 1 "O4'" E DA 13 ? B "C1'" E DA 13 ? B N9    E DA 13 ? B 112.10 108.30 3.80  0.30 N 
# 
_pdbx_struct_special_symmetry.id              1 
_pdbx_struct_special_symmetry.PDB_model_num   1 
_pdbx_struct_special_symmetry.auth_asym_id    A 
_pdbx_struct_special_symmetry.auth_comp_id    HOH 
_pdbx_struct_special_symmetry.auth_seq_id     6 
_pdbx_struct_special_symmetry.PDB_ins_code    ? 
_pdbx_struct_special_symmetry.label_asym_id   D 
_pdbx_struct_special_symmetry.label_comp_id   HOH 
_pdbx_struct_special_symmetry.label_seq_id    . 
# 
loop_
_pdbx_refine_tls.id 
_pdbx_refine_tls.details 
_pdbx_refine_tls.method 
_pdbx_refine_tls.origin_x 
_pdbx_refine_tls.origin_y 
_pdbx_refine_tls.origin_z 
_pdbx_refine_tls.T[1][1] 
_pdbx_refine_tls.T[2][2] 
_pdbx_refine_tls.T[3][3] 
_pdbx_refine_tls.T[1][2] 
_pdbx_refine_tls.T[1][3] 
_pdbx_refine_tls.T[2][3] 
_pdbx_refine_tls.L[1][1] 
_pdbx_refine_tls.L[2][2] 
_pdbx_refine_tls.L[3][3] 
_pdbx_refine_tls.L[1][2] 
_pdbx_refine_tls.L[1][3] 
_pdbx_refine_tls.L[2][3] 
_pdbx_refine_tls.S[1][1] 
_pdbx_refine_tls.S[1][2] 
_pdbx_refine_tls.S[1][3] 
_pdbx_refine_tls.S[2][1] 
_pdbx_refine_tls.S[2][2] 
_pdbx_refine_tls.S[2][3] 
_pdbx_refine_tls.S[3][1] 
_pdbx_refine_tls.S[3][2] 
_pdbx_refine_tls.S[3][3] 
_pdbx_refine_tls.pdbx_refine_id 
1 ? refined -3.1784 -16.4976 -16.7752 -0.2683 0.0360  -0.3174 0.0565  0.0212  0.0106  5.6579 9.5702 7.8636 0.4493 -3.8972 0.2296  0.2052  -0.6034 -0.0569 1.1050  -0.3961 1.6065 -0.5661 -0.1320 0.1909 'X-RAY DIFFRACTION' 
2 ? refined -0.2787 -0.1497  -0.8145  -0.0999 -0.1654 -0.2932 -0.0917 -0.0414 -0.0545 3.6446 4.3753 9.4496 1.3614 0.8638  -0.3384 -0.1154 -0.1213 0.0728  -0.0142 -0.3605 0.2037 0.4690  -0.6153 0.4759 'X-RAY DIFFRACTION' 
# 
loop_
_pdbx_refine_tls_group.id 
_pdbx_refine_tls_group.refine_tls_id 
_pdbx_refine_tls_group.beg_auth_asym_id 
_pdbx_refine_tls_group.beg_auth_seq_id 
_pdbx_refine_tls_group.beg_label_asym_id 
_pdbx_refine_tls_group.beg_label_seq_id 
_pdbx_refine_tls_group.end_auth_asym_id 
_pdbx_refine_tls_group.end_auth_seq_id 
_pdbx_refine_tls_group.end_label_asym_id 
_pdbx_refine_tls_group.end_label_seq_id 
_pdbx_refine_tls_group.selection 
_pdbx_refine_tls_group.selection_details 
_pdbx_refine_tls_group.pdbx_refine_id 
1 1 D 1   ? ? D 14  ? ? ? ? 'X-RAY DIFFRACTION' 
2 1 E 1   ? ? E 14  ? ? ? ? 'X-RAY DIFFRACTION' 
3 2 A 389 ? ? A 456 ? ? ? ? 'X-RAY DIFFRACTION' 
# 
loop_
_pdbx_unobs_or_zero_occ_residues.id 
_pdbx_unobs_or_zero_occ_residues.PDB_model_num 
_pdbx_unobs_or_zero_occ_residues.polymer_flag 
_pdbx_unobs_or_zero_occ_residues.occupancy_flag 
_pdbx_unobs_or_zero_occ_residues.auth_asym_id 
_pdbx_unobs_or_zero_occ_residues.auth_comp_id 
_pdbx_unobs_or_zero_occ_residues.auth_seq_id 
_pdbx_unobs_or_zero_occ_residues.PDB_ins_code 
_pdbx_unobs_or_zero_occ_residues.label_asym_id 
_pdbx_unobs_or_zero_occ_residues.label_comp_id 
_pdbx_unobs_or_zero_occ_residues.label_seq_id 
1  1 Y 1 A MET 369 ? A MET 1  
2  1 Y 1 A GLY 370 ? A GLY 2  
3  1 Y 1 A SER 371 ? A SER 3  
4  1 Y 1 A SER 372 ? A SER 4  
5  1 Y 1 A HIS 373 ? A HIS 5  
6  1 Y 1 A HIS 374 ? A HIS 6  
7  1 Y 1 A HIS 375 ? A HIS 7  
8  1 Y 1 A HIS 376 ? A HIS 8  
9  1 Y 1 A HIS 377 ? A HIS 9  
10 1 Y 1 A HIS 378 ? A HIS 10 
11 1 Y 1 A SER 379 ? A SER 11 
12 1 Y 1 A SER 380 ? A SER 12 
13 1 Y 1 A GLY 381 ? A GLY 13 
14 1 Y 1 A LEU 382 ? A LEU 14 
15 1 Y 1 A VAL 383 ? A VAL 15 
16 1 Y 1 A PRO 384 ? A PRO 16 
17 1 Y 1 A GLY 385 ? A GLY 17 
18 1 Y 1 A SER 386 ? A SER 18 
19 1 Y 1 A HIS 387 ? A HIS 19 
20 1 Y 1 A MET 388 ? A MET 20 
21 1 Y 1 A GLY 457 ? A GLY 89 
22 1 Y 1 A ARG 458 ? A ARG 90 
23 1 Y 1 A GLY 459 ? A GLY 91 
24 1 Y 1 A SER 460 ? A SER 92 
25 1 Y 1 A GLY 461 ? A GLY 93 
26 1 Y 1 A LEU 462 ? A LEU 94 
27 1 Y 1 A GLN 463 ? A GLN 95 
28 1 Y 1 A PRO 464 ? A PRO 96 
# 
loop_
_chem_comp_atom.comp_id 
_chem_comp_atom.atom_id 
_chem_comp_atom.type_symbol 
_chem_comp_atom.pdbx_aromatic_flag 
_chem_comp_atom.pdbx_stereo_config 
_chem_comp_atom.pdbx_ordinal 
ALA N      N N N 1   
ALA CA     C N S 2   
ALA C      C N N 3   
ALA O      O N N 4   
ALA CB     C N N 5   
ALA OXT    O N N 6   
ALA H      H N N 7   
ALA H2     H N N 8   
ALA HA     H N N 9   
ALA HB1    H N N 10  
ALA HB2    H N N 11  
ALA HB3    H N N 12  
ALA HXT    H N N 13  
ARG N      N N N 14  
ARG CA     C N S 15  
ARG C      C N N 16  
ARG O      O N N 17  
ARG CB     C N N 18  
ARG CG     C N N 19  
ARG CD     C N N 20  
ARG NE     N N N 21  
ARG CZ     C N N 22  
ARG NH1    N N N 23  
ARG NH2    N N N 24  
ARG OXT    O N N 25  
ARG H      H N N 26  
ARG H2     H N N 27  
ARG HA     H N N 28  
ARG HB2    H N N 29  
ARG HB3    H N N 30  
ARG HG2    H N N 31  
ARG HG3    H N N 32  
ARG HD2    H N N 33  
ARG HD3    H N N 34  
ARG HE     H N N 35  
ARG HH11   H N N 36  
ARG HH12   H N N 37  
ARG HH21   H N N 38  
ARG HH22   H N N 39  
ARG HXT    H N N 40  
ASN N      N N N 41  
ASN CA     C N S 42  
ASN C      C N N 43  
ASN O      O N N 44  
ASN CB     C N N 45  
ASN CG     C N N 46  
ASN OD1    O N N 47  
ASN ND2    N N N 48  
ASN OXT    O N N 49  
ASN H      H N N 50  
ASN H2     H N N 51  
ASN HA     H N N 52  
ASN HB2    H N N 53  
ASN HB3    H N N 54  
ASN HD21   H N N 55  
ASN HD22   H N N 56  
ASN HXT    H N N 57  
ASP N      N N N 58  
ASP CA     C N S 59  
ASP C      C N N 60  
ASP O      O N N 61  
ASP CB     C N N 62  
ASP CG     C N N 63  
ASP OD1    O N N 64  
ASP OD2    O N N 65  
ASP OXT    O N N 66  
ASP H      H N N 67  
ASP H2     H N N 68  
ASP HA     H N N 69  
ASP HB2    H N N 70  
ASP HB3    H N N 71  
ASP HD2    H N N 72  
ASP HXT    H N N 73  
CYS N      N N N 74  
CYS CA     C N R 75  
CYS C      C N N 76  
CYS O      O N N 77  
CYS CB     C N N 78  
CYS SG     S N N 79  
CYS OXT    O N N 80  
CYS H      H N N 81  
CYS H2     H N N 82  
CYS HA     H N N 83  
CYS HB2    H N N 84  
CYS HB3    H N N 85  
CYS HG     H N N 86  
CYS HXT    H N N 87  
DA  OP3    O N N 88  
DA  P      P N N 89  
DA  OP1    O N N 90  
DA  OP2    O N N 91  
DA  "O5'"  O N N 92  
DA  "C5'"  C N N 93  
DA  "C4'"  C N R 94  
DA  "O4'"  O N N 95  
DA  "C3'"  C N S 96  
DA  "O3'"  O N N 97  
DA  "C2'"  C N N 98  
DA  "C1'"  C N R 99  
DA  N9     N Y N 100 
DA  C8     C Y N 101 
DA  N7     N Y N 102 
DA  C5     C Y N 103 
DA  C6     C Y N 104 
DA  N6     N N N 105 
DA  N1     N Y N 106 
DA  C2     C Y N 107 
DA  N3     N Y N 108 
DA  C4     C Y N 109 
DA  HOP3   H N N 110 
DA  HOP2   H N N 111 
DA  "H5'"  H N N 112 
DA  "H5''" H N N 113 
DA  "H4'"  H N N 114 
DA  "H3'"  H N N 115 
DA  "HO3'" H N N 116 
DA  "H2'"  H N N 117 
DA  "H2''" H N N 118 
DA  "H1'"  H N N 119 
DA  H8     H N N 120 
DA  H61    H N N 121 
DA  H62    H N N 122 
DA  H2     H N N 123 
DC  OP3    O N N 124 
DC  P      P N N 125 
DC  OP1    O N N 126 
DC  OP2    O N N 127 
DC  "O5'"  O N N 128 
DC  "C5'"  C N N 129 
DC  "C4'"  C N R 130 
DC  "O4'"  O N N 131 
DC  "C3'"  C N S 132 
DC  "O3'"  O N N 133 
DC  "C2'"  C N N 134 
DC  "C1'"  C N R 135 
DC  N1     N N N 136 
DC  C2     C N N 137 
DC  O2     O N N 138 
DC  N3     N N N 139 
DC  C4     C N N 140 
DC  N4     N N N 141 
DC  C5     C N N 142 
DC  C6     C N N 143 
DC  HOP3   H N N 144 
DC  HOP2   H N N 145 
DC  "H5'"  H N N 146 
DC  "H5''" H N N 147 
DC  "H4'"  H N N 148 
DC  "H3'"  H N N 149 
DC  "HO3'" H N N 150 
DC  "H2'"  H N N 151 
DC  "H2''" H N N 152 
DC  "H1'"  H N N 153 
DC  H41    H N N 154 
DC  H42    H N N 155 
DC  H5     H N N 156 
DC  H6     H N N 157 
DG  OP3    O N N 158 
DG  P      P N N 159 
DG  OP1    O N N 160 
DG  OP2    O N N 161 
DG  "O5'"  O N N 162 
DG  "C5'"  C N N 163 
DG  "C4'"  C N R 164 
DG  "O4'"  O N N 165 
DG  "C3'"  C N S 166 
DG  "O3'"  O N N 167 
DG  "C2'"  C N N 168 
DG  "C1'"  C N R 169 
DG  N9     N Y N 170 
DG  C8     C Y N 171 
DG  N7     N Y N 172 
DG  C5     C Y N 173 
DG  C6     C N N 174 
DG  O6     O N N 175 
DG  N1     N N N 176 
DG  C2     C N N 177 
DG  N2     N N N 178 
DG  N3     N N N 179 
DG  C4     C Y N 180 
DG  HOP3   H N N 181 
DG  HOP2   H N N 182 
DG  "H5'"  H N N 183 
DG  "H5''" H N N 184 
DG  "H4'"  H N N 185 
DG  "H3'"  H N N 186 
DG  "HO3'" H N N 187 
DG  "H2'"  H N N 188 
DG  "H2''" H N N 189 
DG  "H1'"  H N N 190 
DG  H8     H N N 191 
DG  H1     H N N 192 
DG  H21    H N N 193 
DG  H22    H N N 194 
DT  OP3    O N N 195 
DT  P      P N N 196 
DT  OP1    O N N 197 
DT  OP2    O N N 198 
DT  "O5'"  O N N 199 
DT  "C5'"  C N N 200 
DT  "C4'"  C N R 201 
DT  "O4'"  O N N 202 
DT  "C3'"  C N S 203 
DT  "O3'"  O N N 204 
DT  "C2'"  C N N 205 
DT  "C1'"  C N R 206 
DT  N1     N N N 207 
DT  C2     C N N 208 
DT  O2     O N N 209 
DT  N3     N N N 210 
DT  C4     C N N 211 
DT  O4     O N N 212 
DT  C5     C N N 213 
DT  C7     C N N 214 
DT  C6     C N N 215 
DT  HOP3   H N N 216 
DT  HOP2   H N N 217 
DT  "H5'"  H N N 218 
DT  "H5''" H N N 219 
DT  "H4'"  H N N 220 
DT  "H3'"  H N N 221 
DT  "HO3'" H N N 222 
DT  "H2'"  H N N 223 
DT  "H2''" H N N 224 
DT  "H1'"  H N N 225 
DT  H3     H N N 226 
DT  H71    H N N 227 
DT  H72    H N N 228 
DT  H73    H N N 229 
DT  H6     H N N 230 
GLN N      N N N 231 
GLN CA     C N S 232 
GLN C      C N N 233 
GLN O      O N N 234 
GLN CB     C N N 235 
GLN CG     C N N 236 
GLN CD     C N N 237 
GLN OE1    O N N 238 
GLN NE2    N N N 239 
GLN OXT    O N N 240 
GLN H      H N N 241 
GLN H2     H N N 242 
GLN HA     H N N 243 
GLN HB2    H N N 244 
GLN HB3    H N N 245 
GLN HG2    H N N 246 
GLN HG3    H N N 247 
GLN HE21   H N N 248 
GLN HE22   H N N 249 
GLN HXT    H N N 250 
GLU N      N N N 251 
GLU CA     C N S 252 
GLU C      C N N 253 
GLU O      O N N 254 
GLU CB     C N N 255 
GLU CG     C N N 256 
GLU CD     C N N 257 
GLU OE1    O N N 258 
GLU OE2    O N N 259 
GLU OXT    O N N 260 
GLU H      H N N 261 
GLU H2     H N N 262 
GLU HA     H N N 263 
GLU HB2    H N N 264 
GLU HB3    H N N 265 
GLU HG2    H N N 266 
GLU HG3    H N N 267 
GLU HE2    H N N 268 
GLU HXT    H N N 269 
GLY N      N N N 270 
GLY CA     C N N 271 
GLY C      C N N 272 
GLY O      O N N 273 
GLY OXT    O N N 274 
GLY H      H N N 275 
GLY H2     H N N 276 
GLY HA2    H N N 277 
GLY HA3    H N N 278 
GLY HXT    H N N 279 
HIS N      N N N 280 
HIS CA     C N S 281 
HIS C      C N N 282 
HIS O      O N N 283 
HIS CB     C N N 284 
HIS CG     C Y N 285 
HIS ND1    N Y N 286 
HIS CD2    C Y N 287 
HIS CE1    C Y N 288 
HIS NE2    N Y N 289 
HIS OXT    O N N 290 
HIS H      H N N 291 
HIS H2     H N N 292 
HIS HA     H N N 293 
HIS HB2    H N N 294 
HIS HB3    H N N 295 
HIS HD1    H N N 296 
HIS HD2    H N N 297 
HIS HE1    H N N 298 
HIS HE2    H N N 299 
HIS HXT    H N N 300 
HOH O      O N N 301 
HOH H1     H N N 302 
HOH H2     H N N 303 
ILE N      N N N 304 
ILE CA     C N S 305 
ILE C      C N N 306 
ILE O      O N N 307 
ILE CB     C N S 308 
ILE CG1    C N N 309 
ILE CG2    C N N 310 
ILE CD1    C N N 311 
ILE OXT    O N N 312 
ILE H      H N N 313 
ILE H2     H N N 314 
ILE HA     H N N 315 
ILE HB     H N N 316 
ILE HG12   H N N 317 
ILE HG13   H N N 318 
ILE HG21   H N N 319 
ILE HG22   H N N 320 
ILE HG23   H N N 321 
ILE HD11   H N N 322 
ILE HD12   H N N 323 
ILE HD13   H N N 324 
ILE HXT    H N N 325 
LEU N      N N N 326 
LEU CA     C N S 327 
LEU C      C N N 328 
LEU O      O N N 329 
LEU CB     C N N 330 
LEU CG     C N N 331 
LEU CD1    C N N 332 
LEU CD2    C N N 333 
LEU OXT    O N N 334 
LEU H      H N N 335 
LEU H2     H N N 336 
LEU HA     H N N 337 
LEU HB2    H N N 338 
LEU HB3    H N N 339 
LEU HG     H N N 340 
LEU HD11   H N N 341 
LEU HD12   H N N 342 
LEU HD13   H N N 343 
LEU HD21   H N N 344 
LEU HD22   H N N 345 
LEU HD23   H N N 346 
LEU HXT    H N N 347 
LYS N      N N N 348 
LYS CA     C N S 349 
LYS C      C N N 350 
LYS O      O N N 351 
LYS CB     C N N 352 
LYS CG     C N N 353 
LYS CD     C N N 354 
LYS CE     C N N 355 
LYS NZ     N N N 356 
LYS OXT    O N N 357 
LYS H      H N N 358 
LYS H2     H N N 359 
LYS HA     H N N 360 
LYS HB2    H N N 361 
LYS HB3    H N N 362 
LYS HG2    H N N 363 
LYS HG3    H N N 364 
LYS HD2    H N N 365 
LYS HD3    H N N 366 
LYS HE2    H N N 367 
LYS HE3    H N N 368 
LYS HZ1    H N N 369 
LYS HZ2    H N N 370 
LYS HZ3    H N N 371 
LYS HXT    H N N 372 
MET N      N N N 373 
MET CA     C N S 374 
MET C      C N N 375 
MET O      O N N 376 
MET CB     C N N 377 
MET CG     C N N 378 
MET SD     S N N 379 
MET CE     C N N 380 
MET OXT    O N N 381 
MET H      H N N 382 
MET H2     H N N 383 
MET HA     H N N 384 
MET HB2    H N N 385 
MET HB3    H N N 386 
MET HG2    H N N 387 
MET HG3    H N N 388 
MET HE1    H N N 389 
MET HE2    H N N 390 
MET HE3    H N N 391 
MET HXT    H N N 392 
PHE N      N N N 393 
PHE CA     C N S 394 
PHE C      C N N 395 
PHE O      O N N 396 
PHE CB     C N N 397 
PHE CG     C Y N 398 
PHE CD1    C Y N 399 
PHE CD2    C Y N 400 
PHE CE1    C Y N 401 
PHE CE2    C Y N 402 
PHE CZ     C Y N 403 
PHE OXT    O N N 404 
PHE H      H N N 405 
PHE H2     H N N 406 
PHE HA     H N N 407 
PHE HB2    H N N 408 
PHE HB3    H N N 409 
PHE HD1    H N N 410 
PHE HD2    H N N 411 
PHE HE1    H N N 412 
PHE HE2    H N N 413 
PHE HZ     H N N 414 
PHE HXT    H N N 415 
PRO N      N N N 416 
PRO CA     C N S 417 
PRO C      C N N 418 
PRO O      O N N 419 
PRO CB     C N N 420 
PRO CG     C N N 421 
PRO CD     C N N 422 
PRO OXT    O N N 423 
PRO H      H N N 424 
PRO HA     H N N 425 
PRO HB2    H N N 426 
PRO HB3    H N N 427 
PRO HG2    H N N 428 
PRO HG3    H N N 429 
PRO HD2    H N N 430 
PRO HD3    H N N 431 
PRO HXT    H N N 432 
SER N      N N N 433 
SER CA     C N S 434 
SER C      C N N 435 
SER O      O N N 436 
SER CB     C N N 437 
SER OG     O N N 438 
SER OXT    O N N 439 
SER H      H N N 440 
SER H2     H N N 441 
SER HA     H N N 442 
SER HB2    H N N 443 
SER HB3    H N N 444 
SER HG     H N N 445 
SER HXT    H N N 446 
THR N      N N N 447 
THR CA     C N S 448 
THR C      C N N 449 
THR O      O N N 450 
THR CB     C N R 451 
THR OG1    O N N 452 
THR CG2    C N N 453 
THR OXT    O N N 454 
THR H      H N N 455 
THR H2     H N N 456 
THR HA     H N N 457 
THR HB     H N N 458 
THR HG1    H N N 459 
THR HG21   H N N 460 
THR HG22   H N N 461 
THR HG23   H N N 462 
THR HXT    H N N 463 
VAL N      N N N 464 
VAL CA     C N S 465 
VAL C      C N N 466 
VAL O      O N N 467 
VAL CB     C N N 468 
VAL CG1    C N N 469 
VAL CG2    C N N 470 
VAL OXT    O N N 471 
VAL H      H N N 472 
VAL H2     H N N 473 
VAL HA     H N N 474 
VAL HB     H N N 475 
VAL HG11   H N N 476 
VAL HG12   H N N 477 
VAL HG13   H N N 478 
VAL HG21   H N N 479 
VAL HG22   H N N 480 
VAL HG23   H N N 481 
VAL HXT    H N N 482 
# 
loop_
_chem_comp_bond.comp_id 
_chem_comp_bond.atom_id_1 
_chem_comp_bond.atom_id_2 
_chem_comp_bond.value_order 
_chem_comp_bond.pdbx_aromatic_flag 
_chem_comp_bond.pdbx_stereo_config 
_chem_comp_bond.pdbx_ordinal 
ALA N     CA     sing N N 1   
ALA N     H      sing N N 2   
ALA N     H2     sing N N 3   
ALA CA    C      sing N N 4   
ALA CA    CB     sing N N 5   
ALA CA    HA     sing N N 6   
ALA C     O      doub N N 7   
ALA C     OXT    sing N N 8   
ALA CB    HB1    sing N N 9   
ALA CB    HB2    sing N N 10  
ALA CB    HB3    sing N N 11  
ALA OXT   HXT    sing N N 12  
ARG N     CA     sing N N 13  
ARG N     H      sing N N 14  
ARG N     H2     sing N N 15  
ARG CA    C      sing N N 16  
ARG CA    CB     sing N N 17  
ARG CA    HA     sing N N 18  
ARG C     O      doub N N 19  
ARG C     OXT    sing N N 20  
ARG CB    CG     sing N N 21  
ARG CB    HB2    sing N N 22  
ARG CB    HB3    sing N N 23  
ARG CG    CD     sing N N 24  
ARG CG    HG2    sing N N 25  
ARG CG    HG3    sing N N 26  
ARG CD    NE     sing N N 27  
ARG CD    HD2    sing N N 28  
ARG CD    HD3    sing N N 29  
ARG NE    CZ     sing N N 30  
ARG NE    HE     sing N N 31  
ARG CZ    NH1    sing N N 32  
ARG CZ    NH2    doub N N 33  
ARG NH1   HH11   sing N N 34  
ARG NH1   HH12   sing N N 35  
ARG NH2   HH21   sing N N 36  
ARG NH2   HH22   sing N N 37  
ARG OXT   HXT    sing N N 38  
ASN N     CA     sing N N 39  
ASN N     H      sing N N 40  
ASN N     H2     sing N N 41  
ASN CA    C      sing N N 42  
ASN CA    CB     sing N N 43  
ASN CA    HA     sing N N 44  
ASN C     O      doub N N 45  
ASN C     OXT    sing N N 46  
ASN CB    CG     sing N N 47  
ASN CB    HB2    sing N N 48  
ASN CB    HB3    sing N N 49  
ASN CG    OD1    doub N N 50  
ASN CG    ND2    sing N N 51  
ASN ND2   HD21   sing N N 52  
ASN ND2   HD22   sing N N 53  
ASN OXT   HXT    sing N N 54  
ASP N     CA     sing N N 55  
ASP N     H      sing N N 56  
ASP N     H2     sing N N 57  
ASP CA    C      sing N N 58  
ASP CA    CB     sing N N 59  
ASP CA    HA     sing N N 60  
ASP C     O      doub N N 61  
ASP C     OXT    sing N N 62  
ASP CB    CG     sing N N 63  
ASP CB    HB2    sing N N 64  
ASP CB    HB3    sing N N 65  
ASP CG    OD1    doub N N 66  
ASP CG    OD2    sing N N 67  
ASP OD2   HD2    sing N N 68  
ASP OXT   HXT    sing N N 69  
CYS N     CA     sing N N 70  
CYS N     H      sing N N 71  
CYS N     H2     sing N N 72  
CYS CA    C      sing N N 73  
CYS CA    CB     sing N N 74  
CYS CA    HA     sing N N 75  
CYS C     O      doub N N 76  
CYS C     OXT    sing N N 77  
CYS CB    SG     sing N N 78  
CYS CB    HB2    sing N N 79  
CYS CB    HB3    sing N N 80  
CYS SG    HG     sing N N 81  
CYS OXT   HXT    sing N N 82  
DA  OP3   P      sing N N 83  
DA  OP3   HOP3   sing N N 84  
DA  P     OP1    doub N N 85  
DA  P     OP2    sing N N 86  
DA  P     "O5'"  sing N N 87  
DA  OP2   HOP2   sing N N 88  
DA  "O5'" "C5'"  sing N N 89  
DA  "C5'" "C4'"  sing N N 90  
DA  "C5'" "H5'"  sing N N 91  
DA  "C5'" "H5''" sing N N 92  
DA  "C4'" "O4'"  sing N N 93  
DA  "C4'" "C3'"  sing N N 94  
DA  "C4'" "H4'"  sing N N 95  
DA  "O4'" "C1'"  sing N N 96  
DA  "C3'" "O3'"  sing N N 97  
DA  "C3'" "C2'"  sing N N 98  
DA  "C3'" "H3'"  sing N N 99  
DA  "O3'" "HO3'" sing N N 100 
DA  "C2'" "C1'"  sing N N 101 
DA  "C2'" "H2'"  sing N N 102 
DA  "C2'" "H2''" sing N N 103 
DA  "C1'" N9     sing N N 104 
DA  "C1'" "H1'"  sing N N 105 
DA  N9    C8     sing Y N 106 
DA  N9    C4     sing Y N 107 
DA  C8    N7     doub Y N 108 
DA  C8    H8     sing N N 109 
DA  N7    C5     sing Y N 110 
DA  C5    C6     sing Y N 111 
DA  C5    C4     doub Y N 112 
DA  C6    N6     sing N N 113 
DA  C6    N1     doub Y N 114 
DA  N6    H61    sing N N 115 
DA  N6    H62    sing N N 116 
DA  N1    C2     sing Y N 117 
DA  C2    N3     doub Y N 118 
DA  C2    H2     sing N N 119 
DA  N3    C4     sing Y N 120 
DC  OP3   P      sing N N 121 
DC  OP3   HOP3   sing N N 122 
DC  P     OP1    doub N N 123 
DC  P     OP2    sing N N 124 
DC  P     "O5'"  sing N N 125 
DC  OP2   HOP2   sing N N 126 
DC  "O5'" "C5'"  sing N N 127 
DC  "C5'" "C4'"  sing N N 128 
DC  "C5'" "H5'"  sing N N 129 
DC  "C5'" "H5''" sing N N 130 
DC  "C4'" "O4'"  sing N N 131 
DC  "C4'" "C3'"  sing N N 132 
DC  "C4'" "H4'"  sing N N 133 
DC  "O4'" "C1'"  sing N N 134 
DC  "C3'" "O3'"  sing N N 135 
DC  "C3'" "C2'"  sing N N 136 
DC  "C3'" "H3'"  sing N N 137 
DC  "O3'" "HO3'" sing N N 138 
DC  "C2'" "C1'"  sing N N 139 
DC  "C2'" "H2'"  sing N N 140 
DC  "C2'" "H2''" sing N N 141 
DC  "C1'" N1     sing N N 142 
DC  "C1'" "H1'"  sing N N 143 
DC  N1    C2     sing N N 144 
DC  N1    C6     sing N N 145 
DC  C2    O2     doub N N 146 
DC  C2    N3     sing N N 147 
DC  N3    C4     doub N N 148 
DC  C4    N4     sing N N 149 
DC  C4    C5     sing N N 150 
DC  N4    H41    sing N N 151 
DC  N4    H42    sing N N 152 
DC  C5    C6     doub N N 153 
DC  C5    H5     sing N N 154 
DC  C6    H6     sing N N 155 
DG  OP3   P      sing N N 156 
DG  OP3   HOP3   sing N N 157 
DG  P     OP1    doub N N 158 
DG  P     OP2    sing N N 159 
DG  P     "O5'"  sing N N 160 
DG  OP2   HOP2   sing N N 161 
DG  "O5'" "C5'"  sing N N 162 
DG  "C5'" "C4'"  sing N N 163 
DG  "C5'" "H5'"  sing N N 164 
DG  "C5'" "H5''" sing N N 165 
DG  "C4'" "O4'"  sing N N 166 
DG  "C4'" "C3'"  sing N N 167 
DG  "C4'" "H4'"  sing N N 168 
DG  "O4'" "C1'"  sing N N 169 
DG  "C3'" "O3'"  sing N N 170 
DG  "C3'" "C2'"  sing N N 171 
DG  "C3'" "H3'"  sing N N 172 
DG  "O3'" "HO3'" sing N N 173 
DG  "C2'" "C1'"  sing N N 174 
DG  "C2'" "H2'"  sing N N 175 
DG  "C2'" "H2''" sing N N 176 
DG  "C1'" N9     sing N N 177 
DG  "C1'" "H1'"  sing N N 178 
DG  N9    C8     sing Y N 179 
DG  N9    C4     sing Y N 180 
DG  C8    N7     doub Y N 181 
DG  C8    H8     sing N N 182 
DG  N7    C5     sing Y N 183 
DG  C5    C6     sing N N 184 
DG  C5    C4     doub Y N 185 
DG  C6    O6     doub N N 186 
DG  C6    N1     sing N N 187 
DG  N1    C2     sing N N 188 
DG  N1    H1     sing N N 189 
DG  C2    N2     sing N N 190 
DG  C2    N3     doub N N 191 
DG  N2    H21    sing N N 192 
DG  N2    H22    sing N N 193 
DG  N3    C4     sing N N 194 
DT  OP3   P      sing N N 195 
DT  OP3   HOP3   sing N N 196 
DT  P     OP1    doub N N 197 
DT  P     OP2    sing N N 198 
DT  P     "O5'"  sing N N 199 
DT  OP2   HOP2   sing N N 200 
DT  "O5'" "C5'"  sing N N 201 
DT  "C5'" "C4'"  sing N N 202 
DT  "C5'" "H5'"  sing N N 203 
DT  "C5'" "H5''" sing N N 204 
DT  "C4'" "O4'"  sing N N 205 
DT  "C4'" "C3'"  sing N N 206 
DT  "C4'" "H4'"  sing N N 207 
DT  "O4'" "C1'"  sing N N 208 
DT  "C3'" "O3'"  sing N N 209 
DT  "C3'" "C2'"  sing N N 210 
DT  "C3'" "H3'"  sing N N 211 
DT  "O3'" "HO3'" sing N N 212 
DT  "C2'" "C1'"  sing N N 213 
DT  "C2'" "H2'"  sing N N 214 
DT  "C2'" "H2''" sing N N 215 
DT  "C1'" N1     sing N N 216 
DT  "C1'" "H1'"  sing N N 217 
DT  N1    C2     sing N N 218 
DT  N1    C6     sing N N 219 
DT  C2    O2     doub N N 220 
DT  C2    N3     sing N N 221 
DT  N3    C4     sing N N 222 
DT  N3    H3     sing N N 223 
DT  C4    O4     doub N N 224 
DT  C4    C5     sing N N 225 
DT  C5    C7     sing N N 226 
DT  C5    C6     doub N N 227 
DT  C7    H71    sing N N 228 
DT  C7    H72    sing N N 229 
DT  C7    H73    sing N N 230 
DT  C6    H6     sing N N 231 
GLN N     CA     sing N N 232 
GLN N     H      sing N N 233 
GLN N     H2     sing N N 234 
GLN CA    C      sing N N 235 
GLN CA    CB     sing N N 236 
GLN CA    HA     sing N N 237 
GLN C     O      doub N N 238 
GLN C     OXT    sing N N 239 
GLN CB    CG     sing N N 240 
GLN CB    HB2    sing N N 241 
GLN CB    HB3    sing N N 242 
GLN CG    CD     sing N N 243 
GLN CG    HG2    sing N N 244 
GLN CG    HG3    sing N N 245 
GLN CD    OE1    doub N N 246 
GLN CD    NE2    sing N N 247 
GLN NE2   HE21   sing N N 248 
GLN NE2   HE22   sing N N 249 
GLN OXT   HXT    sing N N 250 
GLU N     CA     sing N N 251 
GLU N     H      sing N N 252 
GLU N     H2     sing N N 253 
GLU CA    C      sing N N 254 
GLU CA    CB     sing N N 255 
GLU CA    HA     sing N N 256 
GLU C     O      doub N N 257 
GLU C     OXT    sing N N 258 
GLU CB    CG     sing N N 259 
GLU CB    HB2    sing N N 260 
GLU CB    HB3    sing N N 261 
GLU CG    CD     sing N N 262 
GLU CG    HG2    sing N N 263 
GLU CG    HG3    sing N N 264 
GLU CD    OE1    doub N N 265 
GLU CD    OE2    sing N N 266 
GLU OE2   HE2    sing N N 267 
GLU OXT   HXT    sing N N 268 
GLY N     CA     sing N N 269 
GLY N     H      sing N N 270 
GLY N     H2     sing N N 271 
GLY CA    C      sing N N 272 
GLY CA    HA2    sing N N 273 
GLY CA    HA3    sing N N 274 
GLY C     O      doub N N 275 
GLY C     OXT    sing N N 276 
GLY OXT   HXT    sing N N 277 
HIS N     CA     sing N N 278 
HIS N     H      sing N N 279 
HIS N     H2     sing N N 280 
HIS CA    C      sing N N 281 
HIS CA    CB     sing N N 282 
HIS CA    HA     sing N N 283 
HIS C     O      doub N N 284 
HIS C     OXT    sing N N 285 
HIS CB    CG     sing N N 286 
HIS CB    HB2    sing N N 287 
HIS CB    HB3    sing N N 288 
HIS CG    ND1    sing Y N 289 
HIS CG    CD2    doub Y N 290 
HIS ND1   CE1    doub Y N 291 
HIS ND1   HD1    sing N N 292 
HIS CD2   NE2    sing Y N 293 
HIS CD2   HD2    sing N N 294 
HIS CE1   NE2    sing Y N 295 
HIS CE1   HE1    sing N N 296 
HIS NE2   HE2    sing N N 297 
HIS OXT   HXT    sing N N 298 
HOH O     H1     sing N N 299 
HOH O     H2     sing N N 300 
ILE N     CA     sing N N 301 
ILE N     H      sing N N 302 
ILE N     H2     sing N N 303 
ILE CA    C      sing N N 304 
ILE CA    CB     sing N N 305 
ILE CA    HA     sing N N 306 
ILE C     O      doub N N 307 
ILE C     OXT    sing N N 308 
ILE CB    CG1    sing N N 309 
ILE CB    CG2    sing N N 310 
ILE CB    HB     sing N N 311 
ILE CG1   CD1    sing N N 312 
ILE CG1   HG12   sing N N 313 
ILE CG1   HG13   sing N N 314 
ILE CG2   HG21   sing N N 315 
ILE CG2   HG22   sing N N 316 
ILE CG2   HG23   sing N N 317 
ILE CD1   HD11   sing N N 318 
ILE CD1   HD12   sing N N 319 
ILE CD1   HD13   sing N N 320 
ILE OXT   HXT    sing N N 321 
LEU N     CA     sing N N 322 
LEU N     H      sing N N 323 
LEU N     H2     sing N N 324 
LEU CA    C      sing N N 325 
LEU CA    CB     sing N N 326 
LEU CA    HA     sing N N 327 
LEU C     O      doub N N 328 
LEU C     OXT    sing N N 329 
LEU CB    CG     sing N N 330 
LEU CB    HB2    sing N N 331 
LEU CB    HB3    sing N N 332 
LEU CG    CD1    sing N N 333 
LEU CG    CD2    sing N N 334 
LEU CG    HG     sing N N 335 
LEU CD1   HD11   sing N N 336 
LEU CD1   HD12   sing N N 337 
LEU CD1   HD13   sing N N 338 
LEU CD2   HD21   sing N N 339 
LEU CD2   HD22   sing N N 340 
LEU CD2   HD23   sing N N 341 
LEU OXT   HXT    sing N N 342 
LYS N     CA     sing N N 343 
LYS N     H      sing N N 344 
LYS N     H2     sing N N 345 
LYS CA    C      sing N N 346 
LYS CA    CB     sing N N 347 
LYS CA    HA     sing N N 348 
LYS C     O      doub N N 349 
LYS C     OXT    sing N N 350 
LYS CB    CG     sing N N 351 
LYS CB    HB2    sing N N 352 
LYS CB    HB3    sing N N 353 
LYS CG    CD     sing N N 354 
LYS CG    HG2    sing N N 355 
LYS CG    HG3    sing N N 356 
LYS CD    CE     sing N N 357 
LYS CD    HD2    sing N N 358 
LYS CD    HD3    sing N N 359 
LYS CE    NZ     sing N N 360 
LYS CE    HE2    sing N N 361 
LYS CE    HE3    sing N N 362 
LYS NZ    HZ1    sing N N 363 
LYS NZ    HZ2    sing N N 364 
LYS NZ    HZ3    sing N N 365 
LYS OXT   HXT    sing N N 366 
MET N     CA     sing N N 367 
MET N     H      sing N N 368 
MET N     H2     sing N N 369 
MET CA    C      sing N N 370 
MET CA    CB     sing N N 371 
MET CA    HA     sing N N 372 
MET C     O      doub N N 373 
MET C     OXT    sing N N 374 
MET CB    CG     sing N N 375 
MET CB    HB2    sing N N 376 
MET CB    HB3    sing N N 377 
MET CG    SD     sing N N 378 
MET CG    HG2    sing N N 379 
MET CG    HG3    sing N N 380 
MET SD    CE     sing N N 381 
MET CE    HE1    sing N N 382 
MET CE    HE2    sing N N 383 
MET CE    HE3    sing N N 384 
MET OXT   HXT    sing N N 385 
PHE N     CA     sing N N 386 
PHE N     H      sing N N 387 
PHE N     H2     sing N N 388 
PHE CA    C      sing N N 389 
PHE CA    CB     sing N N 390 
PHE CA    HA     sing N N 391 
PHE C     O      doub N N 392 
PHE C     OXT    sing N N 393 
PHE CB    CG     sing N N 394 
PHE CB    HB2    sing N N 395 
PHE CB    HB3    sing N N 396 
PHE CG    CD1    doub Y N 397 
PHE CG    CD2    sing Y N 398 
PHE CD1   CE1    sing Y N 399 
PHE CD1   HD1    sing N N 400 
PHE CD2   CE2    doub Y N 401 
PHE CD2   HD2    sing N N 402 
PHE CE1   CZ     doub Y N 403 
PHE CE1   HE1    sing N N 404 
PHE CE2   CZ     sing Y N 405 
PHE CE2   HE2    sing N N 406 
PHE CZ    HZ     sing N N 407 
PHE OXT   HXT    sing N N 408 
PRO N     CA     sing N N 409 
PRO N     CD     sing N N 410 
PRO N     H      sing N N 411 
PRO CA    C      sing N N 412 
PRO CA    CB     sing N N 413 
PRO CA    HA     sing N N 414 
PRO C     O      doub N N 415 
PRO C     OXT    sing N N 416 
PRO CB    CG     sing N N 417 
PRO CB    HB2    sing N N 418 
PRO CB    HB3    sing N N 419 
PRO CG    CD     sing N N 420 
PRO CG    HG2    sing N N 421 
PRO CG    HG3    sing N N 422 
PRO CD    HD2    sing N N 423 
PRO CD    HD3    sing N N 424 
PRO OXT   HXT    sing N N 425 
SER N     CA     sing N N 426 
SER N     H      sing N N 427 
SER N     H2     sing N N 428 
SER CA    C      sing N N 429 
SER CA    CB     sing N N 430 
SER CA    HA     sing N N 431 
SER C     O      doub N N 432 
SER C     OXT    sing N N 433 
SER CB    OG     sing N N 434 
SER CB    HB2    sing N N 435 
SER CB    HB3    sing N N 436 
SER OG    HG     sing N N 437 
SER OXT   HXT    sing N N 438 
THR N     CA     sing N N 439 
THR N     H      sing N N 440 
THR N     H2     sing N N 441 
THR CA    C      sing N N 442 
THR CA    CB     sing N N 443 
THR CA    HA     sing N N 444 
THR C     O      doub N N 445 
THR C     OXT    sing N N 446 
THR CB    OG1    sing N N 447 
THR CB    CG2    sing N N 448 
THR CB    HB     sing N N 449 
THR OG1   HG1    sing N N 450 
THR CG2   HG21   sing N N 451 
THR CG2   HG22   sing N N 452 
THR CG2   HG23   sing N N 453 
THR OXT   HXT    sing N N 454 
VAL N     CA     sing N N 455 
VAL N     H      sing N N 456 
VAL N     H2     sing N N 457 
VAL CA    C      sing N N 458 
VAL CA    CB     sing N N 459 
VAL CA    HA     sing N N 460 
VAL C     O      doub N N 461 
VAL C     OXT    sing N N 462 
VAL CB    CG1    sing N N 463 
VAL CB    CG2    sing N N 464 
VAL CB    HB     sing N N 465 
VAL CG1   HG11   sing N N 466 
VAL CG1   HG12   sing N N 467 
VAL CG1   HG13   sing N N 468 
VAL CG2   HG21   sing N N 469 
VAL CG2   HG22   sing N N 470 
VAL CG2   HG23   sing N N 471 
VAL OXT   HXT    sing N N 472 
# 
loop_
_ndb_struct_conf_na.entry_id 
_ndb_struct_conf_na.feature 
3GNA 'double helix'        
3GNA 'b-form double helix' 
# 
loop_
_ndb_struct_na_base_pair.model_number 
_ndb_struct_na_base_pair.i_label_asym_id 
_ndb_struct_na_base_pair.i_label_comp_id 
_ndb_struct_na_base_pair.i_label_seq_id 
_ndb_struct_na_base_pair.i_symmetry 
_ndb_struct_na_base_pair.j_label_asym_id 
_ndb_struct_na_base_pair.j_label_comp_id 
_ndb_struct_na_base_pair.j_label_seq_id 
_ndb_struct_na_base_pair.j_symmetry 
_ndb_struct_na_base_pair.shear 
_ndb_struct_na_base_pair.stretch 
_ndb_struct_na_base_pair.stagger 
_ndb_struct_na_base_pair.buckle 
_ndb_struct_na_base_pair.propeller 
_ndb_struct_na_base_pair.opening 
_ndb_struct_na_base_pair.pair_number 
_ndb_struct_na_base_pair.pair_name 
_ndb_struct_na_base_pair.i_auth_asym_id 
_ndb_struct_na_base_pair.i_auth_seq_id 
_ndb_struct_na_base_pair.i_PDB_ins_code 
_ndb_struct_na_base_pair.j_auth_asym_id 
_ndb_struct_na_base_pair.j_auth_seq_id 
_ndb_struct_na_base_pair.j_PDB_ins_code 
_ndb_struct_na_base_pair.hbond_type_28 
_ndb_struct_na_base_pair.hbond_type_12 
1 B DC 2  1_555 C DG 14 1_555 1.230  -0.685 0.038  -2.647 -11.559 4.044  1  D_DC2:DG14_E D 2  ? E 14 ? 19 1 
1 B DT 3  1_555 C DA 13 1_555 0.744  -0.390 0.627  9.792  -25.021 -0.811 2  D_DT3:DA13_E D 3  ? E 13 ? 20 1 
1 B DT 4  1_555 C DA 12 1_555 0.137  -0.126 0.275  -7.339 -22.884 8.883  3  D_DT4:DA12_E D 4  ? E 12 ? 20 1 
1 B DA 5  1_555 C DT 11 1_555 0.105  0.079  -0.027 7.547  -22.816 13.959 4  D_DA5:DT11_E D 5  ? E 11 ? ?  1 
1 B DA 6  1_555 C DT 10 1_555 0.183  -0.161 0.204  -0.137 -18.926 7.581  5  D_DA6:DT10_E D 6  ? E 10 ? 20 1 
1 B DC 7  1_555 C DG 9  1_555 0.604  0.125  0.576  -8.049 -4.141  6.097  6  D_DC7:DG9_E  D 7  ? E 9  ? 19 1 
1 B DA 8  1_555 C DT 8  1_555 -0.216 0.401  -0.102 -3.906 -9.530  23.005 7  D_DA8:DT8_E  D 8  ? E 8  ? ?  1 
1 B DA 9  1_555 C DT 7  1_555 -0.222 -0.338 -0.390 8.297  -17.608 -2.576 8  D_DA9:DT7_E  D 9  ? E 7  ? 20 1 
1 B DA 10 1_555 C DT 6  1_555 0.150  0.011  -0.084 7.677  -16.103 4.550  9  D_DA10:DT6_E D 10 ? E 6  ? 20 1 
1 B DA 11 1_555 C DT 5  1_555 0.293  0.043  -0.385 -9.020 -13.584 7.744  10 D_DA11:DT5_E D 11 ? E 5  ? 20 1 
1 B DA 12 1_555 C DT 4  1_555 -0.025 -0.071 0.210  6.756  -19.517 7.729  11 D_DA12:DT4_E D 12 ? E 4  ? 20 1 
1 B DC 13 1_555 C DG 3  1_555 0.697  -0.445 -0.251 14.001 -29.489 -2.181 12 D_DC13:DG3_E D 13 ? E 3  ? 19 1 
1 B DC 14 1_555 C DG 2  1_555 -0.071 -0.372 0.125  -4.150 -7.158  -3.315 13 D_DC14:DG2_E D 14 ? E 2  ? 19 1 
# 
loop_
_ndb_struct_na_base_pair_step.model_number 
_ndb_struct_na_base_pair_step.i_label_asym_id_1 
_ndb_struct_na_base_pair_step.i_label_comp_id_1 
_ndb_struct_na_base_pair_step.i_label_seq_id_1 
_ndb_struct_na_base_pair_step.i_symmetry_1 
_ndb_struct_na_base_pair_step.j_label_asym_id_1 
_ndb_struct_na_base_pair_step.j_label_comp_id_1 
_ndb_struct_na_base_pair_step.j_label_seq_id_1 
_ndb_struct_na_base_pair_step.j_symmetry_1 
_ndb_struct_na_base_pair_step.i_label_asym_id_2 
_ndb_struct_na_base_pair_step.i_label_comp_id_2 
_ndb_struct_na_base_pair_step.i_label_seq_id_2 
_ndb_struct_na_base_pair_step.i_symmetry_2 
_ndb_struct_na_base_pair_step.j_label_asym_id_2 
_ndb_struct_na_base_pair_step.j_label_comp_id_2 
_ndb_struct_na_base_pair_step.j_label_seq_id_2 
_ndb_struct_na_base_pair_step.j_symmetry_2 
_ndb_struct_na_base_pair_step.shift 
_ndb_struct_na_base_pair_step.slide 
_ndb_struct_na_base_pair_step.rise 
_ndb_struct_na_base_pair_step.tilt 
_ndb_struct_na_base_pair_step.roll 
_ndb_struct_na_base_pair_step.twist 
_ndb_struct_na_base_pair_step.x_displacement 
_ndb_struct_na_base_pair_step.y_displacement 
_ndb_struct_na_base_pair_step.helical_rise 
_ndb_struct_na_base_pair_step.inclination 
_ndb_struct_na_base_pair_step.tip 
_ndb_struct_na_base_pair_step.helical_twist 
_ndb_struct_na_base_pair_step.step_number 
_ndb_struct_na_base_pair_step.step_name 
_ndb_struct_na_base_pair_step.i_auth_asym_id_1 
_ndb_struct_na_base_pair_step.i_auth_seq_id_1 
_ndb_struct_na_base_pair_step.i_PDB_ins_code_1 
_ndb_struct_na_base_pair_step.j_auth_asym_id_1 
_ndb_struct_na_base_pair_step.j_auth_seq_id_1 
_ndb_struct_na_base_pair_step.j_PDB_ins_code_1 
_ndb_struct_na_base_pair_step.i_auth_asym_id_2 
_ndb_struct_na_base_pair_step.i_auth_seq_id_2 
_ndb_struct_na_base_pair_step.i_PDB_ins_code_2 
_ndb_struct_na_base_pair_step.j_auth_asym_id_2 
_ndb_struct_na_base_pair_step.j_auth_seq_id_2 
_ndb_struct_na_base_pair_step.j_PDB_ins_code_2 
1 B DC 2  1_555 C DG 14 1_555 B DT 3  1_555 C DA 13 1_555 0.163  -1.705 2.644 -5.277 7.103  33.822 -3.650 -0.873 2.202 11.957 
8.883   34.928 1  DD_DC2DT3:DA13DG14_EE D 2  ? E 14 ? D 3  ? E 13 ? 
1 B DT 3  1_555 C DA 13 1_555 B DT 4  1_555 C DA 12 1_555 0.006  -0.963 3.520 7.725  6.165  29.569 -3.029 1.536  3.161 11.675 
-14.631 31.142 2  DD_DT3DT4:DA12DA13_EE D 3  ? E 13 ? D 4  ? E 12 ? 
1 B DT 4  1_555 C DA 12 1_555 B DA 5  1_555 C DT 11 1_555 -0.097 0.320  2.781 1.892  12.148 33.363 -1.020 0.399  2.720 20.322 
-3.165  35.496 3  DD_DT4DA5:DT11DA12_EE D 4  ? E 12 ? D 5  ? E 11 ? 
1 B DA 5  1_555 C DT 11 1_555 B DA 6  1_555 C DT 10 1_555 -0.450 -0.290 3.454 -4.247 -0.009 35.493 -0.471 0.081  3.482 -0.014 
6.936   35.738 4  DD_DA5DA6:DT10DT11_EE D 5  ? E 11 ? D 6  ? E 10 ? 
1 B DA 6  1_555 C DT 10 1_555 B DC 7  1_555 C DG 9  1_555 -0.150 -0.320 3.498 -2.534 0.591  36.272 -0.601 -0.137 3.495 0.948  
4.064   36.362 5  DD_DA6DC7:DG9DT10_EE  D 6  ? E 10 ? D 7  ? E 9  ? 
1 B DC 7  1_555 C DG 9  1_555 B DA 8  1_555 C DT 8  1_555 0.755  -0.769 2.911 5.974  6.426  22.551 -3.653 -0.111 2.701 15.689 
-14.587 24.177 6  DD_DC7DA8:DT8DG9_EE   D 7  ? E 9  ? D 8  ? E 8  ? 
1 B DA 8  1_555 C DT 8  1_555 B DA 9  1_555 C DT 7  1_555 -1.001 0.203  3.130 0.554  5.993  29.068 -0.816 2.067  3.089 11.780 
-1.089  29.671 7  DD_DA8DA9:DT7DT8_EE   D 8  ? E 8  ? D 9  ? E 7  ? 
1 B DA 9  1_555 C DT 7  1_555 B DA 10 1_555 C DT 6  1_555 0.161  -0.179 3.006 -1.402 5.485  36.728 -0.950 -0.424 2.942 8.641  
2.210   37.147 8  DD_DA9DA10:DT6DT7_EE  D 9  ? E 7  ? D 10 ? E 6  ? 
1 B DA 10 1_555 C DT 6  1_555 B DA 11 1_555 C DT 5  1_555 0.105  -0.441 3.662 -0.264 4.592  35.904 -1.428 -0.210 3.579 7.411  
0.427   36.188 9  DD_DA10DA11:DT5DT6_EE D 10 ? E 6  ? D 11 ? E 5  ? 
1 B DA 11 1_555 C DT 5  1_555 B DA 12 1_555 C DT 4  1_555 0.005  -0.131 2.800 -4.229 9.902  30.616 -1.719 -0.643 2.609 18.067 
7.716   32.411 10 DD_DA11DA12:DT4DT5_EE D 11 ? E 5  ? D 12 ? E 4  ? 
1 B DA 12 1_555 C DT 4  1_555 B DC 13 1_555 C DG 3  1_555 -0.273 -0.790 2.768 -1.701 -0.597 34.060 -1.267 0.236  2.791 -1.019 
2.901   34.106 11 DD_DA12DC13:DG3DT4_EE D 12 ? E 4  ? D 13 ? E 3  ? 
1 B DC 13 1_555 C DG 3  1_555 B DC 14 1_555 C DG 2  1_555 -0.322 -1.879 3.818 -2.104 15.686 31.747 -5.509 0.206  2.643 26.699 
3.581   35.382 12 DD_DC13DC14:DG2DG3_EE D 13 ? E 3  ? D 14 ? E 2  ? 
# 
_atom_sites.entry_id                    3GNA 
_atom_sites.fract_transf_matrix[1][1]   0.00340150 
_atom_sites.fract_transf_matrix[1][2]   -0.00744280 
_atom_sites.fract_transf_matrix[1][3]   -0.00618887 
_atom_sites.fract_transf_matrix[2][1]   0.00934937 
_atom_sites.fract_transf_matrix[2][2]   0.00082699 
_atom_sites.fract_transf_matrix[2][3]   0.00414403 
_atom_sites.fract_transf_matrix[3][1]   -0.00350218 
_atom_sites.fract_transf_matrix[3][2]   -0.00979626 
_atom_sites.fract_transf_matrix[3][3]   0.00985624 
_atom_sites.fract_transf_vector[1]      0.283411 
_atom_sites.fract_transf_vector[2]      0.252567 
_atom_sites.fract_transf_vector[3]      -0.007339 
# 
loop_
_atom_type.symbol 
C 
N 
O 
P 
S 
# 
loop_
_atom_site.group_PDB 
_atom_site.id 
_atom_site.type_symbol 
_atom_site.label_atom_id 
_atom_site.label_alt_id 
_atom_site.label_comp_id 
_atom_site.label_asym_id 
_atom_site.label_entity_id 
_atom_site.label_seq_id 
_atom_site.pdbx_PDB_ins_code 
_atom_site.Cartn_x 
_atom_site.Cartn_y 
_atom_site.Cartn_z 
_atom_site.occupancy 
_atom_site.B_iso_or_equiv 
_atom_site.pdbx_formal_charge 
_atom_site.auth_seq_id 
_atom_site.auth_comp_id 
_atom_site.auth_asym_id 
_atom_site.auth_atom_id 
_atom_site.pdbx_PDB_model_num 
ATOM   1    N N     . GLY A 1 21 ? 8.690   -8.519  -27.650 1.00 90.97  ? 389 GLY A N     1 
ATOM   2    C CA    . GLY A 1 21 ? 8.292   -7.234  -27.004 1.00 91.46  ? 389 GLY A CA    1 
ATOM   3    C C     . GLY A 1 21 ? 7.594   -7.421  -25.664 1.00 91.43  ? 389 GLY A C     1 
ATOM   4    O O     . GLY A 1 21 ? 8.213   -7.295  -24.601 1.00 91.67  ? 389 GLY A O     1 
ATOM   5    N N     . GLY A 1 22 ? 6.301   -7.726  -25.715 1.00 91.06  ? 390 GLY A N     1 
ATOM   6    C CA    . GLY A 1 22 ? 5.492   -7.903  -24.512 1.00 90.32  ? 390 GLY A CA    1 
ATOM   7    C C     . GLY A 1 22 ? 4.383   -6.874  -24.462 1.00 89.97  ? 390 GLY A C     1 
ATOM   8    O O     . GLY A 1 22 ? 4.538   -5.759  -24.959 1.00 89.11  ? 390 GLY A O     1 
ATOM   9    N N     . ARG A 1 23 ? 3.262   -7.249  -23.860 1.00 90.06  ? 391 ARG A N     1 
ATOM   10   C CA    . ARG A 1 23 ? 2.120   -6.352  -23.736 1.00 90.97  ? 391 ARG A CA    1 
ATOM   11   C C     . ARG A 1 23 ? 2.451   -5.167  -22.819 1.00 91.47  ? 391 ARG A C     1 
ATOM   12   O O     . ARG A 1 23 ? 3.030   -5.354  -21.742 1.00 91.29  ? 391 ARG A O     1 
ATOM   13   C CB    . ARG A 1 23 ? 0.902   -7.114  -23.210 1.00 90.99  ? 391 ARG A CB    1 
ATOM   14   C CG    . ARG A 1 23 ? -0.313  -6.263  -22.864 1.00 91.41  ? 391 ARG A CG    1 
ATOM   15   C CD    . ARG A 1 23 ? -1.506  -7.164  -22.594 1.00 91.86  ? 391 ARG A CD    1 
ATOM   16   N NE    . ARG A 1 23 ? -2.730  -6.444  -22.257 1.00 91.85  ? 391 ARG A NE    1 
ATOM   17   C CZ    . ARG A 1 23 ? -3.910  -7.025  -22.032 1.00 92.14  ? 391 ARG A CZ    1 
ATOM   18   N NH1   . ARG A 1 23 ? -4.046  -8.345  -22.097 1.00 92.27  ? 391 ARG A NH1   1 
ATOM   19   N NH2   . ARG A 1 23 ? -4.965  -6.278  -21.736 1.00 92.44  ? 391 ARG A NH2   1 
ATOM   20   N N     . PRO A 1 24 ? 2.118   -3.938  -23.256 1.00 91.53  ? 392 PRO A N     1 
ATOM   21   C CA    . PRO A 1 24 ? 2.355   -2.786  -22.391 1.00 91.44  ? 392 PRO A CA    1 
ATOM   22   C C     . PRO A 1 24 ? 1.531   -2.846  -21.099 1.00 90.69  ? 392 PRO A C     1 
ATOM   23   O O     . PRO A 1 24 ? 0.376   -3.274  -21.114 1.00 89.20  ? 392 PRO A O     1 
ATOM   24   C CB    . PRO A 1 24 ? 1.918   -1.594  -23.256 1.00 91.29  ? 392 PRO A CB    1 
ATOM   25   C CG    . PRO A 1 24 ? 1.914   -2.095  -24.644 1.00 91.64  ? 392 PRO A CG    1 
ATOM   26   C CD    . PRO A 1 24 ? 1.553   -3.536  -24.556 1.00 91.70  ? 392 PRO A CD    1 
ATOM   27   N N     . ARG A 1 25 ? 2.133   -2.419  -19.995 1.00 90.70  ? 393 ARG A N     1 
ATOM   28   C CA    . ARG A 1 25 ? 1.450   -2.418  -18.705 1.00 91.29  ? 393 ARG A CA    1 
ATOM   29   C C     . ARG A 1 25 ? 0.440   -1.285  -18.606 1.00 91.67  ? 393 ARG A C     1 
ATOM   30   O O     . ARG A 1 25 ? 0.748   -0.141  -18.943 1.00 91.84  ? 393 ARG A O     1 
ATOM   31   C CB    . ARG A 1 25 ? 2.443   -2.274  -17.562 1.00 90.65  ? 393 ARG A CB    1 
ATOM   32   C CG    . ARG A 1 25 ? 3.298   -3.482  -17.330 1.00 90.37  ? 393 ARG A CG    1 
ATOM   33   C CD    . ARG A 1 25 ? 4.098   -3.292  -16.071 1.00 90.09  ? 393 ARG A CD    1 
ATOM   34   N NE    . ARG A 1 25 ? 4.929   -4.449  -15.782 1.00 90.42  ? 393 ARG A NE    1 
ATOM   35   C CZ    . ARG A 1 25 ? 5.765   -4.539  -14.753 1.00 91.10  ? 393 ARG A CZ    1 
ATOM   36   N NH1   . ARG A 1 25 ? 5.877   -3.526  -13.902 1.00 91.95  ? 393 ARG A NH1   1 
ATOM   37   N NH2   . ARG A 1 25 ? 6.490   -5.637  -14.569 1.00 90.55  ? 393 ARG A NH2   1 
ATOM   38   N N     . GLN A 1 26 ? -0.762  -1.615  -18.139 1.00 91.75  ? 394 GLN A N     1 
ATOM   39   C CA    . GLN A 1 26 ? -1.796  -0.620  -17.886 1.00 92.06  ? 394 GLN A CA    1 
ATOM   40   C C     . GLN A 1 26 ? -1.436  0.027   -16.551 1.00 92.25  ? 394 GLN A C     1 
ATOM   41   O O     . GLN A 1 26 ? -0.556  -0.466  -15.852 1.00 90.57  ? 394 GLN A O     1 
ATOM   42   C CB    . GLN A 1 26 ? -3.177  -1.277  -17.798 1.00 92.20  ? 394 GLN A CB    1 
ATOM   43   C CG    . GLN A 1 26 ? -3.556  -2.141  -19.007 1.00 92.49  ? 394 GLN A CG    1 
ATOM   44   C CD    . GLN A 1 26 ? -4.971  -2.694  -18.927 1.00 92.57  ? 394 GLN A CD    1 
ATOM   45   O OE1   . GLN A 1 26 ? -5.724  -2.387  -18.000 1.00 93.49  ? 394 GLN A OE1   1 
ATOM   46   N NE2   . GLN A 1 26 ? -5.341  -3.511  -19.908 1.00 92.30  ? 394 GLN A NE2   1 
ATOM   47   N N     . HIS A 1 27 ? -2.087  1.129   -16.188 1.00 92.94  ? 395 HIS A N     1 
ATOM   48   C CA    . HIS A 1 27 ? -1.800  1.725   -14.884 1.00 93.22  ? 395 HIS A CA    1 
ATOM   49   C C     . HIS A 1 27 ? -2.354  0.798   -13.810 1.00 92.89  ? 395 HIS A C     1 
ATOM   50   O O     . HIS A 1 27 ? -3.399  0.166   -13.992 1.00 92.57  ? 395 HIS A O     1 
ATOM   51   C CB    . HIS A 1 27 ? -2.362  3.141   -14.726 1.00 93.71  ? 395 HIS A CB    1 
ATOM   52   C CG    . HIS A 1 27 ? -1.939  3.802   -13.449 1.00 94.54  ? 395 HIS A CG    1 
ATOM   53   N ND1   . HIS A 1 27 ? -0.640  4.197   -13.212 1.00 95.35  ? 395 HIS A ND1   1 
ATOM   54   C CD2   . HIS A 1 27 ? -2.636  4.114   -12.331 1.00 94.84  ? 395 HIS A CD2   1 
ATOM   55   C CE1   . HIS A 1 27 ? -0.557  4.730   -12.006 1.00 95.16  ? 395 HIS A CE1   1 
ATOM   56   N NE2   . HIS A 1 27 ? -1.754  4.690   -11.449 1.00 94.65  ? 395 HIS A NE2   1 
ATOM   57   N N     . LEU A 1 28 ? -1.629  0.707   -12.704 1.00 92.15  ? 396 LEU A N     1 
ATOM   58   C CA    . LEU A 1 28 ? -1.988  -0.174  -11.601 1.00 92.36  ? 396 LEU A CA    1 
ATOM   59   C C     . LEU A 1 28 ? -3.444  0.002   -11.159 1.00 92.04  ? 396 LEU A C     1 
ATOM   60   O O     . LEU A 1 28 ? -4.157  -0.973  -10.926 1.00 92.28  ? 396 LEU A O     1 
ATOM   61   C CB    . LEU A 1 28 ? -1.043  0.084   -10.423 1.00 92.19  ? 396 LEU A CB    1 
ATOM   62   C CG    . LEU A 1 28 ? -1.134  -0.828  -9.207  1.00 92.82  ? 396 LEU A CG    1 
ATOM   63   C CD1   . LEU A 1 28 ? -0.749  -2.253  -9.585  1.00 92.30  ? 396 LEU A CD1   1 
ATOM   64   C CD2   . LEU A 1 28 ? -0.237  -0.287  -8.084  1.00 92.16  ? 396 LEU A CD2   1 
ATOM   65   N N     . LEU A 1 29 ? -3.882  1.250   -11.072 1.00 92.24  ? 397 LEU A N     1 
ATOM   66   C CA    . LEU A 1 29 ? -5.219  1.578   -10.574 1.00 93.10  ? 397 LEU A CA    1 
ATOM   67   C C     . LEU A 1 29 ? -6.362  1.250   -11.541 1.00 93.57  ? 397 LEU A C     1 
ATOM   68   O O     . LEU A 1 29 ? -7.531  1.254   -11.141 1.00 93.86  ? 397 LEU A O     1 
ATOM   69   C CB    . LEU A 1 29 ? -5.282  3.057   -10.180 1.00 93.19  ? 397 LEU A CB    1 
ATOM   70   C CG    . LEU A 1 29 ? -4.209  3.511   -9.188  1.00 93.84  ? 397 LEU A CG    1 
ATOM   71   C CD1   . LEU A 1 29 ? -4.282  5.012   -8.966  1.00 94.01  ? 397 LEU A CD1   1 
ATOM   72   C CD2   . LEU A 1 29 ? -4.351  2.762   -7.878  1.00 93.87  ? 397 LEU A CD2   1 
ATOM   73   N N     . SER A 1 30 ? -6.031  0.976   -12.803 1.00 93.57  ? 398 SER A N     1 
ATOM   74   C CA    . SER A 1 30 ? -7.026  0.608   -13.811 1.00 93.42  ? 398 SER A CA    1 
ATOM   75   C C     . SER A 1 30 ? -7.221  -0.909  -13.882 1.00 93.09  ? 398 SER A C     1 
ATOM   76   O O     . SER A 1 30 ? -8.221  -1.384  -14.414 1.00 92.43  ? 398 SER A O     1 
ATOM   77   C CB    . SER A 1 30 ? -6.611  1.134   -15.188 1.00 93.83  ? 398 SER A CB    1 
ATOM   78   O OG    . SER A 1 30 ? -5.465  0.454   -15.673 1.00 94.34  ? 398 SER A OG    1 
ATOM   79   N N     . LEU A 1 31 ? -6.266  -1.657  -13.334 1.00 93.13  ? 399 LEU A N     1 
ATOM   80   C CA    . LEU A 1 31 ? -6.298  -3.119  -13.366 1.00 92.67  ? 399 LEU A CA    1 
ATOM   81   C C     . LEU A 1 31 ? -7.335  -3.716  -12.429 1.00 92.84  ? 399 LEU A C     1 
ATOM   82   O O     . LEU A 1 31 ? -7.791  -3.070  -11.479 1.00 93.77  ? 399 LEU A O     1 
ATOM   83   C CB    . LEU A 1 31 ? -4.932  -3.685  -12.967 1.00 92.00  ? 399 LEU A CB    1 
ATOM   84   C CG    . LEU A 1 31 ? -3.735  -3.361  -13.854 1.00 91.71  ? 399 LEU A CG    1 
ATOM   85   C CD1   . LEU A 1 31 ? -2.466  -3.885  -13.194 1.00 90.48  ? 399 LEU A CD1   1 
ATOM   86   C CD2   . LEU A 1 31 ? -3.922  -3.940  -15.267 1.00 90.54  ? 399 LEU A CD2   1 
ATOM   87   N N     . THR A 1 32 ? -7.686  -4.969  -12.702 1.00 92.30  ? 400 THR A N     1 
ATOM   88   C CA    . THR A 1 32 ? -8.545  -5.733  -11.814 1.00 91.46  ? 400 THR A CA    1 
ATOM   89   C C     . THR A 1 32 ? -7.753  -6.004  -10.539 1.00 91.45  ? 400 THR A C     1 
ATOM   90   O O     . THR A 1 32 ? -6.521  -5.998  -10.551 1.00 90.77  ? 400 THR A O     1 
ATOM   91   C CB    . THR A 1 32 ? -8.984  -7.081  -12.436 1.00 90.77  ? 400 THR A CB    1 
ATOM   92   O OG1   . THR A 1 32 ? -7.829  -7.823  -12.844 1.00 89.27  ? 400 THR A OG1   1 
ATOM   93   C CG2   . THR A 1 32 ? -9.893  -6.855  -13.632 1.00 90.40  ? 400 THR A CG2   1 
ATOM   94   N N     . ARG A 1 33 ? -8.466  -6.246  -9.444  1.00 91.79  ? 401 ARG A N     1 
ATOM   95   C CA    . ARG A 1 33 ? -7.823  -6.539  -8.162  1.00 92.57  ? 401 ARG A CA    1 
ATOM   96   C C     . ARG A 1 33 ? -6.892  -7.739  -8.326  1.00 92.25  ? 401 ARG A C     1 
ATOM   97   O O     . ARG A 1 33 ? -5.814  -7.796  -7.738  1.00 91.64  ? 401 ARG A O     1 
ATOM   98   C CB    . ARG A 1 33 ? -8.875  -6.791  -7.075  1.00 93.09  ? 401 ARG A CB    1 
ATOM   99   C CG    . ARG A 1 33 ? -9.940  -5.688  -7.018  1.00 94.48  ? 401 ARG A CG    1 
ATOM   100  C CD    . ARG A 1 33 ? -10.390 -5.371  -5.604  1.00 95.78  ? 401 ARG A CD    1 
ATOM   101  N NE    . ARG A 1 33 ? -11.346 -6.336  -5.065  1.00 96.11  ? 401 ARG A NE    1 
ATOM   102  C CZ    . ARG A 1 33 ? -12.669 -6.166  -5.022  1.00 96.42  ? 401 ARG A CZ    1 
ATOM   103  N NH1   . ARG A 1 33 ? -13.238 -5.056  -5.492  1.00 96.43  ? 401 ARG A NH1   1 
ATOM   104  N NH2   . ARG A 1 33 ? -13.432 -7.119  -4.496  1.00 96.24  ? 401 ARG A NH2   1 
ATOM   105  N N     . ARG A 1 34 ? -7.329  -8.677  -9.160  1.00 92.15  ? 402 ARG A N     1 
ATOM   106  C CA    . ARG A 1 34 ? -6.568  -9.863  -9.534  1.00 92.13  ? 402 ARG A CA    1 
ATOM   107  C C     . ARG A 1 34 ? -5.214  -9.513  -10.183 1.00 91.27  ? 402 ARG A C     1 
ATOM   108  O O     . ARG A 1 34 ? -4.167  -10.015 -9.774  1.00 90.04  ? 402 ARG A O     1 
ATOM   109  C CB    . ARG A 1 34 ? -7.442  -10.691 -10.484 1.00 92.86  ? 402 ARG A CB    1 
ATOM   110  C CG    . ARG A 1 34 ? -6.751  -11.792 -11.265 1.00 94.32  ? 402 ARG A CG    1 
ATOM   111  C CD    . ARG A 1 34 ? -6.186  -12.855 -10.353 1.00 95.19  ? 402 ARG A CD    1 
ATOM   112  N NE    . ARG A 1 34 ? -5.640  -13.974 -11.122 1.00 95.33  ? 402 ARG A NE    1 
ATOM   113  C CZ    . ARG A 1 34 ? -4.396  -14.043 -11.602 1.00 95.20  ? 402 ARG A CZ    1 
ATOM   114  N NH1   . ARG A 1 34 ? -3.513  -13.065 -11.410 1.00 96.51  ? 402 ARG A NH1   1 
ATOM   115  N NH2   . ARG A 1 34 ? -4.030  -15.114 -12.276 1.00 95.66  ? 402 ARG A NH2   1 
ATOM   116  N N     . ALA A 1 35 ? -5.248  -8.653  -11.199 1.00 90.90  ? 403 ALA A N     1 
ATOM   117  C CA    . ALA A 1 35 ? -4.036  -8.239  -11.909 1.00 90.91  ? 403 ALA A CA    1 
ATOM   118  C C     . ALA A 1 35 ? -3.176  -7.314  -11.043 1.00 91.18  ? 403 ALA A C     1 
ATOM   119  O O     . ALA A 1 35 ? -1.950  -7.400  -11.076 1.00 90.87  ? 403 ALA A O     1 
ATOM   120  C CB    . ALA A 1 35 ? -4.388  -7.569  -13.227 1.00 90.19  ? 403 ALA A CB    1 
ATOM   121  N N     . GLN A 1 36 ? -3.821  -6.427  -10.281 1.00 91.45  ? 404 GLN A N     1 
ATOM   122  C CA    . GLN A 1 36 ? -3.125  -5.566  -9.312  1.00 91.65  ? 404 GLN A CA    1 
ATOM   123  C C     . GLN A 1 36 ? -2.295  -6.390  -8.337  1.00 91.16  ? 404 GLN A C     1 
ATOM   124  O O     . GLN A 1 36 ? -1.148  -6.076  -8.033  1.00 91.81  ? 404 GLN A O     1 
ATOM   125  C CB    . GLN A 1 36 ? -4.135  -4.757  -8.499  1.00 91.74  ? 404 GLN A CB    1 
ATOM   126  C CG    . GLN A 1 36 ? -4.711  -3.565  -9.216  1.00 91.91  ? 404 GLN A CG    1 
ATOM   127  C CD    . GLN A 1 36 ? -5.639  -2.756  -8.333  1.00 91.79  ? 404 GLN A CD    1 
ATOM   128  O OE1   . GLN A 1 36 ? -6.387  -3.312  -7.535  1.00 91.36  ? 404 GLN A OE1   1 
ATOM   129  N NE2   . GLN A 1 36 ? -5.597  -1.434  -8.475  1.00 91.83  ? 404 GLN A NE2   1 
ATOM   130  N N     . LYS A 1 37 ? -2.917  -7.448  -7.845  1.00 91.52  ? 405 LYS A N     1 
ATOM   131  C CA    . LYS A 1 37 ? -2.313  -8.375  -6.898  1.00 92.44  ? 405 LYS A CA    1 
ATOM   132  C C     . LYS A 1 37 ? -1.097  -9.076  -7.521  1.00 91.75  ? 405 LYS A C     1 
ATOM   133  O O     . LYS A 1 37 ? -0.085  -9.315  -6.858  1.00 90.70  ? 405 LYS A O     1 
ATOM   134  C CB    . LYS A 1 37 ? -3.381  -9.397  -6.503  1.00 92.75  ? 405 LYS A CB    1 
ATOM   135  C CG    . LYS A 1 37 ? -3.313  -9.931  -5.096  1.00 93.50  ? 405 LYS A CG    1 
ATOM   136  C CD    . LYS A 1 37 ? -4.644  -10.624 -4.792  1.00 94.37  ? 405 LYS A CD    1 
ATOM   137  C CE    . LYS A 1 37 ? -4.472  -11.823 -3.904  1.00 95.19  ? 405 LYS A CE    1 
ATOM   138  N NZ    . LYS A 1 37 ? -5.580  -12.817 -4.083  1.00 95.58  ? 405 LYS A NZ    1 
ATOM   139  N N     . HIS A 1 38 ? -1.217  -9.394  -8.806  1.00 91.47  ? 406 HIS A N     1 
ATOM   140  C CA    . HIS A 1 38 ? -0.150  -10.038 -9.563  1.00 91.71  ? 406 HIS A CA    1 
ATOM   141  C C     . HIS A 1 38 ? 1.070   -9.132  -9.728  1.00 90.86  ? 406 HIS A C     1 
ATOM   142  O O     . HIS A 1 38 ? 2.203   -9.598  -9.671  1.00 90.97  ? 406 HIS A O     1 
ATOM   143  C CB    . HIS A 1 38 ? -0.693  -10.458 -10.928 1.00 92.82  ? 406 HIS A CB    1 
ATOM   144  C CG    . HIS A 1 38 ? 0.260   -11.265 -11.745 1.00 94.12  ? 406 HIS A CG    1 
ATOM   145  N ND1   . HIS A 1 38 ? 0.638   -10.903 -13.020 1.00 95.31  ? 406 HIS A ND1   1 
ATOM   146  C CD2   . HIS A 1 38 ? 0.905   -12.425 -11.477 1.00 95.43  ? 406 HIS A CD2   1 
ATOM   147  C CE1   . HIS A 1 38 ? 1.466   -11.810 -13.507 1.00 96.30  ? 406 HIS A CE1   1 
ATOM   148  N NE2   . HIS A 1 38 ? 1.648   -12.742 -12.588 1.00 96.23  ? 406 HIS A NE2   1 
ATOM   149  N N     . ARG A 1 39 ? 0.844   -7.839  -9.924  1.00 90.49  ? 407 ARG A N     1 
ATOM   150  C CA    . ARG A 1 39 ? 1.961   -6.904  -10.077 1.00 91.58  ? 407 ARG A CA    1 
ATOM   151  C C     . ARG A 1 39 ? 2.694   -6.530  -8.797  1.00 92.14  ? 407 ARG A C     1 
ATOM   152  O O     . ARG A 1 39 ? 3.916   -6.364  -8.813  1.00 91.14  ? 407 ARG A O     1 
ATOM   153  C CB    . ARG A 1 39 ? 1.538   -5.658  -10.848 1.00 91.58  ? 407 ARG A CB    1 
ATOM   154  C CG    . ARG A 1 39 ? 2.018   -5.756  -12.267 1.00 91.35  ? 407 ARG A CG    1 
ATOM   155  C CD    . ARG A 1 39 ? 1.328   -4.834  -13.174 1.00 91.59  ? 407 ARG A CD    1 
ATOM   156  N NE    . ARG A 1 39 ? 1.642   -3.429  -12.976 1.00 90.76  ? 407 ARG A NE    1 
ATOM   157  C CZ    . ARG A 1 39 ? 1.121   -2.471  -13.727 1.00 91.27  ? 407 ARG A CZ    1 
ATOM   158  N NH1   . ARG A 1 39 ? 0.285   -2.798  -14.705 1.00 91.65  ? 407 ARG A NH1   1 
ATOM   159  N NH2   . ARG A 1 39 ? 1.427   -1.202  -13.516 1.00 91.44  ? 407 ARG A NH2   1 
ATOM   160  N N     . LEU A 1 40 ? 1.963   -6.409  -7.696  1.00 92.88  ? 408 LEU A N     1 
ATOM   161  C CA    . LEU A 1 40 ? 2.593   -6.104  -6.420  1.00 93.55  ? 408 LEU A CA    1 
ATOM   162  C C     . LEU A 1 40 ? 3.118   -7.366  -5.720  1.00 94.11  ? 408 LEU A C     1 
ATOM   163  O O     . LEU A 1 40 ? 3.801   -7.266  -4.697  1.00 94.78  ? 408 LEU A O     1 
ATOM   164  C CB    . LEU A 1 40 ? 1.617   -5.343  -5.517  1.00 93.92  ? 408 LEU A CB    1 
ATOM   165  C CG    . LEU A 1 40 ? 1.169   -3.973  -6.056  1.00 93.24  ? 408 LEU A CG    1 
ATOM   166  C CD1   . LEU A 1 40 ? 0.084   -3.379  -5.178  1.00 93.86  ? 408 LEU A CD1   1 
ATOM   167  C CD2   . LEU A 1 40 ? 2.339   -3.016  -6.177  1.00 91.43  ? 408 LEU A CD2   1 
ATOM   168  N N     . ARG A 1 41 ? 2.818   -8.543  -6.279  1.00 94.28  ? 409 ARG A N     1 
ATOM   169  C CA    . ARG A 1 41 ? 3.219   -9.832  -5.688  1.00 95.09  ? 409 ARG A CA    1 
ATOM   170  C C     . ARG A 1 41 ? 4.564   -9.830  -4.954  1.00 93.86  ? 409 ARG A C     1 
ATOM   171  O O     . ARG A 1 41 ? 4.663   -10.356 -3.854  1.00 93.50  ? 409 ARG A O     1 
ATOM   172  C CB    . ARG A 1 41 ? 3.247   -10.947 -6.749  1.00 95.24  ? 409 ARG A CB    1 
ATOM   173  C CG    . ARG A 1 41 ? 3.614   -12.325 -6.150  1.00 97.29  ? 409 ARG A CG    1 
ATOM   174  C CD    . ARG A 1 41 ? 3.652   -13.461 -7.154  1.00 97.73  ? 409 ARG A CD    1 
ATOM   175  N NE    . ARG A 1 41 ? 3.997   -14.734 -6.507  1.00 99.28  ? 409 ARG A NE    1 
ATOM   176  C CZ    . ARG A 1 41 ? 5.237   -15.161 -6.254  1.00 100.21 ? 409 ARG A CZ    1 
ATOM   177  N NH1   . ARG A 1 41 ? 6.300   -14.423 -6.579  1.00 100.87 ? 409 ARG A NH1   1 
ATOM   178  N NH2   . ARG A 1 41 ? 5.421   -16.343 -5.667  1.00 100.45 ? 409 ARG A NH2   1 
ATOM   179  N N     . GLU A 1 42 ? 5.598   -9.267  -5.574  1.00 93.74  ? 410 GLU A N     1 
ATOM   180  C CA    . GLU A 1 42 ? 6.944   -9.285  -4.992  1.00 93.87  ? 410 GLU A CA    1 
ATOM   181  C C     . GLU A 1 42 ? 7.127   -8.255  -3.879  1.00 93.89  ? 410 GLU A C     1 
ATOM   182  O O     . GLU A 1 42 ? 7.811   -8.530  -2.889  1.00 94.20  ? 410 GLU A O     1 
ATOM   183  C CB    . GLU A 1 42 ? 8.019   -9.116  -6.075  1.00 94.32  ? 410 GLU A CB    1 
ATOM   184  C CG    . GLU A 1 42 ? 8.188   -10.338 -7.002  1.00 95.25  ? 410 GLU A CG    1 
ATOM   185  C CD    . GLU A 1 42 ? 8.841   -11.561 -6.331  1.00 96.76  ? 410 GLU A CD    1 
ATOM   186  O OE1   . GLU A 1 42 ? 9.113   -11.538 -5.106  1.00 97.56  ? 410 GLU A OE1   1 
ATOM   187  O OE2   . GLU A 1 42 ? 9.087   -12.561 -7.043  1.00 97.41  ? 410 GLU A OE2   1 
ATOM   188  N N     . LEU A 1 43 ? 6.527   -7.074  -4.034  1.00 93.49  ? 411 LEU A N     1 
ATOM   189  C CA    . LEU A 1 43 ? 6.557   -6.072  -2.968  1.00 92.91  ? 411 LEU A CA    1 
ATOM   190  C C     . LEU A 1 43 ? 5.702   -6.542  -1.786  1.00 92.99  ? 411 LEU A C     1 
ATOM   191  O O     . LEU A 1 43 ? 6.035   -6.269  -0.631  1.00 92.77  ? 411 LEU A O     1 
ATOM   192  C CB    . LEU A 1 43 ? 6.062   -4.705  -3.459  1.00 93.04  ? 411 LEU A CB    1 
ATOM   193  C CG    . LEU A 1 43 ? 6.225   -3.550  -2.455  1.00 92.27  ? 411 LEU A CG    1 
ATOM   194  C CD1   . LEU A 1 43 ? 7.701   -3.276  -2.174  1.00 91.78  ? 411 LEU A CD1   1 
ATOM   195  C CD2   . LEU A 1 43 ? 5.543   -2.294  -2.954  1.00 92.44  ? 411 LEU A CD2   1 
ATOM   196  N N     . LYS A 1 44 ? 4.603   -7.239  -2.077  1.00 92.65  ? 412 LYS A N     1 
ATOM   197  C CA    . LYS A 1 44 ? 3.741   -7.784  -1.028  1.00 92.93  ? 412 LYS A CA    1 
ATOM   198  C C     . LYS A 1 44 ? 4.554   -8.715  -0.124  1.00 92.29  ? 412 LYS A C     1 
ATOM   199  O O     . LYS A 1 44 ? 4.352   -8.737  1.085   1.00 91.52  ? 412 LYS A O     1 
ATOM   200  C CB    . LYS A 1 44 ? 2.542   -8.538  -1.627  1.00 93.36  ? 412 LYS A CB    1 
ATOM   201  C CG    . LYS A 1 44 ? 1.451   -8.867  -0.607  1.00 93.73  ? 412 LYS A CG    1 
ATOM   202  C CD    . LYS A 1 44 ? 0.387   -9.805  -1.163  1.00 93.98  ? 412 LYS A CD    1 
ATOM   203  C CE    . LYS A 1 44 ? -0.625  -10.202 -0.077  1.00 94.56  ? 412 LYS A CE    1 
ATOM   204  N NZ    . LYS A 1 44 ? -1.654  -11.183 -0.557  1.00 94.18  ? 412 LYS A NZ    1 
ATOM   205  N N     . ILE A 1 45 ? 5.471   -9.475  -0.723  1.00 92.20  ? 413 ILE A N     1 
ATOM   206  C CA    . ILE A 1 45 ? 6.347   -10.383 0.024   1.00 92.47  ? 413 ILE A CA    1 
ATOM   207  C C     . ILE A 1 45 ? 7.348   -9.618  0.892   1.00 91.76  ? 413 ILE A C     1 
ATOM   208  O O     . ILE A 1 45 ? 7.541   -9.943  2.064   1.00 91.52  ? 413 ILE A O     1 
ATOM   209  C CB    . ILE A 1 45 ? 7.117   -11.339 -0.924  1.00 92.54  ? 413 ILE A CB    1 
ATOM   210  C CG1   . ILE A 1 45 ? 6.159   -12.358 -1.541  1.00 92.57  ? 413 ILE A CG1   1 
ATOM   211  C CG2   . ILE A 1 45 ? 8.216   -12.082 -0.176  1.00 92.42  ? 413 ILE A CG2   1 
ATOM   212  C CD1   . ILE A 1 45 ? 6.829   -13.303 -2.522  1.00 92.75  ? 413 ILE A CD1   1 
ATOM   213  N N     . GLN A 1 46 ? 7.993   -8.611  0.309   1.00 91.60  ? 414 GLN A N     1 
ATOM   214  C CA    . GLN A 1 46 ? 8.950   -7.790  1.048   1.00 91.46  ? 414 GLN A CA    1 
ATOM   215  C C     . GLN A 1 46 ? 8.288   -7.104  2.233   1.00 91.26  ? 414 GLN A C     1 
ATOM   216  O O     . GLN A 1 46 ? 8.891   -6.981  3.305   1.00 90.39  ? 414 GLN A O     1 
ATOM   217  C CB    . GLN A 1 46 ? 9.601   -6.745  0.143   1.00 91.44  ? 414 GLN A CB    1 
ATOM   218  C CG    . GLN A 1 46 ? 10.730  -7.292  -0.717  1.00 92.00  ? 414 GLN A CG    1 
ATOM   219  C CD    . GLN A 1 46 ? 11.449  -6.205  -1.506  1.00 92.28  ? 414 GLN A CD    1 
ATOM   220  O OE1   . GLN A 1 46 ? 10.853  -5.196  -1.888  1.00 92.63  ? 414 GLN A OE1   1 
ATOM   221  N NE2   . GLN A 1 46 ? 12.736  -6.414  -1.758  0.50 92.62  ? 414 GLN A NE2   1 
ATOM   222  N N     . VAL A 1 47 ? 7.046   -6.663  2.030   1.00 91.41  ? 415 VAL A N     1 
ATOM   223  C CA    . VAL A 1 47 ? 6.281   -5.999  3.077   1.00 91.51  ? 415 VAL A CA    1 
ATOM   224  C C     . VAL A 1 47 ? 5.955   -6.992  4.174   1.00 91.59  ? 415 VAL A C     1 
ATOM   225  O O     . VAL A 1 47 ? 6.095   -6.680  5.354   1.00 91.20  ? 415 VAL A O     1 
ATOM   226  C CB    . VAL A 1 47 ? 4.978   -5.374  2.539   1.00 91.38  ? 415 VAL A CB    1 
ATOM   227  C CG1   . VAL A 1 47 ? 4.139   -4.826  3.688   1.00 92.31  ? 415 VAL A CG1   1 
ATOM   228  C CG2   . VAL A 1 47 ? 5.295   -4.266  1.548   1.00 90.71  ? 415 VAL A CG2   1 
ATOM   229  N N     . LYS A 1 48 ? 5.524   -8.189  3.771   1.00 92.15  ? 416 LYS A N     1 
ATOM   230  C CA    . LYS A 1 48 ? 5.248   -9.282  4.704   1.00 92.02  ? 416 LYS A CA    1 
ATOM   231  C C     . LYS A 1 48 ? 6.494   -9.558  5.543   1.00 92.08  ? 416 LYS A C     1 
ATOM   232  O O     . LYS A 1 48 ? 6.425   -9.580  6.769   1.00 91.88  ? 416 LYS A O     1 
ATOM   233  C CB    . LYS A 1 48 ? 4.838   -10.551 3.945   1.00 92.69  ? 416 LYS A CB    1 
ATOM   234  C CG    . LYS A 1 48 ? 4.371   -11.722 4.823   1.00 93.51  ? 416 LYS A CG    1 
ATOM   235  C CD    . LYS A 1 48 ? 2.978   -11.475 5.402   1.00 94.48  ? 416 LYS A CD    1 
ATOM   236  C CE    . LYS A 1 48 ? 2.501   -12.624 6.285   1.00 94.33  ? 416 LYS A CE    1 
ATOM   237  N NZ    . LYS A 1 48 ? 3.214   -12.682 7.596   1.00 95.53  ? 416 LYS A NZ    1 
ATOM   238  N N     . GLU A 1 49 ? 7.626   -9.769  4.870   1.00 92.85  ? 417 GLU A N     1 
ATOM   239  C CA    . GLU A 1 49 ? 8.911   -10.030 5.544   1.00 93.69  ? 417 GLU A CA    1 
ATOM   240  C C     . GLU A 1 49 ? 9.314   -8.937  6.527   1.00 93.42  ? 417 GLU A C     1 
ATOM   241  O O     . GLU A 1 49 ? 9.845   -9.234  7.597   1.00 94.32  ? 417 GLU A O     1 
ATOM   242  C CB    . GLU A 1 49 ? 10.039  -10.262 4.525   1.00 93.80  ? 417 GLU A CB    1 
ATOM   243  C CG    . GLU A 1 49 ? 10.335  -11.744 4.281   1.00 95.19  ? 417 GLU A CG    1 
ATOM   244  C CD    . GLU A 1 49 ? 11.020  -12.030 2.945   1.00 95.49  ? 417 GLU A CD    1 
ATOM   245  O OE1   . GLU A 1 49 ? 10.586  -11.480 1.906   1.00 96.79  ? 417 GLU A OE1   1 
ATOM   246  O OE2   . GLU A 1 49 ? 11.980  -12.838 2.935   1.00 97.32  ? 417 GLU A OE2   1 
ATOM   247  N N     . PHE A 1 50 ? 9.059   -7.683  6.171   1.00 93.23  ? 418 PHE A N     1 
ATOM   248  C CA    . PHE A 1 50 ? 9.378   -6.569  7.053   1.00 92.96  ? 418 PHE A CA    1 
ATOM   249  C C     . PHE A 1 50 ? 8.454   -6.561  8.268   1.00 92.58  ? 418 PHE A C     1 
ATOM   250  O O     . PHE A 1 50 ? 8.916   -6.513  9.412   1.00 92.05  ? 418 PHE A O     1 
ATOM   251  C CB    . PHE A 1 50 ? 9.264   -5.235  6.317   1.00 93.43  ? 418 PHE A CB    1 
ATOM   252  C CG    . PHE A 1 50 ? 9.497   -4.049  7.200   1.00 93.81  ? 418 PHE A CG    1 
ATOM   253  C CD1   . PHE A 1 50 ? 10.790  -3.604  7.456   1.00 94.13  ? 418 PHE A CD1   1 
ATOM   254  C CD2   . PHE A 1 50 ? 8.429   -3.394  7.804   1.00 94.55  ? 418 PHE A CD2   1 
ATOM   255  C CE1   . PHE A 1 50 ? 11.015  -2.513  8.288   1.00 94.41  ? 418 PHE A CE1   1 
ATOM   256  C CE2   . PHE A 1 50 ? 8.644   -2.302  8.641   1.00 94.58  ? 418 PHE A CE2   1 
ATOM   257  C CZ    . PHE A 1 50 ? 9.940   -1.862  8.882   1.00 94.38  ? 418 PHE A CZ    1 
ATOM   258  N N     . ALA A 1 51 ? 7.150   -6.594  8.010   1.00 91.63  ? 419 ALA A N     1 
ATOM   259  C CA    . ALA A 1 51 ? 6.158   -6.586  9.076   1.00 91.44  ? 419 ALA A CA    1 
ATOM   260  C C     . ALA A 1 51 ? 6.421   -7.701  10.086  1.00 91.60  ? 419 ALA A C     1 
ATOM   261  O O     . ALA A 1 51 ? 6.289   -7.483  11.286  1.00 91.97  ? 419 ALA A O     1 
ATOM   262  C CB    . ALA A 1 51 ? 4.761   -6.706  8.501   1.00 90.89  ? 419 ALA A CB    1 
ATOM   263  N N     . ASP A 1 52 ? 6.809   -8.880  9.606   1.00 91.90  ? 420 ASP A N     1 
ATOM   264  C CA    . ASP A 1 52 ? 7.102   -10.020 10.487  1.00 93.04  ? 420 ASP A CA    1 
ATOM   265  C C     . ASP A 1 52 ? 8.339   -9.779  11.356  1.00 93.33  ? 420 ASP A C     1 
ATOM   266  O O     . ASP A 1 52 ? 8.304   -9.987  12.572  1.00 92.82  ? 420 ASP A O     1 
ATOM   267  C CB    . ASP A 1 52 ? 7.307   -11.305 9.672   1.00 93.33  ? 420 ASP A CB    1 
ATOM   268  C CG    . ASP A 1 52 ? 6.023   -11.813 9.025   1.00 94.07  ? 420 ASP A CG    1 
ATOM   269  O OD1   . ASP A 1 52 ? 4.915   -11.541 9.547   1.00 93.68  ? 420 ASP A OD1   1 
ATOM   270  O OD2   . ASP A 1 52 ? 6.130   -12.506 7.990   1.00 94.47  ? 420 ASP A OD2   1 
ATOM   271  N N     . LYS A 1 53 ? 9.419   -9.340  10.715  1.00 93.70  ? 421 LYS A N     1 
ATOM   272  C CA    . LYS A 1 53 ? 10.700  -9.108  11.386  1.00 94.32  ? 421 LYS A CA    1 
ATOM   273  C C     . LYS A 1 53 ? 10.709  -7.898  12.319  1.00 93.75  ? 421 LYS A C     1 
ATOM   274  O O     . LYS A 1 53 ? 11.370  -7.929  13.356  1.00 93.78  ? 421 LYS A O     1 
ATOM   275  C CB    . LYS A 1 53 ? 11.825  -8.956  10.348  1.00 94.85  ? 421 LYS A CB    1 
ATOM   276  C CG    . LYS A 1 53 ? 12.170  -10.259 9.622   1.00 95.93  ? 421 LYS A CG    1 
ATOM   277  C CD    . LYS A 1 53 ? 13.080  -10.029 8.411   1.00 95.90  ? 421 LYS A CD    1 
ATOM   278  C CE    . LYS A 1 53 ? 13.421  -11.350 7.707   1.00 96.04  ? 421 LYS A CE    1 
ATOM   279  N NZ    . LYS A 1 53 ? 14.151  -11.124 6.421   1.00 95.88  ? 421 LYS A NZ    1 
ATOM   280  N N     . GLU A 1 54 ? 9.967   -6.851  11.964  1.00 93.40  ? 422 GLU A N     1 
ATOM   281  C CA    . GLU A 1 54 ? 10.030  -5.580  12.695  1.00 93.25  ? 422 GLU A CA    1 
ATOM   282  C C     . GLU A 1 54 ? 8.737   -5.088  13.357  1.00 93.01  ? 422 GLU A C     1 
ATOM   283  O O     . GLU A 1 54 ? 8.808   -4.312  14.306  1.00 92.80  ? 422 GLU A O     1 
ATOM   284  C CB    . GLU A 1 54 ? 10.541  -4.478  11.753  1.00 93.28  ? 422 GLU A CB    1 
ATOM   285  C CG    . GLU A 1 54 ? 11.895  -4.763  11.100  1.00 93.93  ? 422 GLU A CG    1 
ATOM   286  C CD    . GLU A 1 54 ? 13.070  -4.768  12.080  1.00 95.26  ? 422 GLU A CD    1 
ATOM   287  O OE1   . GLU A 1 54 ? 12.873  -4.563  13.301  1.00 95.13  ? 422 GLU A OE1   1 
ATOM   288  O OE2   . GLU A 1 54 ? 14.210  -4.976  11.616  1.00 96.45  ? 422 GLU A OE2   1 
ATOM   289  N N     . GLU A 1 55 ? 7.570   -5.514  12.878  1.00 93.24  ? 423 GLU A N     1 
ATOM   290  C CA    . GLU A 1 55 ? 6.302   -4.991  13.412  1.00 93.38  ? 423 GLU A CA    1 
ATOM   291  C C     . GLU A 1 55 ? 5.317   -6.058  13.882  1.00 93.27  ? 423 GLU A C     1 
ATOM   292  O O     . GLU A 1 55 ? 4.110   -5.815  13.922  1.00 93.16  ? 423 GLU A O     1 
ATOM   293  C CB    . GLU A 1 55 ? 5.636   -4.087  12.367  1.00 93.94  ? 423 GLU A CB    1 
ATOM   294  C CG    . GLU A 1 55 ? 6.552   -2.992  11.823  1.00 94.90  ? 423 GLU A CG    1 
ATOM   295  C CD    . GLU A 1 55 ? 7.109   -2.096  12.920  1.00 96.57  ? 423 GLU A CD    1 
ATOM   296  O OE1   . GLU A 1 55 ? 6.489   -2.035  14.002  1.00 96.48  ? 423 GLU A OE1   1 
ATOM   297  O OE2   . GLU A 1 55 ? 8.165   -1.456  12.701  1.00 98.42  ? 423 GLU A OE2   1 
ATOM   298  N N     . GLY A 1 56 ? 5.839   -7.224  14.261  1.00 93.47  ? 424 GLY A N     1 
ATOM   299  C CA    . GLY A 1 56 ? 5.013   -8.331  14.741  1.00 93.47  ? 424 GLY A CA    1 
ATOM   300  C C     . GLY A 1 56 ? 3.958   -8.774  13.745  1.00 93.42  ? 424 GLY A C     1 
ATOM   301  O O     . GLY A 1 56 ? 2.819   -9.046  14.119  1.00 94.42  ? 424 GLY A O     1 
ATOM   302  N N     . GLY A 1 57 ? 4.345   -8.832  12.473  1.00 92.93  ? 425 GLY A N     1 
ATOM   303  C CA    . GLY A 1 57 ? 3.461   -9.254  11.387  1.00 92.62  ? 425 GLY A CA    1 
ATOM   304  C C     . GLY A 1 57 ? 2.238   -8.388  11.120  1.00 92.43  ? 425 GLY A C     1 
ATOM   305  O O     . GLY A 1 57 ? 1.266   -8.862  10.522  1.00 92.58  ? 425 GLY A O     1 
ATOM   306  N N     . ASP A 1 58 ? 2.280   -7.121  11.532  1.00 91.94  ? 426 ASP A N     1 
ATOM   307  C CA    . ASP A 1 58 ? 1.129   -6.229  11.363  1.00 91.28  ? 426 ASP A CA    1 
ATOM   308  C C     . ASP A 1 58 ? 1.204   -5.517  10.019  1.00 90.46  ? 426 ASP A C     1 
ATOM   309  O O     . ASP A 1 58 ? 1.609   -4.362  9.926   1.00 90.22  ? 426 ASP A O     1 
ATOM   310  C CB    . ASP A 1 58 ? 1.036   -5.222  12.519  1.00 91.43  ? 426 ASP A CB    1 
ATOM   311  C CG    . ASP A 1 58 ? -0.332  -4.554  12.606  1.00 91.25  ? 426 ASP A CG    1 
ATOM   312  O OD1   . ASP A 1 58 ? -1.124  -4.641  11.644  1.00 91.15  ? 426 ASP A OD1   1 
ATOM   313  O OD2   . ASP A 1 58 ? -0.619  -3.937  13.650  1.00 91.76  ? 426 ASP A OD2   1 
ATOM   314  N N     . VAL A 1 59 ? 0.798   -6.226  8.975   1.00 89.81  ? 427 VAL A N     1 
ATOM   315  C CA    . VAL A 1 59 ? 0.852   -5.703  7.618   1.00 88.41  ? 427 VAL A CA    1 
ATOM   316  C C     . VAL A 1 59 ? -0.082  -4.505  7.465   1.00 88.31  ? 427 VAL A C     1 
ATOM   317  O O     . VAL A 1 59 ? 0.303   -3.476  6.909   1.00 85.90  ? 427 VAL A O     1 
ATOM   318  C CB    . VAL A 1 59 ? 0.493   -6.799  6.575   1.00 88.01  ? 427 VAL A CB    1 
ATOM   319  C CG1   . VAL A 1 59 ? 0.459   -6.216  5.175   1.00 87.20  ? 427 VAL A CG1   1 
ATOM   320  C CG2   . VAL A 1 59 ? 1.486   -7.952  6.644   1.00 86.14  ? 427 VAL A CG2   1 
ATOM   321  N N     . LYS A 1 60 ? -1.302  -4.642  7.975   1.00 89.62  ? 428 LYS A N     1 
ATOM   322  C CA    . LYS A 1 60 ? -2.308  -3.585  7.876   1.00 90.81  ? 428 LYS A CA    1 
ATOM   323  C C     . LYS A 1 60 ? -1.790  -2.254  8.419   1.00 91.00  ? 428 LYS A C     1 
ATOM   324  O O     . LYS A 1 60 ? -1.828  -1.247  7.716   1.00 90.98  ? 428 LYS A O     1 
ATOM   325  C CB    . LYS A 1 60 ? -3.595  -3.995  8.597   1.00 91.03  ? 428 LYS A CB    1 
ATOM   326  C CG    . LYS A 1 60 ? -4.680  -2.922  8.629   1.00 91.43  ? 428 LYS A CG    1 
ATOM   327  C CD    . LYS A 1 60 ? -6.019  -3.490  9.088   1.00 92.00  ? 428 LYS A CD    1 
ATOM   328  C CE    . LYS A 1 60 ? -7.074  -2.392  9.259   1.00 92.49  ? 428 LYS A CE    1 
ATOM   329  N NZ    . LYS A 1 60 ? -8.423  -2.907  9.687   1.00 92.13  ? 428 LYS A NZ    1 
ATOM   330  N N     . ALA A 1 61 ? -1.296  -2.266  9.658   1.00 91.27  ? 429 ALA A N     1 
ATOM   331  C CA    . ALA A 1 61 ? -0.793  -1.053  10.313  1.00 91.33  ? 429 ALA A CA    1 
ATOM   332  C C     . ALA A 1 61 ? 0.389   -0.476  9.559   1.00 91.04  ? 429 ALA A C     1 
ATOM   333  O O     . ALA A 1 61 ? 0.510   0.742   9.425   1.00 91.03  ? 429 ALA A O     1 
ATOM   334  C CB    . ALA A 1 61 ? -0.404  -1.336  11.763  1.00 91.64  ? 429 ALA A CB    1 
ATOM   335  N N     . VAL A 1 62 ? 1.262   -1.362  9.082   1.00 90.52  ? 430 VAL A N     1 
ATOM   336  C CA    . VAL A 1 62 ? 2.405   -0.975  8.267   1.00 90.12  ? 430 VAL A CA    1 
ATOM   337  C C     . VAL A 1 62 ? 1.959   -0.313  6.956   1.00 90.85  ? 430 VAL A C     1 
ATOM   338  O O     . VAL A 1 62 ? 2.372   0.812   6.683   1.00 91.51  ? 430 VAL A O     1 
ATOM   339  C CB    . VAL A 1 62 ? 3.325   -2.181  7.983   1.00 89.89  ? 430 VAL A CB    1 
ATOM   340  C CG1   . VAL A 1 62 ? 4.369   -1.847  6.928   1.00 88.85  ? 430 VAL A CG1   1 
ATOM   341  C CG2   . VAL A 1 62 ? 3.991   -2.639  9.268   1.00 88.67  ? 430 VAL A CG2   1 
ATOM   342  N N     . CYS A 1 63 ? 1.115   -0.979  6.157   1.00 91.66  ? 431 CYS A N     1 
ATOM   343  C CA    A CYS A 1 63 ? 0.628   -0.413  4.887   0.50 91.20  ? 431 CYS A CA    1 
ATOM   344  C CA    B CYS A 1 63 ? 0.678   -0.379  4.887   0.50 92.70  ? 431 CYS A CA    1 
ATOM   345  C C     . CYS A 1 63 ? -0.245  0.821   5.111   1.00 91.58  ? 431 CYS A C     1 
ATOM   346  O O     . CYS A 1 63 ? -0.240  1.753   4.318   1.00 91.64  ? 431 CYS A O     1 
ATOM   347  C CB    A CYS A 1 63 ? -0.160  -1.453  4.085   0.50 90.74  ? 431 CYS A CB    1 
ATOM   348  C CB    B CYS A 1 63 ? 0.075   -1.404  3.918   0.50 93.09  ? 431 CYS A CB    1 
ATOM   349  S SG    A CYS A 1 63 ? 0.805   -2.868  3.496   0.50 89.20  ? 431 CYS A SG    1 
ATOM   350  S SG    B CYS A 1 63 ? -1.316  -2.349  4.522   0.50 97.43  ? 431 CYS A SG    1 
ATOM   351  N N     . LEU A 1 64 ? -1.015  0.817   6.192   1.00 91.79  ? 432 LEU A N     1 
ATOM   352  C CA    . LEU A 1 64 ? -1.834  1.986   6.524   1.00 91.69  ? 432 LEU A CA    1 
ATOM   353  C C     . LEU A 1 64 ? -0.922  3.196   6.769   1.00 91.65  ? 432 LEU A C     1 
ATOM   354  O O     . LEU A 1 64 ? -1.157  4.277   6.228   1.00 90.80  ? 432 LEU A O     1 
ATOM   355  C CB    . LEU A 1 64 ? -2.683  1.731   7.770   1.00 91.89  ? 432 LEU A CB    1 
ATOM   356  C CG    . LEU A 1 64 ? -3.375  2.960   8.379   1.00 92.25  ? 432 LEU A CG    1 
ATOM   357  C CD1   . LEU A 1 64 ? -4.310  3.599   7.366   1.00 91.71  ? 432 LEU A CD1   1 
ATOM   358  C CD2   . LEU A 1 64 ? -4.110  2.599   9.659   1.00 91.39  ? 432 LEU A CD2   1 
ATOM   359  N N     . THR A 1 65 ? 0.115   2.992   7.584   1.00 91.47  ? 433 THR A N     1 
ATOM   360  C CA    . THR A 1 65 ? 1.052   4.056   7.958   1.00 91.17  ? 433 THR A CA    1 
ATOM   361  C C     . THR A 1 65 ? 1.924   4.500   6.784   1.00 91.22  ? 433 THR A C     1 
ATOM   362  O O     . THR A 1 65 ? 2.184   5.694   6.632   1.00 90.52  ? 433 THR A O     1 
ATOM   363  C CB    . THR A 1 65 ? 1.936   3.637   9.161   1.00 91.45  ? 433 THR A CB    1 
ATOM   364  O OG1   . THR A 1 65 ? 1.096   3.277   10.265  1.00 90.21  ? 433 THR A OG1   1 
ATOM   365  C CG2   . THR A 1 65 ? 2.868   4.775   9.591   1.00 90.58  ? 433 THR A CG2   1 
ATOM   366  N N     . LEU A 1 66 ? 2.379   3.550   5.969   1.00 91.50  ? 434 LEU A N     1 
ATOM   367  C CA    . LEU A 1 66 ? 3.122   3.881   4.752   1.00 91.92  ? 434 LEU A CA    1 
ATOM   368  C C     . LEU A 1 66 ? 2.289   4.811   3.893   1.00 91.72  ? 434 LEU A C     1 
ATOM   369  O O     . LEU A 1 66 ? 2.774   5.842   3.423   1.00 91.65  ? 434 LEU A O     1 
ATOM   370  C CB    . LEU A 1 66 ? 3.443   2.634   3.920   1.00 92.84  ? 434 LEU A CB    1 
ATOM   371  C CG    . LEU A 1 66 ? 4.629   1.758   4.319   1.00 94.42  ? 434 LEU A CG    1 
ATOM   372  C CD1   . LEU A 1 66 ? 4.666   0.507   3.435   1.00 93.92  ? 434 LEU A CD1   1 
ATOM   373  C CD2   . LEU A 1 66 ? 5.937   2.553   4.218   1.00 94.47  ? 434 LEU A CD2   1 
ATOM   374  N N     . PHE A 1 67 ? 1.034   4.428   3.687   1.00 91.19  ? 435 PHE A N     1 
ATOM   375  C CA    . PHE A 1 67 ? 0.134   5.205   2.864   1.00 91.43  ? 435 PHE A CA    1 
ATOM   376  C C     . PHE A 1 67 ? -0.120  6.581   3.485   1.00 91.44  ? 435 PHE A C     1 
ATOM   377  O O     . PHE A 1 67 ? -0.019  7.592   2.794   1.00 91.37  ? 435 PHE A O     1 
ATOM   378  C CB    . PHE A 1 67 ? -1.171  4.435   2.611   1.00 91.38  ? 435 PHE A CB    1 
ATOM   379  C CG    . PHE A 1 67 ? -2.145  5.164   1.721   1.00 91.44  ? 435 PHE A CG    1 
ATOM   380  C CD1   . PHE A 1 67 ? -3.461  5.357   2.118   1.00 91.56  ? 435 PHE A CD1   1 
ATOM   381  C CD2   . PHE A 1 67 ? -1.740  5.682   0.500   1.00 91.18  ? 435 PHE A CD2   1 
ATOM   382  C CE1   . PHE A 1 67 ? -4.355  6.032   1.305   1.00 91.01  ? 435 PHE A CE1   1 
ATOM   383  C CE2   . PHE A 1 67 ? -2.627  6.368   -0.308  1.00 90.79  ? 435 PHE A CE2   1 
ATOM   384  C CZ    . PHE A 1 67 ? -3.935  6.542   0.092   1.00 90.60  ? 435 PHE A CZ    1 
ATOM   385  N N     . LEU A 1 68 ? -0.434  6.615   4.779   1.00 91.48  ? 436 LEU A N     1 
ATOM   386  C CA    . LEU A 1 68 ? -0.649  7.881   5.494   1.00 92.08  ? 436 LEU A CA    1 
ATOM   387  C C     . LEU A 1 68 ? 0.556   8.810   5.396   1.00 92.31  ? 436 LEU A C     1 
ATOM   388  O O     . LEU A 1 68 ? 0.415   9.982   5.048   1.00 93.17  ? 436 LEU A O     1 
ATOM   389  C CB    . LEU A 1 68 ? -0.990  7.640   6.973   1.00 91.51  ? 436 LEU A CB    1 
ATOM   390  C CG    . LEU A 1 68 ? -2.421  7.191   7.268   1.00 91.14  ? 436 LEU A CG    1 
ATOM   391  C CD1   . LEU A 1 68 ? -2.582  6.859   8.735   1.00 89.91  ? 436 LEU A CD1   1 
ATOM   392  C CD2   . LEU A 1 68 ? -3.423  8.254   6.845   1.00 90.29  ? 436 LEU A CD2   1 
ATOM   393  N N     . LEU A 1 69 ? 1.734   8.286   5.714   1.00 92.25  ? 437 LEU A N     1 
ATOM   394  C CA    . LEU A 1 69 ? 2.971   9.063   5.609   1.00 92.46  ? 437 LEU A CA    1 
ATOM   395  C C     . LEU A 1 69 ? 3.299   9.426   4.151   1.00 91.89  ? 437 LEU A C     1 
ATOM   396  O O     . LEU A 1 69 ? 3.904   10.461  3.891   1.00 92.51  ? 437 LEU A O     1 
ATOM   397  C CB    . LEU A 1 69 ? 4.145   8.321   6.268   1.00 92.38  ? 437 LEU A CB    1 
ATOM   398  C CG    . LEU A 1 69 ? 4.125   8.273   7.802   1.00 92.36  ? 437 LEU A CG    1 
ATOM   399  C CD1   . LEU A 1 69 ? 5.128   7.261   8.322   1.00 93.65  ? 437 LEU A CD1   1 
ATOM   400  C CD2   . LEU A 1 69 ? 4.404   9.637   8.411   1.00 91.87  ? 437 LEU A CD2   1 
ATOM   401  N N     . ALA A 1 70 ? 2.908   8.580   3.203   1.00 91.34  ? 438 ALA A N     1 
ATOM   402  C CA    . ALA A 1 70 ? 3.103   8.894   1.782   1.00 91.28  ? 438 ALA A CA    1 
ATOM   403  C C     . ALA A 1 70 ? 2.208   10.078  1.383   1.00 90.71  ? 438 ALA A C     1 
ATOM   404  O O     . ALA A 1 70 ? 2.628   10.950  0.621   1.00 89.71  ? 438 ALA A O     1 
ATOM   405  C CB    . ALA A 1 70 ? 2.811   7.673   0.899   1.00 90.75  ? 438 ALA A CB    1 
ATOM   406  N N     . LEU A 1 71 ? 0.990   10.103  1.925   1.00 90.59  ? 439 LEU A N     1 
ATOM   407  C CA    . LEU A 1 71 ? 0.043   11.194  1.689   1.00 91.18  ? 439 LEU A CA    1 
ATOM   408  C C     . LEU A 1 71 ? 0.543   12.500  2.283   1.00 90.56  ? 439 LEU A C     1 
ATOM   409  O O     . LEU A 1 71 ? 0.590   13.507  1.589   1.00 90.74  ? 439 LEU A O     1 
ATOM   410  C CB    . LEU A 1 71 ? -1.346  10.873  2.268   1.00 91.09  ? 439 LEU A CB    1 
ATOM   411  C CG    . LEU A 1 71 ? -2.207  9.829   1.549   1.00 90.94  ? 439 LEU A CG    1 
ATOM   412  C CD1   . LEU A 1 71 ? -3.422  9.455   2.391   1.00 89.89  ? 439 LEU A CD1   1 
ATOM   413  C CD2   . LEU A 1 71 ? -2.637  10.317  0.165   1.00 90.31  ? 439 LEU A CD2   1 
ATOM   414  N N     . ARG A 1 72 ? 0.915   12.473  3.563   1.00 90.58  ? 440 ARG A N     1 
ATOM   415  C CA    . ARG A 1 72 ? 1.378   13.681  4.264   1.00 90.66  ? 440 ARG A CA    1 
ATOM   416  C C     . ARG A 1 72 ? 2.717   14.198  3.758   1.00 90.38  ? 440 ARG A C     1 
ATOM   417  O O     . ARG A 1 72 ? 3.000   15.394  3.874   1.00 89.72  ? 440 ARG A O     1 
ATOM   418  C CB    . ARG A 1 72 ? 1.442   13.447  5.771   1.00 90.95  ? 440 ARG A CB    1 
ATOM   419  C CG    . ARG A 1 72 ? 0.086   13.199  6.379   1.00 91.53  ? 440 ARG A CG    1 
ATOM   420  C CD    . ARG A 1 72 ? 0.168   13.080  7.874   1.00 92.23  ? 440 ARG A CD    1 
ATOM   421  N NE    . ARG A 1 72 ? -1.102  12.648  8.450   1.00 92.44  ? 440 ARG A NE    1 
ATOM   422  C CZ    . ARG A 1 72 ? -2.163  13.429  8.636   1.00 92.60  ? 440 ARG A CZ    1 
ATOM   423  N NH1   . ARG A 1 72 ? -2.140  14.710  8.287   1.00 92.44  ? 440 ARG A NH1   1 
ATOM   424  N NH2   . ARG A 1 72 ? -3.263  12.919  9.172   1.00 93.12  ? 440 ARG A NH2   1 
ATOM   425  N N     . ALA A 1 73 ? 3.538   13.303  3.207   1.00 90.34  ? 441 ALA A N     1 
ATOM   426  C CA    . ALA A 1 73 ? 4.794   13.698  2.567   1.00 90.74  ? 441 ALA A CA    1 
ATOM   427  C C     . ALA A 1 73 ? 4.492   14.562  1.337   1.00 91.40  ? 441 ALA A C     1 
ATOM   428  O O     . ALA A 1 73 ? 5.291   15.419  0.951   1.00 91.54  ? 441 ALA A O     1 
ATOM   429  C CB    . ALA A 1 73 ? 5.612   12.474  2.177   1.00 89.84  ? 441 ALA A CB    1 
ATOM   430  N N     . ARG A 1 74 ? 3.324   14.319  0.744   1.00 92.21  ? 442 ARG A N     1 
ATOM   431  C CA    . ARG A 1 74 ? 2.817   15.057  -0.411  1.00 92.75  ? 442 ARG A CA    1 
ATOM   432  C C     . ARG A 1 74 ? 1.860   16.191  -0.034  1.00 92.65  ? 442 ARG A C     1 
ATOM   433  O O     . ARG A 1 74 ? 1.224   16.779  -0.910  1.00 93.13  ? 442 ARG A O     1 
ATOM   434  C CB    . ARG A 1 74 ? 2.056   14.096  -1.321  1.00 93.51  ? 442 ARG A CB    1 
ATOM   435  C CG    . ARG A 1 74 ? 2.916   13.168  -2.138  1.00 94.99  ? 442 ARG A CG    1 
ATOM   436  C CD    . ARG A 1 74 ? 2.065   12.048  -2.695  1.00 96.44  ? 442 ARG A CD    1 
ATOM   437  N NE    . ARG A 1 74 ? 2.262   11.866  -4.130  1.00 98.37  ? 442 ARG A NE    1 
ATOM   438  C CZ    . ARG A 1 74 ? 1.610   12.535  -5.082  1.00 98.18  ? 442 ARG A CZ    1 
ATOM   439  N NH1   . ARG A 1 74 ? 0.708   13.466  -4.774  1.00 98.69  ? 442 ARG A NH1   1 
ATOM   440  N NH2   . ARG A 1 74 ? 1.868   12.272  -6.359  1.00 99.01  ? 442 ARG A NH2   1 
ATOM   441  N N     . ASN A 1 75 ? 1.750   16.487  1.259   1.00 92.48  ? 443 ASN A N     1 
ATOM   442  C CA    . ASN A 1 75 ? 0.860   17.543  1.761   1.00 92.45  ? 443 ASN A CA    1 
ATOM   443  C C     . ASN A 1 75 ? -0.619  17.337  1.481   1.00 92.48  ? 443 ASN A C     1 
ATOM   444  O O     . ASN A 1 75 ? -1.379  18.296  1.357   1.00 92.04  ? 443 ASN A O     1 
ATOM   445  C CB    . ASN A 1 75 ? 1.319   18.914  1.260   1.00 92.30  ? 443 ASN A CB    1 
ATOM   446  C CG    . ASN A 1 75 ? 2.481   19.432  2.040   1.00 92.02  ? 443 ASN A CG    1 
ATOM   447  O OD1   . ASN A 1 75 ? 3.546   19.708  1.489   1.00 91.98  ? 443 ASN A OD1   1 
ATOM   448  N ND2   . ASN A 1 75 ? 2.300   19.535  3.347   1.00 90.98  ? 443 ASN A ND2   1 
ATOM   449  N N     . GLU A 1 76 ? -1.023  16.075  1.417   1.00 92.91  ? 444 GLU A N     1 
ATOM   450  C CA    . GLU A 1 76 ? -2.416  15.715  1.226   1.00 93.45  ? 444 GLU A CA    1 
ATOM   451  C C     . GLU A 1 76 ? -2.981  15.390  2.601   1.00 92.95  ? 444 GLU A C     1 
ATOM   452  O O     . GLU A 1 76 ? -3.410  14.265  2.873   1.00 92.14  ? 444 GLU A O     1 
ATOM   453  C CB    . GLU A 1 76 ? -2.522  14.543  0.254   1.00 94.40  ? 444 GLU A CB    1 
ATOM   454  C CG    . GLU A 1 76 ? -2.154  14.942  -1.174  1.00 96.18  ? 444 GLU A CG    1 
ATOM   455  C CD    . GLU A 1 76 ? -1.768  13.763  -2.041  1.00 98.31  ? 444 GLU A CD    1 
ATOM   456  O OE1   . GLU A 1 76 ? -1.048  12.874  -1.548  1.00 101.60 ? 444 GLU A OE1   1 
ATOM   457  O OE2   . GLU A 1 76 ? -2.167  13.732  -3.226  1.00 101.24 ? 444 GLU A OE2   1 
ATOM   458  N N     . HIS A 1 77 ? -2.958  16.405  3.463   1.00 92.76  ? 445 HIS A N     1 
ATOM   459  C CA    . HIS A 1 77 ? -3.406  16.281  4.848   1.00 93.47  ? 445 HIS A CA    1 
ATOM   460  C C     . HIS A 1 77 ? -4.909  16.011  4.951   1.00 93.48  ? 445 HIS A C     1 
ATOM   461  O O     . HIS A 1 77 ? -5.330  15.187  5.757   1.00 93.83  ? 445 HIS A O     1 
ATOM   462  C CB    . HIS A 1 77 ? -3.020  17.533  5.653   1.00 93.66  ? 445 HIS A CB    1 
ATOM   463  C CG    . HIS A 1 77 ? -1.556  17.623  5.969   1.00 94.17  ? 445 HIS A CG    1 
ATOM   464  N ND1   . HIS A 1 77 ? -0.607  17.960  5.029   1.00 94.73  ? 445 HIS A ND1   1 
ATOM   465  C CD2   . HIS A 1 77 ? -0.883  17.433  7.129   1.00 94.71  ? 445 HIS A CD2   1 
ATOM   466  C CE1   . HIS A 1 77 ? 0.589   17.958  5.592   1.00 94.57  ? 445 HIS A CE1   1 
ATOM   467  N NE2   . HIS A 1 77 ? 0.449   17.642  6.865   1.00 94.70  ? 445 HIS A NE2   1 
ATOM   468  N N     . ARG A 1 78 ? -5.708  16.689  4.130   1.00 93.36  ? 446 ARG A N     1 
ATOM   469  C CA    . ARG A 1 78 ? -7.164  16.491  4.138   1.00 93.40  ? 446 ARG A CA    1 
ATOM   470  C C     . ARG A 1 78 ? -7.566  15.038  3.870   1.00 93.35  ? 446 ARG A C     1 
ATOM   471  O O     . ARG A 1 78 ? -8.403  14.484  4.582   1.00 93.00  ? 446 ARG A O     1 
ATOM   472  C CB    . ARG A 1 78 ? -7.849  17.423  3.136   1.00 93.51  ? 446 ARG A CB    1 
ATOM   473  C CG    . ARG A 1 78 ? -7.955  18.859  3.627   1.00 93.83  ? 446 ARG A CG    1 
ATOM   474  C CD    . ARG A 1 78 ? -8.825  19.687  2.707   1.00 93.86  ? 446 ARG A CD    1 
ATOM   475  N NE    . ARG A 1 78 ? -8.772  21.113  3.022   1.00 93.89  ? 446 ARG A NE    1 
ATOM   476  C CZ    . ARG A 1 78 ? -9.387  22.064  2.321   1.00 93.92  ? 446 ARG A CZ    1 
ATOM   477  N NH1   . ARG A 1 78 ? -10.115 21.752  1.251   1.00 94.16  ? 446 ARG A NH1   1 
ATOM   478  N NH2   . ARG A 1 78 ? -9.273  23.336  2.687   1.00 93.90  ? 446 ARG A NH2   1 
ATOM   479  N N     . GLN A 1 79 ? -6.961  14.432  2.853   1.00 93.39  ? 447 GLN A N     1 
ATOM   480  C CA    . GLN A 1 79 ? -7.214  13.026  2.530   1.00 93.90  ? 447 GLN A CA    1 
ATOM   481  C C     . GLN A 1 79 ? -6.710  12.114  3.650   1.00 93.92  ? 447 GLN A C     1 
ATOM   482  O O     . GLN A 1 79 ? -7.378  11.146  4.019   1.00 94.37  ? 447 GLN A O     1 
ATOM   483  C CB    . GLN A 1 79 ? -6.524  12.633  1.222   1.00 93.82  ? 447 GLN A CB    1 
ATOM   484  C CG    . GLN A 1 79 ? -6.974  13.420  0.003   1.00 94.23  ? 447 GLN A CG    1 
ATOM   485  C CD    . GLN A 1 79 ? -6.175  13.074  -1.244  1.00 94.87  ? 447 GLN A CD    1 
ATOM   486  O OE1   . GLN A 1 79 ? -5.843  13.956  -2.040  1.00 96.03  ? 447 GLN A OE1   1 
ATOM   487  N NE2   . GLN A 1 79 ? -5.852  11.792  -1.417  1.00 94.55  ? 447 GLN A NE2   1 
ATOM   488  N N     . ALA A 1 80 ? -5.528  12.426  4.181   1.00 93.75  ? 448 ALA A N     1 
ATOM   489  C CA    . ALA A 1 80 ? -4.929  11.644  5.260   1.00 93.35  ? 448 ALA A CA    1 
ATOM   490  C C     . ALA A 1 80 ? -5.790  11.693  6.520   1.00 93.48  ? 448 ALA A C     1 
ATOM   491  O O     . ALA A 1 80 ? -5.914  10.693  7.225   1.00 93.48  ? 448 ALA A O     1 
ATOM   492  C CB    . ALA A 1 80 ? -3.522  12.132  5.553   1.00 93.41  ? 448 ALA A CB    1 
ATOM   493  N N     . ASP A 1 81 ? -6.381  12.857  6.792   1.00 93.73  ? 449 ASP A N     1 
ATOM   494  C CA    . ASP A 1 81 ? -7.282  13.030  7.937   1.00 93.62  ? 449 ASP A CA    1 
ATOM   495  C C     . ASP A 1 81 ? -8.553  12.196  7.777   1.00 93.71  ? 449 ASP A C     1 
ATOM   496  O O     . ASP A 1 81 ? -9.041  11.611  8.743   1.00 93.79  ? 449 ASP A O     1 
ATOM   497  C CB    . ASP A 1 81 ? -7.679  14.503  8.108   1.00 93.64  ? 449 ASP A CB    1 
ATOM   498  C CG    . ASP A 1 81 ? -6.513  15.390  8.511   1.00 93.63  ? 449 ASP A CG    1 
ATOM   499  O OD1   . ASP A 1 81 ? -5.351  14.969  8.334   1.00 93.48  ? 449 ASP A OD1   1 
ATOM   500  O OD2   . ASP A 1 81 ? -6.760  16.514  8.995   1.00 92.91  ? 449 ASP A OD2   1 
ATOM   501  N N     . GLU A 1 82 ? -9.087  12.161  6.556   1.00 93.82  ? 450 GLU A N     1 
ATOM   502  C CA    . GLU A 1 82 ? -10.311 11.410  6.259   1.00 94.07  ? 450 GLU A CA    1 
ATOM   503  C C     . GLU A 1 82 ? -10.101 9.901   6.372   1.00 93.90  ? 450 GLU A C     1 
ATOM   504  O O     . GLU A 1 82 ? -10.980 9.187   6.863   1.00 94.39  ? 450 GLU A O     1 
ATOM   505  C CB    . GLU A 1 82 ? -10.852 11.777  4.873   1.00 94.30  ? 450 GLU A CB    1 
ATOM   506  C CG    . GLU A 1 82 ? -11.462 13.180  4.815   1.00 94.82  ? 450 GLU A CG    1 
ATOM   507  C CD    . GLU A 1 82 ? -12.070 13.528  3.461   1.00 94.92  ? 450 GLU A CD    1 
ATOM   508  O OE1   . GLU A 1 82 ? -11.966 12.714  2.518   1.00 94.58  ? 450 GLU A OE1   1 
ATOM   509  O OE2   . GLU A 1 82 ? -12.660 14.626  3.343   1.00 95.98  ? 450 GLU A OE2   1 
ATOM   510  N N     . LEU A 1 83 ? -8.942  9.424   5.922   1.00 93.06  ? 451 LEU A N     1 
ATOM   511  C CA    . LEU A 1 83 ? -8.569  8.019   6.084   1.00 92.50  ? 451 LEU A CA    1 
ATOM   512  C C     . LEU A 1 83 ? -8.368  7.699   7.561   1.00 92.93  ? 451 LEU A C     1 
ATOM   513  O O     . LEU A 1 83 ? -8.664  6.593   8.016   1.00 92.69  ? 451 LEU A O     1 
ATOM   514  C CB    . LEU A 1 83 ? -7.280  7.702   5.320   1.00 92.35  ? 451 LEU A CB    1 
ATOM   515  C CG    . LEU A 1 83 ? -6.671  6.319   5.582   1.00 92.03  ? 451 LEU A CG    1 
ATOM   516  C CD1   . LEU A 1 83 ? -7.689  5.203   5.319   1.00 91.55  ? 451 LEU A CD1   1 
ATOM   517  C CD2   . LEU A 1 83 ? -5.416  6.132   4.749   1.00 91.28  ? 451 LEU A CD2   1 
ATOM   518  N N     . GLU A 1 84 ? -7.852  8.676   8.298   1.00 93.36  ? 452 GLU A N     1 
ATOM   519  C CA    . GLU A 1 84 ? -7.618  8.522   9.724   1.00 94.12  ? 452 GLU A CA    1 
ATOM   520  C C     . GLU A 1 84 ? -8.946  8.554   10.489  1.00 94.36  ? 452 GLU A C     1 
ATOM   521  O O     . GLU A 1 84 ? -9.035  8.042   11.603  1.00 94.68  ? 452 GLU A O     1 
ATOM   522  C CB    . GLU A 1 84 ? -6.661  9.610   10.216  1.00 94.67  ? 452 GLU A CB    1 
ATOM   523  C CG    . GLU A 1 84 ? -5.869  9.222   11.458  1.00 95.93  ? 452 GLU A CG    1 
ATOM   524  C CD    . GLU A 1 84 ? -4.517  9.912   11.534  1.00 96.65  ? 452 GLU A CD    1 
ATOM   525  O OE1   . GLU A 1 84 ? -3.842  10.019  10.489  1.00 98.04  ? 452 GLU A OE1   1 
ATOM   526  O OE2   . GLU A 1 84 ? -4.118  10.321  12.644  1.00 98.54  ? 452 GLU A OE2   1 
ATOM   527  N N     . ALA A 1 85 ? -9.969  9.162   9.888   1.00 94.55  ? 453 ALA A N     1 
ATOM   528  C CA    . ALA A 1 85 ? -11.316 9.160   10.456  1.00 94.46  ? 453 ALA A CA    1 
ATOM   529  C C     . ALA A 1 85 ? -11.968 7.793   10.225  1.00 94.62  ? 453 ALA A C     1 
ATOM   530  O O     . ALA A 1 85 ? -12.657 7.278   11.109  1.00 94.86  ? 453 ALA A O     1 
ATOM   531  C CB    . ALA A 1 85 ? -12.158 10.271  9.842   1.00 94.41  ? 453 ALA A CB    1 
ATOM   532  N N     . ILE A 1 86 ? -11.750 7.219   9.038   1.00 94.11  ? 454 ILE A N     1 
ATOM   533  C CA    . ILE A 1 86 ? -12.251 5.879   8.686   1.00 94.33  ? 454 ILE A CA    1 
ATOM   534  C C     . ILE A 1 86 ? -11.634 4.782   9.561   1.00 94.51  ? 454 ILE A C     1 
ATOM   535  O O     . ILE A 1 86 ? -12.326 3.858   9.989   1.00 94.71  ? 454 ILE A O     1 
ATOM   536  C CB    . ILE A 1 86 ? -11.934 5.520   7.209   1.00 94.46  ? 454 ILE A CB    1 
ATOM   537  C CG1   . ILE A 1 86 ? -12.765 6.362   6.243   1.00 94.28  ? 454 ILE A CG1   1 
ATOM   538  C CG2   . ILE A 1 86 ? -12.204 4.044   6.931   1.00 94.89  ? 454 ILE A CG2   1 
ATOM   539  C CD1   . ILE A 1 86 ? -12.387 6.137   4.788   1.00 93.99  ? 454 ILE A CD1   1 
ATOM   540  N N     . MET A 1 87 ? -10.329 4.879   9.797   1.00 94.82  ? 455 MET A N     1 
ATOM   541  C CA    . MET A 1 87 ? -9.605  3.903   10.612  1.00 95.13  ? 455 MET A CA    1 
ATOM   542  C C     . MET A 1 87 ? -9.560  4.400   12.051  1.00 95.53  ? 455 MET A C     1 
ATOM   543  O O     . MET A 1 87 ? -8.961  5.437   12.329  1.00 96.34  ? 455 MET A O     1 
ATOM   544  C CB    . MET A 1 87 ? -8.175  3.724   10.083  1.00 95.16  ? 455 MET A CB    1 
ATOM   545  C CG    . MET A 1 87 ? -8.081  3.421   8.591   1.00 95.60  ? 455 MET A CG    1 
ATOM   546  S SD    . MET A 1 87 ? -8.751  1.816   8.117   1.00 96.77  ? 455 MET A SD    1 
ATOM   547  C CE    . MET A 1 87 ? -7.497  0.740   8.802   1.00 97.22  ? 455 MET A CE    1 
ATOM   548  N N     . GLN A 1 88 ? -10.202 3.675   12.964  1.00 95.84  ? 456 GLN A N     1 
ATOM   549  C CA    . GLN A 1 88 ? -10.217 4.065   14.379  1.00 96.11  ? 456 GLN A CA    1 
ATOM   550  C C     . GLN A 1 88 ? -10.506 2.895   15.319  1.00 96.35  ? 456 GLN A C     1 
ATOM   551  O O     . GLN A 1 88 ? -9.843  2.742   16.345  1.00 96.34  ? 456 GLN A O     1 
ATOM   552  C CB    . GLN A 1 88 ? -11.193 5.236   14.632  1.00 96.33  ? 456 GLN A CB    1 
ATOM   553  C CG    . GLN A 1 88 ? -12.392 5.371   13.661  1.00 97.07  ? 456 GLN A CG    1 
ATOM   554  C CD    . GLN A 1 88 ? -13.460 4.285   13.803  1.00 97.70  ? 456 GLN A CD    1 
ATOM   555  O OE1   . GLN A 1 88 ? -13.182 3.159   14.214  1.00 98.42  ? 456 GLN A OE1   1 
ATOM   556  N NE2   . GLN A 1 88 ? -14.694 4.628   13.442  1.00 98.16  ? 456 GLN A NE2   1 
ATOM   557  O "O5'" A DA  B 2 1  ? -17.100 -16.065 -1.189  0.50 92.70  ? 1   DA  D "O5'" 1 
ATOM   558  C "C5'" A DA  B 2 1  ? -17.044 -14.672 -0.891  0.50 92.81  ? 1   DA  D "C5'" 1 
ATOM   559  C "C4'" A DA  B 2 1  ? -16.080 -14.383 0.248   0.50 92.86  ? 1   DA  D "C4'" 1 
ATOM   560  O "O4'" A DA  B 2 1  ? -15.947 -15.543 1.107   0.50 92.82  ? 1   DA  D "O4'" 1 
ATOM   561  C "C3'" A DA  B 2 1  ? -14.644 -14.095 -0.161  0.50 93.08  ? 1   DA  D "C3'" 1 
ATOM   562  O "O3'" A DA  B 2 1  ? -14.488 -12.754 -0.615  0.50 93.06  ? 1   DA  D "O3'" 1 
ATOM   563  C "C2'" A DA  B 2 1  ? -13.903 -14.361 1.146   0.50 93.04  ? 1   DA  D "C2'" 1 
ATOM   564  C "C1'" A DA  B 2 1  ? -14.728 -15.456 1.820   0.50 92.65  ? 1   DA  D "C1'" 1 
ATOM   565  P P     A DC  B 2 2  ? -13.310 -12.374 -1.630  0.50 92.83  ? 2   DC  D P     1 
ATOM   566  O OP1   A DC  B 2 2  ? -13.303 -10.900 -1.756  0.50 92.89  ? 2   DC  D OP1   1 
ATOM   567  O OP2   A DC  B 2 2  ? -13.461 -13.220 -2.836  0.50 93.11  ? 2   DC  D OP2   1 
ATOM   568  O "O5'" A DC  B 2 2  ? -11.975 -12.834 -0.876  0.50 92.46  ? 2   DC  D "O5'" 1 
ATOM   569  C "C5'" A DC  B 2 2  ? -11.761 -12.476 0.484   0.50 91.87  ? 2   DC  D "C5'" 1 
ATOM   570  C "C4'" A DC  B 2 2  ? -10.466 -13.029 1.069   0.50 91.54  ? 2   DC  D "C4'" 1 
ATOM   571  O "O4'" A DC  B 2 2  ? -10.763 -14.236 1.821   0.50 90.76  ? 2   DC  D "O4'" 1 
ATOM   572  C "C3'" A DC  B 2 2  ? -9.373  -13.439 0.085   0.50 91.46  ? 2   DC  D "C3'" 1 
ATOM   573  O "O3'" A DC  B 2 2  ? -8.547  -12.335 -0.266  0.50 91.82  ? 2   DC  D "O3'" 1 
ATOM   574  C "C2'" A DC  B 2 2  ? -8.619  -14.488 0.893   0.50 91.13  ? 2   DC  D "C2'" 1 
ATOM   575  C "C1'" A DC  B 2 2  ? -9.763  -15.212 1.594   0.50 90.43  ? 2   DC  D "C1'" 1 
ATOM   576  N N1    A DC  B 2 2  ? -10.310 -16.349 0.773   0.50 89.82  ? 2   DC  D N1    1 
ATOM   577  C C2    A DC  B 2 2  ? -9.723  -17.622 0.864   0.50 89.43  ? 2   DC  D C2    1 
ATOM   578  O O2    A DC  B 2 2  ? -8.762  -17.807 1.622   0.50 89.15  ? 2   DC  D O2    1 
ATOM   579  N N3    A DC  B 2 2  ? -10.228 -18.636 0.110   0.50 89.37  ? 2   DC  D N3    1 
ATOM   580  C C4    A DC  B 2 2  ? -11.264 -18.423 -0.707  0.50 89.54  ? 2   DC  D C4    1 
ATOM   581  N N4    A DC  B 2 2  ? -11.723 -19.453 -1.428  0.50 89.31  ? 2   DC  D N4    1 
ATOM   582  C C5    A DC  B 2 2  ? -11.872 -17.138 -0.819  0.50 89.48  ? 2   DC  D C5    1 
ATOM   583  C C6    A DC  B 2 2  ? -11.370 -16.146 -0.073  0.50 89.67  ? 2   DC  D C6    1 
ATOM   584  P P     A DT  B 2 3  ? -7.501  -12.478 -1.465  0.50 92.51  ? 3   DT  D P     1 
ATOM   585  O OP1   A DT  B 2 3  ? -6.681  -11.250 -1.544  0.50 92.99  ? 3   DT  D OP1   1 
ATOM   586  O OP2   A DT  B 2 3  ? -8.256  -12.931 -2.654  0.50 92.53  ? 3   DT  D OP2   1 
ATOM   587  O "O5'" A DT  B 2 3  ? -6.543  -13.663 -0.981  0.50 92.86  ? 3   DT  D "O5'" 1 
ATOM   588  C "C5'" A DT  B 2 3  ? -5.782  -13.579 0.222   0.50 92.69  ? 3   DT  D "C5'" 1 
ATOM   589  C "C4'" A DT  B 2 3  ? -4.984  -14.854 0.453   0.50 92.73  ? 3   DT  D "C4'" 1 
ATOM   590  O "O4'" A DT  B 2 3  ? -5.877  -15.964 0.717   0.50 92.43  ? 3   DT  D "O4'" 1 
ATOM   591  C "C3'" A DT  B 2 3  ? -4.123  -15.297 -0.725  0.50 92.82  ? 3   DT  D "C3'" 1 
ATOM   592  O "O3'" A DT  B 2 3  ? -2.835  -14.742 -0.574  0.50 93.36  ? 3   DT  D "O3'" 1 
ATOM   593  C "C2'" A DT  B 2 3  ? -4.102  -16.816 -0.617  0.50 92.42  ? 3   DT  D "C2'" 1 
ATOM   594  C "C1'" A DT  B 2 3  ? -5.431  -17.136 0.055   0.50 92.07  ? 3   DT  D "C1'" 1 
ATOM   595  N N1    A DT  B 2 3  ? -6.498  -17.616 -0.895  0.50 91.80  ? 3   DT  D N1    1 
ATOM   596  C C2    A DT  B 2 3  ? -6.575  -18.965 -1.190  0.50 91.61  ? 3   DT  D C2    1 
ATOM   597  O O2    A DT  B 2 3  ? -5.818  -19.800 -0.728  0.50 91.47  ? 3   DT  D O2    1 
ATOM   598  N N3    A DT  B 2 3  ? -7.586  -19.303 -2.059  0.50 91.71  ? 3   DT  D N3    1 
ATOM   599  C C4    A DT  B 2 3  ? -8.510  -18.456 -2.651  0.50 91.55  ? 3   DT  D C4    1 
ATOM   600  O O4    A DT  B 2 3  ? -9.378  -18.862 -3.417  0.50 91.31  ? 3   DT  D O4    1 
ATOM   601  C C5    A DT  B 2 3  ? -8.375  -17.062 -2.303  0.50 91.42  ? 3   DT  D C5    1 
ATOM   602  C C7    A DT  B 2 3  ? -9.313  -16.043 -2.879  0.50 91.22  ? 3   DT  D C7    1 
ATOM   603  C C6    A DT  B 2 3  ? -7.394  -16.718 -1.457  0.50 91.61  ? 3   DT  D C6    1 
ATOM   604  P P     A DT  B 2 4  ? -1.858  -14.591 -1.819  0.50 94.04  ? 4   DT  D P     1 
ATOM   605  O OP1   A DT  B 2 4  ? -0.632  -13.933 -1.315  0.50 94.17  ? 4   DT  D OP1   1 
ATOM   606  O OP2   A DT  B 2 4  ? -2.620  -14.011 -2.941  0.50 94.30  ? 4   DT  D OP2   1 
ATOM   607  O "O5'" A DT  B 2 4  ? -1.537  -16.098 -2.236  0.50 93.76  ? 4   DT  D "O5'" 1 
ATOM   608  C "C5'" A DT  B 2 4  ? -0.680  -16.908 -1.459  0.50 93.61  ? 4   DT  D "C5'" 1 
ATOM   609  C "C4'" A DT  B 2 4  ? -0.656  -18.314 -2.027  0.50 93.61  ? 4   DT  D "C4'" 1 
ATOM   610  O "O4'" A DT  B 2 4  ? -1.987  -18.884 -2.018  0.50 93.27  ? 4   DT  D "O4'" 1 
ATOM   611  C "C3'" A DT  B 2 4  ? -0.197  -18.395 -3.475  0.50 93.85  ? 4   DT  D "C3'" 1 
ATOM   612  O "O3'" A DT  B 2 4  ? 1.219   -18.473 -3.460  0.50 94.75  ? 4   DT  D "O3'" 1 
ATOM   613  C "C2'" A DT  B 2 4  ? -0.900  -19.648 -3.993  0.50 93.40  ? 4   DT  D "C2'" 1 
ATOM   614  C "C1'" A DT  B 2 4  ? -2.145  -19.771 -3.111  0.50 92.72  ? 4   DT  D "C1'" 1 
ATOM   615  N N1    A DT  B 2 4  ? -3.446  -19.457 -3.810  0.50 92.25  ? 4   DT  D N1    1 
ATOM   616  C C2    A DT  B 2 4  ? -4.194  -20.480 -4.374  0.50 91.86  ? 4   DT  D C2    1 
ATOM   617  O O2    A DT  B 2 4  ? -3.871  -21.654 -4.353  0.50 91.65  ? 4   DT  D O2    1 
ATOM   618  N N3    A DT  B 2 4  ? -5.362  -20.076 -4.977  0.50 91.78  ? 4   DT  D N3    1 
ATOM   619  C C4    A DT  B 2 4  ? -5.854  -18.785 -5.073  0.50 92.03  ? 4   DT  D C4    1 
ATOM   620  O O4    A DT  B 2 4  ? -6.916  -18.532 -5.636  0.50 92.09  ? 4   DT  D O4    1 
ATOM   621  C C5    A DT  B 2 4  ? -5.031  -17.766 -4.465  0.50 91.94  ? 4   DT  D C5    1 
ATOM   622  C C7    A DT  B 2 4  ? -5.452  -16.324 -4.499  0.50 91.92  ? 4   DT  D C7    1 
ATOM   623  C C6    A DT  B 2 4  ? -3.888  -18.143 -3.874  0.50 92.01  ? 4   DT  D C6    1 
ATOM   624  P P     A DA  B 2 5  ? 2.112   -18.728 -4.757  0.50 97.17  ? 5   DA  D P     1 
ATOM   625  O OP1   A DA  B 2 5  ? 3.454   -19.056 -4.221  0.50 96.96  ? 5   DA  D OP1   1 
ATOM   626  O OP2   A DA  B 2 5  ? 1.942   -17.602 -5.710  0.50 96.34  ? 5   DA  D OP2   1 
ATOM   627  O "O5'" A DA  B 2 5  ? 1.457   -20.022 -5.436  0.50 96.10  ? 5   DA  D "O5'" 1 
ATOM   628  C "C5'" A DA  B 2 5  ? 1.893   -21.336 -5.101  0.50 95.19  ? 5   DA  D "C5'" 1 
ATOM   629  C "C4'" A DA  B 2 5  ? 1.465   -22.307 -6.183  0.50 94.18  ? 5   DA  D "C4'" 1 
ATOM   630  O "O4'" A DA  B 2 5  ? 0.028   -22.228 -6.336  0.50 93.64  ? 5   DA  D "O4'" 1 
ATOM   631  C "C3'" A DA  B 2 5  ? 2.074   -22.041 -7.554  0.50 93.89  ? 5   DA  D "C3'" 1 
ATOM   632  O "O3'" A DA  B 2 5  ? 2.723   -23.220 -7.999  0.50 94.33  ? 5   DA  D "O3'" 1 
ATOM   633  C "C2'" A DA  B 2 5  ? 0.907   -21.645 -8.457  0.50 93.54  ? 5   DA  D "C2'" 1 
ATOM   634  C "C1'" A DA  B 2 5  ? -0.344  -22.038 -7.681  0.50 92.89  ? 5   DA  D "C1'" 1 
ATOM   635  N N9    A DA  B 2 5  ? -1.400  -21.028 -7.692  0.50 92.69  ? 5   DA  D N9    1 
ATOM   636  C C8    A DA  B 2 5  ? -1.267  -19.692 -7.435  0.50 92.44  ? 5   DA  D C8    1 
ATOM   637  N N7    A DA  B 2 5  ? -2.390  -19.019 -7.514  0.50 92.33  ? 5   DA  D N7    1 
ATOM   638  C C5    A DA  B 2 5  ? -3.332  -19.981 -7.839  0.50 92.40  ? 5   DA  D C5    1 
ATOM   639  C C6    A DA  B 2 5  ? -4.725  -19.916 -8.065  0.50 92.30  ? 5   DA  D C6    1 
ATOM   640  N N6    A DA  B 2 5  ? -5.439  -18.787 -7.993  0.50 92.31  ? 5   DA  D N6    1 
ATOM   641  N N1    A DA  B 2 5  ? -5.367  -21.065 -8.372  0.50 92.54  ? 5   DA  D N1    1 
ATOM   642  C C2    A DA  B 2 5  ? -4.657  -22.202 -8.446  0.50 92.59  ? 5   DA  D C2    1 
ATOM   643  N N3    A DA  B 2 5  ? -3.350  -22.388 -8.254  0.50 92.58  ? 5   DA  D N3    1 
ATOM   644  C C4    A DA  B 2 5  ? -2.737  -21.229 -7.951  0.50 92.69  ? 5   DA  D C4    1 
ATOM   645  P P     A DA  B 2 6  ? 2.967   -23.529 -9.549  0.50 94.82  ? 6   DA  D P     1 
ATOM   646  O OP1   A DA  B 2 6  ? 3.772   -24.761 -9.559  0.50 95.73  ? 6   DA  D OP1   1 
ATOM   647  O OP2   A DA  B 2 6  ? 3.487   -22.312 -10.213 0.50 94.36  ? 6   DA  D OP2   1 
ATOM   648  O "O5'" A DA  B 2 6  ? 1.519   -23.877 -10.134 0.50 94.44  ? 6   DA  D "O5'" 1 
ATOM   649  C "C5'" A DA  B 2 6  ? 0.909   -25.138 -9.871  0.50 93.34  ? 6   DA  D "C5'" 1 
ATOM   650  C "C4'" A DA  B 2 6  ? -0.238  -25.397 -10.831 0.50 93.05  ? 6   DA  D "C4'" 1 
ATOM   651  O "O4'" A DA  B 2 6  ? -1.231  -24.349 -10.717 0.50 92.76  ? 6   DA  D "O4'" 1 
ATOM   652  C "C3'" A DA  B 2 6  ? 0.138   -25.458 -12.306 0.50 92.23  ? 6   DA  D "C3'" 1 
ATOM   653  O "O3'" A DA  B 2 6  ? -0.426  -26.637 -12.858 0.50 91.79  ? 6   DA  D "O3'" 1 
ATOM   654  C "C2'" A DA  B 2 6  ? -0.441  -24.180 -12.914 0.50 92.44  ? 6   DA  D "C2'" 1 
ATOM   655  C "C1'" A DA  B 2 6  ? -1.611  -23.873 -11.993 0.50 92.36  ? 6   DA  D "C1'" 1 
ATOM   656  N N9    A DA  B 2 6  ? -1.961  -22.468 -11.781 0.50 92.54  ? 6   DA  D N9    1 
ATOM   657  C C8    A DA  B 2 6  ? -1.134  -21.454 -11.379 0.50 92.15  ? 6   DA  D C8    1 
ATOM   658  N N7    A DA  B 2 6  ? -1.738  -20.298 -11.240 0.50 91.94  ? 6   DA  D N7    1 
ATOM   659  C C5    A DA  B 2 6  ? -3.059  -20.570 -11.563 0.50 92.31  ? 6   DA  D C5    1 
ATOM   660  C C6    A DA  B 2 6  ? -4.221  -19.764 -11.614 0.50 92.18  ? 6   DA  D C6    1 
ATOM   661  N N6    A DA  B 2 6  ? -4.231  -18.458 -11.321 0.50 92.03  ? 6   DA  D N6    1 
ATOM   662  N N1    A DA  B 2 6  ? -5.382  -20.353 -11.981 0.50 92.26  ? 6   DA  D N1    1 
ATOM   663  C C2    A DA  B 2 6  ? -5.376  -21.662 -12.275 0.50 92.46  ? 6   DA  D C2    1 
ATOM   664  N N3    A DA  B 2 6  ? -4.351  -22.519 -12.262 0.50 92.22  ? 6   DA  D N3    1 
ATOM   665  C C4    A DA  B 2 6  ? -3.213  -21.906 -11.893 0.50 92.26  ? 6   DA  D C4    1 
ATOM   666  P P     A DC  B 2 7  ? -0.069  -27.078 -14.349 0.50 92.39  ? 7   DC  D P     1 
ATOM   667  O OP1   A DC  B 2 7  ? -0.187  -28.555 -14.402 0.50 91.81  ? 7   DC  D OP1   1 
ATOM   668  O OP2   A DC  B 2 7  ? 1.192   -26.407 -14.731 0.50 92.00  ? 7   DC  D OP2   1 
ATOM   669  O "O5'" A DC  B 2 7  ? -1.248  -26.423 -15.204 0.50 92.10  ? 7   DC  D "O5'" 1 
ATOM   670  C "C5'" A DC  B 2 7  ? -2.548  -26.996 -15.140 0.50 92.20  ? 7   DC  D "C5'" 1 
ATOM   671  C "C4'" A DC  B 2 7  ? -3.533  -26.203 -15.970 0.50 91.85  ? 7   DC  D "C4'" 1 
ATOM   672  O "O4'" A DC  B 2 7  ? -3.597  -24.856 -15.453 0.50 91.58  ? 7   DC  D "O4'" 1 
ATOM   673  C "C3'" A DC  B 2 7  ? -3.184  -26.077 -17.452 0.50 92.16  ? 7   DC  D "C3'" 1 
ATOM   674  O "O3'" A DC  B 2 7  ? -4.261  -26.605 -18.215 0.50 92.52  ? 7   DC  D "O3'" 1 
ATOM   675  C "C2'" A DC  B 2 7  ? -2.944  -24.576 -17.657 0.50 92.07  ? 7   DC  D "C2'" 1 
ATOM   676  C "C1'" A DC  B 2 7  ? -3.743  -23.951 -16.521 0.50 91.51  ? 7   DC  D "C1'" 1 
ATOM   677  N N1    A DC  B 2 7  ? -3.302  -22.602 -16.009 0.50 91.42  ? 7   DC  D N1    1 
ATOM   678  C C2    A DC  B 2 7  ? -4.199  -21.511 -15.956 0.50 91.13  ? 7   DC  D C2    1 
ATOM   679  O O2    A DC  B 2 7  ? -5.360  -21.630 -16.360 0.50 90.36  ? 7   DC  D O2    1 
ATOM   680  N N3    A DC  B 2 7  ? -3.760  -20.319 -15.470 0.50 90.97  ? 7   DC  D N3    1 
ATOM   681  C C4    A DC  B 2 7  ? -2.502  -20.191 -15.037 0.50 91.12  ? 7   DC  D C4    1 
ATOM   682  N N4    A DC  B 2 7  ? -2.116  -19.000 -14.568 0.50 91.21  ? 7   DC  D N4    1 
ATOM   683  C C5    A DC  B 2 7  ? -1.583  -21.283 -15.066 0.50 90.81  ? 7   DC  D C5    1 
ATOM   684  C C6    A DC  B 2 7  ? -2.021  -22.454 -15.547 0.50 91.15  ? 7   DC  D C6    1 
ATOM   685  P P     A DA  B 2 8  ? -4.095  -27.044 -19.743 0.50 92.84  ? 8   DA  D P     1 
ATOM   686  O OP1   A DA  B 2 8  ? -4.918  -28.247 -19.996 0.50 92.45  ? 8   DA  D OP1   1 
ATOM   687  O OP2   A DA  B 2 8  ? -2.657  -27.016 -20.091 0.50 94.47  ? 8   DA  D OP2   1 
ATOM   688  O "O5'" A DA  B 2 8  ? -4.768  -25.796 -20.457 0.50 94.04  ? 8   DA  D "O5'" 1 
ATOM   689  C "C5'" A DA  B 2 8  ? -4.780  -24.592 -19.712 0.50 93.93  ? 8   DA  D "C5'" 1 
ATOM   690  C "C4'" A DA  B 2 8  ? -5.917  -23.702 -20.151 0.50 93.64  ? 8   DA  D "C4'" 1 
ATOM   691  O "O4'" A DA  B 2 8  ? -5.920  -22.549 -19.276 0.50 93.62  ? 8   DA  D "O4'" 1 
ATOM   692  C "C3'" A DA  B 2 8  ? -5.783  -23.197 -21.582 0.50 93.80  ? 8   DA  D "C3'" 1 
ATOM   693  O "O3'" A DA  B 2 8  ? -6.993  -23.340 -22.306 0.50 94.27  ? 8   DA  D "O3'" 1 
ATOM   694  C "C2'" A DA  B 2 8  ? -5.376  -21.731 -21.434 0.50 93.65  ? 8   DA  D "C2'" 1 
ATOM   695  C "C1'" A DA  B 2 8  ? -5.746  -21.347 -20.001 0.50 93.38  ? 8   DA  D "C1'" 1 
ATOM   696  N N9    A DA  B 2 8  ? -4.731  -20.546 -19.305 0.50 93.42  ? 8   DA  D N9    1 
ATOM   697  C C8    A DA  B 2 8  ? -3.432  -20.923 -19.099 0.50 93.20  ? 8   DA  D C8    1 
ATOM   698  N N7    A DA  B 2 8  ? -2.710  -20.041 -18.449 0.50 92.75  ? 8   DA  D N7    1 
ATOM   699  C C5    A DA  B 2 8  ? -3.590  -19.005 -18.201 0.50 93.29  ? 8   DA  D C5    1 
ATOM   700  C C6    A DA  B 2 8  ? -3.441  -17.761 -17.534 0.50 93.35  ? 8   DA  D C6    1 
ATOM   701  N N6    A DA  B 2 8  ? -2.293  -17.345 -16.988 0.50 93.39  ? 8   DA  D N6    1 
ATOM   702  N N1    A DA  B 2 8  ? -4.514  -16.943 -17.450 0.50 93.04  ? 8   DA  D N1    1 
ATOM   703  C C2    A DA  B 2 8  ? -5.696  -17.325 -17.997 0.50 92.85  ? 8   DA  D C2    1 
ATOM   704  N N3    A DA  B 2 8  ? -5.934  -18.484 -18.635 0.50 92.90  ? 8   DA  D N3    1 
ATOM   705  C C4    A DA  B 2 8  ? -4.849  -19.292 -18.716 0.50 93.29  ? 8   DA  D C4    1 
ATOM   706  P P     A DA  B 2 9  ? -6.895  -23.364 -23.903 0.50 95.68  ? 9   DA  D P     1 
ATOM   707  O OP1   A DA  B 2 9  ? -7.933  -24.288 -24.418 0.50 94.83  ? 9   DA  D OP1   1 
ATOM   708  O OP2   A DA  B 2 9  ? -5.465  -23.541 -24.258 0.50 95.54  ? 9   DA  D OP2   1 
ATOM   709  O "O5'" A DA  B 2 9  ? -7.297  -21.874 -24.314 0.50 94.78  ? 9   DA  D "O5'" 1 
ATOM   710  C "C5'" A DA  B 2 9  ? -8.489  -21.305 -23.813 0.50 93.61  ? 9   DA  D "C5'" 1 
ATOM   711  C "C4'" A DA  B 2 9  ? -8.384  -19.796 -23.833 0.50 93.37  ? 9   DA  D "C4'" 1 
ATOM   712  O "O4'" A DA  B 2 9  ? -7.390  -19.354 -22.874 0.50 92.79  ? 9   DA  D "O4'" 1 
ATOM   713  C "C3'" A DA  B 2 9  ? -7.957  -19.196 -25.174 0.50 93.30  ? 9   DA  D "C3'" 1 
ATOM   714  O "O3'" A DA  B 2 9  ? -8.884  -18.190 -25.531 0.50 93.93  ? 9   DA  D "O3'" 1 
ATOM   715  C "C2'" A DA  B 2 9  ? -6.574  -18.622 -24.889 0.50 92.58  ? 9   DA  D "C2'" 1 
ATOM   716  C "C1'" A DA  B 2 9  ? -6.759  -18.225 -23.434 0.50 92.12  ? 9   DA  D "C1'" 1 
ATOM   717  N N9    A DA  B 2 9  ? -5.527  -17.901 -22.713 0.50 91.72  ? 9   DA  D N9    1 
ATOM   718  C C8    A DA  B 2 9  ? -4.334  -18.564 -22.759 0.50 91.40  ? 9   DA  D C8    1 
ATOM   719  N N7    A DA  B 2 9  ? -3.407  -18.029 -22.006 0.50 91.09  ? 9   DA  D N7    1 
ATOM   720  C C5    A DA  B 2 9  ? -4.031  -16.940 -21.429 0.50 91.35  ? 9   DA  D C5    1 
ATOM   721  C C6    A DA  B 2 9  ? -3.589  -15.953 -20.524 0.50 91.58  ? 9   DA  D C6    1 
ATOM   722  N N6    A DA  B 2 9  ? -2.348  -15.920 -20.026 0.50 91.25  ? 9   DA  D N6    1 
ATOM   723  N N1    A DA  B 2 9  ? -4.472  -14.998 -20.144 0.50 91.61  ? 9   DA  D N1    1 
ATOM   724  C C2    A DA  B 2 9  ? -5.714  -15.032 -20.641 0.50 91.35  ? 9   DA  D C2    1 
ATOM   725  N N3    A DA  B 2 9  ? -6.241  -15.910 -21.494 0.50 91.65  ? 9   DA  D N3    1 
ATOM   726  C C4    A DA  B 2 9  ? -5.341  -16.845 -21.854 0.50 91.28  ? 9   DA  D C4    1 
ATOM   727  P P     A DA  B 2 10 ? -9.095  -17.760 -27.051 0.50 94.53  ? 10  DA  D P     1 
ATOM   728  O OP1   A DA  B 2 10 ? -10.470 -18.145 -27.437 0.50 93.01  ? 10  DA  D OP1   1 
ATOM   729  O OP2   A DA  B 2 10 ? -7.936  -18.206 -27.861 0.50 93.26  ? 10  DA  D OP2   1 
ATOM   730  O "O5'" A DA  B 2 10 ? -9.009  -16.170 -26.901 0.50 94.93  ? 10  DA  D "O5'" 1 
ATOM   731  C "C5'" A DA  B 2 10 ? -9.864  -15.521 -25.970 0.50 95.48  ? 10  DA  D "C5'" 1 
ATOM   732  C "C4'" A DA  B 2 10 ? -9.281  -14.202 -25.505 0.50 95.80  ? 10  DA  D "C4'" 1 
ATOM   733  O "O4'" A DA  B 2 10 ? -8.112  -14.424 -24.678 0.50 96.32  ? 10  DA  D "O4'" 1 
ATOM   734  C "C3'" A DA  B 2 10 ? -8.813  -13.291 -26.630 0.50 96.22  ? 10  DA  D "C3'" 1 
ATOM   735  O "O3'" A DA  B 2 10 ? -9.087  -11.950 -26.288 0.50 98.17  ? 10  DA  D "O3'" 1 
ATOM   736  C "C2'" A DA  B 2 10 ? -7.321  -13.568 -26.696 0.50 95.75  ? 10  DA  D "C2'" 1 
ATOM   737  C "C1'" A DA  B 2 10 ? -7.042  -13.654 -25.202 0.50 95.21  ? 10  DA  D "C1'" 1 
ATOM   738  N N9    A DA  B 2 10 ? -5.769  -14.267 -24.862 0.50 93.93  ? 10  DA  D N9    1 
ATOM   739  C C8    A DA  B 2 10 ? -5.239  -15.415 -25.374 0.50 93.86  ? 10  DA  D C8    1 
ATOM   740  N N7    A DA  B 2 10 ? -4.064  -15.719 -24.883 0.50 94.35  ? 10  DA  D N7    1 
ATOM   741  C C5    A DA  B 2 10 ? -3.813  -14.692 -23.984 0.50 94.35  ? 10  DA  D C5    1 
ATOM   742  C C6    A DA  B 2 10 ? -2.731  -14.425 -23.126 0.50 94.03  ? 10  DA  D C6    1 
ATOM   743  N N6    A DA  B 2 10 ? -1.658  -15.218 -23.046 0.50 94.34  ? 10  DA  D N6    1 
ATOM   744  N N1    A DA  B 2 10 ? -2.796  -13.315 -22.358 0.50 94.01  ? 10  DA  D N1    1 
ATOM   745  C C2    A DA  B 2 10 ? -3.873  -12.522 -22.440 0.50 94.09  ? 10  DA  D C2    1 
ATOM   746  N N3    A DA  B 2 10 ? -4.954  -12.671 -23.207 0.50 94.99  ? 10  DA  D N3    1 
ATOM   747  C C4    A DA  B 2 10 ? -4.857  -13.786 -23.961 0.50 94.74  ? 10  DA  D C4    1 
ATOM   748  P P     A DA  B 2 11 ? -8.967  -10.858 -27.442 0.50 100.41 ? 11  DA  D P     1 
ATOM   749  O OP1   A DA  B 2 11 ? -10.222 -10.874 -28.234 0.50 98.04  ? 11  DA  D OP1   1 
ATOM   750  O OP2   A DA  B 2 11 ? -7.651  -11.113 -28.086 0.50 98.68  ? 11  DA  D OP2   1 
ATOM   751  O "O5'" A DA  B 2 11 ? -8.920  -9.460  -26.655 0.50 97.97  ? 11  DA  D "O5'" 1 
ATOM   752  C "C5'" A DA  B 2 11 ? -8.444  -9.367  -25.312 0.50 96.00  ? 11  DA  D "C5'" 1 
ATOM   753  C "C4'" A DA  B 2 11 ? -7.036  -8.799  -25.223 0.50 94.46  ? 11  DA  D "C4'" 1 
ATOM   754  O "O4'" A DA  B 2 11 ? -6.070  -9.866  -25.138 0.50 93.60  ? 11  DA  D "O4'" 1 
ATOM   755  C "C3'" A DA  B 2 11 ? -6.565  -7.913  -26.379 0.50 93.63  ? 11  DA  D "C3'" 1 
ATOM   756  O "O3'" A DA  B 2 11 ? -6.429  -6.611  -25.842 0.50 93.58  ? 11  DA  D "O3'" 1 
ATOM   757  C "C2'" A DA  B 2 11 ? -5.233  -8.512  -26.844 0.50 93.12  ? 11  DA  D "C2'" 1 
ATOM   758  C "C1'" A DA  B 2 11 ? -4.852  -9.375  -25.650 0.50 92.22  ? 11  DA  D "C1'" 1 
ATOM   759  N N9    A DA  B 2 11 ? -4.050  -10.558 -25.903 0.50 91.44  ? 11  DA  D N9    1 
ATOM   760  C C8    A DA  B 2 11 ? -4.387  -11.639 -26.660 0.50 91.22  ? 11  DA  D C8    1 
ATOM   761  N N7    A DA  B 2 11 ? -3.467  -12.570 -26.682 0.50 92.16  ? 11  DA  D N7    1 
ATOM   762  C C5    A DA  B 2 11 ? -2.463  -12.073 -25.861 0.50 92.30  ? 11  DA  D C5    1 
ATOM   763  C C6    A DA  B 2 11 ? -1.203  -12.575 -25.456 0.50 91.61  ? 11  DA  D C6    1 
ATOM   764  N N6    A DA  B 2 11 ? -0.700  -13.755 -25.831 0.50 90.86  ? 11  DA  D N6    1 
ATOM   765  N N1    A DA  B 2 11 ? -0.467  -11.799 -24.638 0.50 90.92  ? 11  DA  D N1    1 
ATOM   766  C C2    A DA  B 2 11 ? -0.941  -10.613 -24.242 0.50 91.24  ? 11  DA  D C2    1 
ATOM   767  N N3    A DA  B 2 11 ? -2.096  -10.038 -24.546 0.50 91.00  ? 11  DA  D N3    1 
ATOM   768  C C4    A DA  B 2 11 ? -2.814  -10.827 -25.369 0.50 92.42  ? 11  DA  D C4    1 
ATOM   769  P P     A DA  B 2 12 ? -6.293  -5.326  -26.772 0.50 94.02  ? 12  DA  D P     1 
ATOM   770  O OP1   A DA  B 2 12 ? -6.832  -4.171  -26.017 0.50 93.81  ? 12  DA  D OP1   1 
ATOM   771  O OP2   A DA  B 2 12 ? -6.834  -5.636  -28.117 0.50 93.73  ? 12  DA  D OP2   1 
ATOM   772  O "O5'" A DA  B 2 12 ? -4.701  -5.203  -26.870 0.50 93.02  ? 12  DA  D "O5'" 1 
ATOM   773  C "C5'" A DA  B 2 12 ? -3.949  -4.908  -25.698 0.50 93.02  ? 12  DA  D "C5'" 1 
ATOM   774  C "C4'" A DA  B 2 12 ? -2.454  -4.933  -25.972 0.50 93.13  ? 12  DA  D "C4'" 1 
ATOM   775  O "O4'" A DA  B 2 12 ? -1.998  -6.305  -26.088 0.50 92.63  ? 12  DA  D "O4'" 1 
ATOM   776  C "C3'" A DA  B 2 12 ? -2.012  -4.227  -27.257 0.50 93.28  ? 12  DA  D "C3'" 1 
ATOM   777  O "O3'" A DA  B 2 12 ? -0.964  -3.309  -26.987 0.50 93.87  ? 12  DA  D "O3'" 1 
ATOM   778  C "C2'" A DA  B 2 12 ? -1.537  -5.357  -28.164 0.50 92.85  ? 12  DA  D "C2'" 1 
ATOM   779  C "C1'" A DA  B 2 12 ? -1.061  -6.380  -27.142 0.50 92.85  ? 12  DA  D "C1'" 1 
ATOM   780  N N9    A DA  B 2 12 ? -1.006  -7.765  -27.608 0.50 93.09  ? 12  DA  D N9    1 
ATOM   781  C C8    A DA  B 2 12 ? -1.901  -8.413  -28.417 0.50 92.62  ? 12  DA  D C8    1 
ATOM   782  N N7    A DA  B 2 12 ? -1.588  -9.665  -28.655 0.50 93.11  ? 12  DA  D N7    1 
ATOM   783  C C5    A DA  B 2 12 ? -0.407  -9.857  -27.952 0.50 93.35  ? 12  DA  D C5    1 
ATOM   784  C C6    A DA  B 2 12 ? 0.449   -10.973 -27.787 0.50 93.08  ? 12  DA  D C6    1 
ATOM   785  N N6    A DA  B 2 12 ? 0.220   -12.160 -28.352 0.50 92.18  ? 12  DA  D N6    1 
ATOM   786  N N1    A DA  B 2 12 ? 1.553   -10.821 -27.013 0.50 92.25  ? 12  DA  D N1    1 
ATOM   787  C C2    A DA  B 2 12 ? 1.781   -9.630  -26.447 0.50 92.27  ? 12  DA  D C2    1 
ATOM   788  N N3    A DA  B 2 12 ? 1.054   -8.513  -26.525 0.50 92.32  ? 12  DA  D N3    1 
ATOM   789  C C4    A DA  B 2 12 ? -0.035  -8.692  -27.296 0.50 93.20  ? 12  DA  D C4    1 
ATOM   790  P P     A DC  B 2 13 ? -0.592  -2.213  -28.085 0.50 94.43  ? 13  DC  D P     1 
ATOM   791  O OP1   A DC  B 2 13 ? -0.235  -0.960  -27.383 0.50 94.38  ? 13  DC  D OP1   1 
ATOM   792  O OP2   A DC  B 2 13 ? -1.685  -2.216  -29.085 0.50 94.62  ? 13  DC  D OP2   1 
ATOM   793  O "O5'" A DC  B 2 13 ? 0.702   -2.847  -28.791 0.50 94.92  ? 13  DC  D "O5'" 1 
ATOM   794  C "C5'" A DC  B 2 13 ? 2.031   -2.524  -28.379 0.50 94.81  ? 13  DC  D "C5'" 1 
ATOM   795  C "C4'" A DC  B 2 13 ? 2.901   -3.759  -28.192 0.50 94.71  ? 13  DC  D "C4'" 1 
ATOM   796  O "O4'" A DC  B 2 13 ? 2.125   -4.977  -28.046 0.50 94.57  ? 13  DC  D "O4'" 1 
ATOM   797  C "C3'" A DC  B 2 13 ? 3.807   -4.136  -29.355 0.50 94.43  ? 13  DC  D "C3'" 1 
ATOM   798  O "O3'" A DC  B 2 13 ? 4.871   -3.207  -29.568 0.50 94.19  ? 13  DC  D "O3'" 1 
ATOM   799  C "C2'" A DC  B 2 13 ? 4.288   -5.492  -28.850 0.50 94.58  ? 13  DC  D "C2'" 1 
ATOM   800  C "C1'" A DC  B 2 13 ? 3.042   -6.056  -28.161 0.50 94.61  ? 13  DC  D "C1'" 1 
ATOM   801  N N1    A DC  B 2 13 ? 2.465   -7.238  -28.911 0.50 95.22  ? 13  DC  D N1    1 
ATOM   802  C C2    A DC  B 2 13 ? 3.049   -8.506  -28.723 0.50 95.12  ? 13  DC  D C2    1 
ATOM   803  O O2    A DC  B 2 13 ? 4.007   -8.633  -27.948 0.50 95.11  ? 13  DC  D O2    1 
ATOM   804  N N3    A DC  B 2 13 ? 2.548   -9.576  -29.396 0.50 94.80  ? 13  DC  D N3    1 
ATOM   805  C C4    A DC  B 2 13 ? 1.517   -9.430  -30.228 0.50 94.73  ? 13  DC  D C4    1 
ATOM   806  N N4    A DC  B 2 13 ? 1.075   -10.526 -30.853 0.50 94.46  ? 13  DC  D N4    1 
ATOM   807  C C5    A DC  B 2 13 ? 0.905   -8.151  -30.442 0.50 95.02  ? 13  DC  D C5    1 
ATOM   808  C C6    A DC  B 2 13 ? 1.406   -7.098  -29.777 0.50 94.94  ? 13  DC  D C6    1 
ATOM   809  P P     A DC  B 2 14 ? 5.517   -3.102  -31.030 0.50 95.38  ? 14  DC  D P     1 
ATOM   810  O OP1   A DC  B 2 14 ? 5.378   -1.704  -31.491 0.50 95.11  ? 14  DC  D OP1   1 
ATOM   811  O OP2   A DC  B 2 14 ? 4.939   -4.193  -31.846 0.50 95.69  ? 14  DC  D OP2   1 
ATOM   812  O "O5'" A DC  B 2 14 ? 7.074   -3.417  -30.811 0.50 95.13  ? 14  DC  D "O5'" 1 
ATOM   813  C "C5'" A DC  B 2 14 ? 7.518   -4.490  -29.978 0.50 95.04  ? 14  DC  D "C5'" 1 
ATOM   814  C "C4'" A DC  B 2 14 ? 8.222   -5.598  -30.754 0.50 94.99  ? 14  DC  D "C4'" 1 
ATOM   815  O "O4'" A DC  B 2 14 ? 7.577   -6.870  -30.469 0.50 95.64  ? 14  DC  D "O4'" 1 
ATOM   816  C "C3'" A DC  B 2 14 ? 8.194   -5.539  -32.276 0.50 95.17  ? 14  DC  D "C3'" 1 
ATOM   817  O "O3'" A DC  B 2 14 ? 9.161   -4.631  -32.804 0.50 95.77  ? 14  DC  D "O3'" 1 
ATOM   818  C "C2'" A DC  B 2 14 ? 8.512   -6.987  -32.638 0.50 95.36  ? 14  DC  D "C2'" 1 
ATOM   819  C "C1'" A DC  B 2 14 ? 7.851   -7.788  -31.516 0.50 95.59  ? 14  DC  D "C1'" 1 
ATOM   820  N N1    A DC  B 2 14 ? 6.590   -8.498  -31.960 0.50 95.60  ? 14  DC  D N1    1 
ATOM   821  C C2    A DC  B 2 14 ? 6.633   -9.860  -32.326 0.50 95.32  ? 14  DC  D C2    1 
ATOM   822  O O2    A DC  B 2 14 ? 7.698   -10.493 -32.282 0.50 95.43  ? 14  DC  D O2    1 
ATOM   823  N N3    A DC  B 2 14 ? 5.487   -10.472 -32.721 0.50 95.16  ? 14  DC  D N3    1 
ATOM   824  C C4    A DC  B 2 14 ? 4.338   -9.794  -32.769 0.50 95.84  ? 14  DC  D C4    1 
ATOM   825  N N4    A DC  B 2 14 ? 3.246   -10.454 -33.168 0.50 95.44  ? 14  DC  D N4    1 
ATOM   826  C C5    A DC  B 2 14 ? 4.265   -8.409  -32.408 0.50 95.87  ? 14  DC  D C5    1 
ATOM   827  C C6    A DC  B 2 14 ? 5.401   -7.811  -32.018 0.50 95.81  ? 14  DC  D C6    1 
ATOM   828  O "O5'" B DT  C 3 1  ? -1.052  -18.838 -37.000 0.50 93.31  ? 1   DT  E "O5'" 1 
ATOM   829  C "C5'" B DT  C 3 1  ? -0.522  -20.041 -37.555 0.50 93.61  ? 1   DT  E "C5'" 1 
ATOM   830  C "C4'" B DT  C 3 1  ? 0.998   -20.036 -37.574 0.50 93.79  ? 1   DT  E "C4'" 1 
ATOM   831  O "O4'" B DT  C 3 1  ? 1.490   -18.902 -38.337 0.50 94.22  ? 1   DT  E "O4'" 1 
ATOM   832  C "C3'" B DT  C 3 1  ? 1.678   -19.859 -36.228 0.50 94.13  ? 1   DT  E "C3'" 1 
ATOM   833  O "O3'" B DT  C 3 1  ? 1.654   -21.055 -35.442 0.50 94.18  ? 1   DT  E "O3'" 1 
ATOM   834  C "C2'" B DT  C 3 1  ? 3.065   -19.444 -36.708 0.50 94.28  ? 1   DT  E "C2'" 1 
ATOM   835  C "C1'" B DT  C 3 1  ? 2.745   -18.477 -37.840 0.50 93.07  ? 1   DT  E "C1'" 1 
ATOM   836  P P     B DG  C 3 2  ? 1.808   -20.971 -33.846 0.50 95.56  ? 2   DG  E P     1 
ATOM   837  O OP1   B DG  C 3 2  ? 1.796   -22.346 -33.300 0.50 95.72  ? 2   DG  E OP1   1 
ATOM   838  O OP2   B DG  C 3 2  ? 0.838   -19.971 -33.350 0.50 95.18  ? 2   DG  E OP2   1 
ATOM   839  O "O5'" B DG  C 3 2  ? 3.277   -20.372 -33.631 0.50 93.52  ? 2   DG  E "O5'" 1 
ATOM   840  C "C5'" B DG  C 3 2  ? 4.378   -20.920 -34.335 0.50 91.68  ? 2   DG  E "C5'" 1 
ATOM   841  C "C4'" B DG  C 3 2  ? 5.674   -20.172 -34.068 0.50 90.74  ? 2   DG  E "C4'" 1 
ATOM   842  O "O4'" B DG  C 3 2  ? 5.801   -19.066 -35.004 0.50 88.22  ? 2   DG  E "O4'" 1 
ATOM   843  C "C3'" B DG  C 3 2  ? 5.819   -19.538 -32.688 0.50 90.00  ? 2   DG  E "C3'" 1 
ATOM   844  O "O3'" B DG  C 3 2  ? 6.242   -20.488 -31.724 0.50 91.89  ? 2   DG  E "O3'" 1 
ATOM   845  C "C2'" B DG  C 3 2  ? 6.868   -18.474 -32.987 0.50 89.25  ? 2   DG  E "C2'" 1 
ATOM   846  C "C1'" B DG  C 3 2  ? 6.371   -17.956 -34.335 0.50 87.31  ? 2   DG  E "C1'" 1 
ATOM   847  N N9    B DG  C 3 2  ? 5.353   -16.922 -34.187 0.50 86.23  ? 2   DG  E N9    1 
ATOM   848  C C8    B DG  C 3 2  ? 3.990   -17.078 -34.295 0.50 85.86  ? 2   DG  E C8    1 
ATOM   849  N N7    B DG  C 3 2  ? 3.322   -15.977 -34.100 0.50 85.68  ? 2   DG  E N7    1 
ATOM   850  C C5    B DG  C 3 2  ? 4.303   -15.031 -33.842 0.50 85.80  ? 2   DG  E C5    1 
ATOM   851  C C6    B DG  C 3 2  ? 4.175   -13.647 -33.558 0.50 86.20  ? 2   DG  E C6    1 
ATOM   852  O O6    B DG  C 3 2  ? 3.134   -12.980 -33.482 0.50 85.83  ? 2   DG  E O6    1 
ATOM   853  N N1    B DG  C 3 2  ? 5.417   -13.042 -33.352 0.50 86.31  ? 2   DG  E N1    1 
ATOM   854  C C2    B DG  C 3 2  ? 6.631   -13.699 -33.417 0.50 86.24  ? 2   DG  E C2    1 
ATOM   855  N N2    B DG  C 3 2  ? 7.720   -12.951 -33.185 0.50 86.38  ? 2   DG  E N2    1 
ATOM   856  N N3    B DG  C 3 2  ? 6.760   -14.998 -33.685 0.50 85.23  ? 2   DG  E N3    1 
ATOM   857  C C4    B DG  C 3 2  ? 5.560   -15.597 -33.884 0.50 85.16  ? 2   DG  E C4    1 
ATOM   858  P P     B DG  C 3 3  ? 6.035   -20.230 -30.163 0.50 91.42  ? 3   DG  E P     1 
ATOM   859  O OP1   B DG  C 3 3  ? 6.741   -21.281 -29.403 0.50 95.07  ? 3   DG  E OP1   1 
ATOM   860  O OP2   B DG  C 3 3  ? 4.591   -20.044 -29.946 0.50 93.45  ? 3   DG  E OP2   1 
ATOM   861  O "O5'" B DG  C 3 3  ? 6.813   -18.860 -29.896 0.50 93.31  ? 3   DG  E "O5'" 1 
ATOM   862  C "C5'" B DG  C 3 3  ? 8.242   -18.817 -29.808 0.50 93.40  ? 3   DG  E "C5'" 1 
ATOM   863  C "C4'" B DG  C 3 3  ? 8.743   -17.405 -29.545 0.50 93.86  ? 3   DG  E "C4'" 1 
ATOM   864  O "O4'" B DG  C 3 3  ? 8.158   -16.490 -30.503 0.50 94.40  ? 3   DG  E "O4'" 1 
ATOM   865  C "C3'" B DG  C 3 3  ? 8.372   -16.797 -28.197 0.50 94.70  ? 3   DG  E "C3'" 1 
ATOM   866  O "O3'" B DG  C 3 3  ? 9.281   -17.151 -27.174 0.50 95.40  ? 3   DG  E "O3'" 1 
ATOM   867  C "C2'" B DG  C 3 3  ? 8.450   -15.303 -28.483 0.50 94.45  ? 3   DG  E "C2'" 1 
ATOM   868  C "C1'" B DG  C 3 3  ? 7.927   -15.224 -29.904 0.50 94.44  ? 3   DG  E "C1'" 1 
ATOM   869  N N9    B DG  C 3 3  ? 6.505   -14.882 -29.978 0.50 94.87  ? 3   DG  E N9    1 
ATOM   870  C C8    B DG  C 3 3  ? 5.457   -15.705 -30.315 0.50 94.57  ? 3   DG  E C8    1 
ATOM   871  N N7    B DG  C 3 3  ? 4.303   -15.105 -30.307 0.50 94.65  ? 3   DG  E N7    1 
ATOM   872  C C5    B DG  C 3 3  ? 4.597   -13.799 -29.943 0.50 94.63  ? 3   DG  E C5    1 
ATOM   873  C C6    B DG  C 3 3  ? 3.737   -12.683 -29.761 0.50 94.78  ? 3   DG  E C6    1 
ATOM   874  O O6    B DG  C 3 3  ? 2.507   -12.636 -29.905 0.50 94.95  ? 3   DG  E O6    1 
ATOM   875  N N1    B DG  C 3 3  ? 4.436   -11.532 -29.389 0.50 94.31  ? 3   DG  E N1    1 
ATOM   876  C C2    B DG  C 3 3  ? 5.802   -11.473 -29.209 0.50 94.46  ? 3   DG  E C2    1 
ATOM   877  N N2    B DG  C 3 3  ? 6.293   -10.278 -28.850 0.50 94.49  ? 3   DG  E N2    1 
ATOM   878  N N3    B DG  C 3 3  ? 6.619   -12.515 -29.372 0.50 94.52  ? 3   DG  E N3    1 
ATOM   879  C C4    B DG  C 3 3  ? 5.952   -13.642 -29.739 0.50 94.65  ? 3   DG  E C4    1 
ATOM   880  P P     B DT  C 3 4  ? 8.728   -17.328 -25.690 0.50 96.56  ? 4   DT  E P     1 
ATOM   881  O OP1   B DT  C 3 4  ? 9.728   -18.088 -24.909 0.50 98.22  ? 4   DT  E OP1   1 
ATOM   882  O OP2   B DT  C 3 4  ? 7.338   -17.804 -25.825 0.50 97.43  ? 4   DT  E OP2   1 
ATOM   883  O "O5'" B DT  C 3 4  ? 8.629   -15.851 -25.094 0.50 95.56  ? 4   DT  E "O5'" 1 
ATOM   884  C "C5'" B DT  C 3 4  ? 9.709   -14.935 -25.073 0.50 94.62  ? 4   DT  E "C5'" 1 
ATOM   885  C "C4'" B DT  C 3 4  ? 9.136   -13.537 -24.920 0.50 94.44  ? 4   DT  E "C4'" 1 
ATOM   886  O "O4'" B DT  C 3 4  ? 8.207   -13.296 -26.005 0.50 93.58  ? 4   DT  E "O4'" 1 
ATOM   887  C "C3'" B DT  C 3 4  ? 8.320   -13.309 -23.652 0.50 94.45  ? 4   DT  E "C3'" 1 
ATOM   888  O "O3'" B DT  C 3 4  ? 9.148   -12.845 -22.608 0.50 95.43  ? 4   DT  E "O3'" 1 
ATOM   889  C "C2'" B DT  C 3 4  ? 7.294   -12.260 -24.071 0.50 94.09  ? 4   DT  E "C2'" 1 
ATOM   890  C "C1'" B DT  C 3 4  ? 7.166   -12.428 -25.585 0.50 93.08  ? 4   DT  E "C1'" 1 
ATOM   891  N N1    B DT  C 3 4  ? 5.825   -12.970 -26.011 0.50 92.44  ? 4   DT  E N1    1 
ATOM   892  C C2    B DT  C 3 4  ? 4.773   -12.092 -26.220 0.50 91.68  ? 4   DT  E C2    1 
ATOM   893  O O2    B DT  C 3 4  ? 4.852   -10.885 -26.090 0.50 91.58  ? 4   DT  E O2    1 
ATOM   894  N N3    B DT  C 3 4  ? 3.594   -12.684 -26.600 0.50 91.85  ? 4   DT  E N3    1 
ATOM   895  C C4    B DT  C 3 4  ? 3.361   -14.034 -26.792 0.50 92.08  ? 4   DT  E C4    1 
ATOM   896  O O4    B DT  C 3 4  ? 2.263   -14.456 -27.139 0.50 92.89  ? 4   DT  E O4    1 
ATOM   897  C C5    B DT  C 3 4  ? 4.494   -14.900 -26.559 0.50 91.96  ? 4   DT  E C5    1 
ATOM   898  C C7    B DT  C 3 4  ? 4.363   -16.386 -26.737 0.50 91.59  ? 4   DT  E C7    1 
ATOM   899  C C6    B DT  C 3 4  ? 5.652   -14.336 -26.181 0.50 92.05  ? 4   DT  E C6    1 
ATOM   900  P P     B DT  C 3 5  ? 8.722   -13.007 -21.072 0.50 98.09  ? 5   DT  E P     1 
ATOM   901  O OP1   B DT  C 3 5  ? 9.945   -12.757 -20.273 0.50 96.80  ? 5   DT  E OP1   1 
ATOM   902  O OP2   B DT  C 3 5  ? 7.948   -14.261 -20.907 0.50 96.87  ? 5   DT  E OP2   1 
ATOM   903  O "O5'" B DT  C 3 5  ? 7.709   -11.796 -20.837 0.50 95.70  ? 5   DT  E "O5'" 1 
ATOM   904  C "C5'" B DT  C 3 5  ? 8.084   -10.466 -21.158 0.50 94.20  ? 5   DT  E "C5'" 1 
ATOM   905  C "C4'" B DT  C 3 5  ? 6.872   -9.580  -20.973 0.50 93.17  ? 5   DT  E "C4'" 1 
ATOM   906  O "O4'" B DT  C 3 5  ? 5.877   -9.957  -21.959 0.50 92.93  ? 5   DT  E "O4'" 1 
ATOM   907  C "C3'" B DT  C 3 5  ? 6.199   -9.719  -19.613 0.50 92.97  ? 5   DT  E "C3'" 1 
ATOM   908  O "O3'" B DT  C 3 5  ? 5.813   -8.455  -19.112 0.50 93.25  ? 5   DT  E "O3'" 1 
ATOM   909  C "C2'" B DT  C 3 5  ? 4.984   -10.596 -19.895 0.50 92.63  ? 5   DT  E "C2'" 1 
ATOM   910  C "C1'" B DT  C 3 5  ? 4.639   -10.227 -21.335 0.50 91.79  ? 5   DT  E "C1'" 1 
ATOM   911  N N1    B DT  C 3 5  ? 3.922   -11.299 -22.106 0.50 91.40  ? 5   DT  E N1    1 
ATOM   912  C C2    B DT  C 3 5  ? 2.786   -10.991 -22.853 0.50 91.62  ? 5   DT  E C2    1 
ATOM   913  O O2    B DT  C 3 5  ? 2.290   -9.883  -22.944 0.50 91.40  ? 5   DT  E O2    1 
ATOM   914  N N3    B DT  C 3 5  ? 2.221   -12.055 -23.513 0.50 90.35  ? 5   DT  E N3    1 
ATOM   915  C C4    B DT  C 3 5  ? 2.657   -13.365 -23.505 0.50 90.89  ? 5   DT  E C4    1 
ATOM   916  O O4    B DT  C 3 5  ? 2.067   -14.231 -24.136 0.50 91.35  ? 5   DT  E O4    1 
ATOM   917  C C5    B DT  C 3 5  ? 3.847   -13.622 -22.715 0.50 91.08  ? 5   DT  E C5    1 
ATOM   918  C C7    B DT  C 3 5  ? 4.429   -15.001 -22.627 0.50 91.52  ? 5   DT  E C7    1 
ATOM   919  C C6    B DT  C 3 5  ? 4.415   -12.594 -22.069 0.50 90.59  ? 5   DT  E C6    1 
ATOM   920  P P     B DT  C 3 6  ? 5.124   -8.327  -17.677 0.50 92.54  ? 6   DT  E P     1 
ATOM   921  O OP1   B DT  C 3 6  ? 5.683   -7.091  -17.109 0.50 94.31  ? 6   DT  E OP1   1 
ATOM   922  O OP2   B DT  C 3 6  ? 5.231   -9.608  -16.944 0.50 92.85  ? 6   DT  E OP2   1 
ATOM   923  O "O5'" B DT  C 3 6  ? 3.594   -8.047  -18.017 0.50 92.62  ? 6   DT  E "O5'" 1 
ATOM   924  C "C5'" B DT  C 3 6  ? 3.286   -7.060  -18.983 0.50 92.07  ? 6   DT  E "C5'" 1 
ATOM   925  C "C4'" B DT  C 3 6  ? 1.794   -7.012  -19.226 0.50 91.96  ? 6   DT  E "C4'" 1 
ATOM   926  O "O4'" B DT  C 3 6  ? 1.387   -8.178  -19.984 0.50 91.68  ? 6   DT  E "O4'" 1 
ATOM   927  C "C3'" B DT  C 3 6  ? 0.933   -7.010  -17.968 0.50 91.40  ? 6   DT  E "C3'" 1 
ATOM   928  O "O3'" B DT  C 3 6  ? -0.084  -6.035  -18.112 0.50 90.98  ? 6   DT  E "O3'" 1 
ATOM   929  C "C2'" B DT  C 3 6  ? 0.387   -8.435  -17.896 0.50 91.69  ? 6   DT  E "C2'" 1 
ATOM   930  C "C1'" B DT  C 3 6  ? 0.265   -8.781  -19.372 0.50 91.98  ? 6   DT  E "C1'" 1 
ATOM   931  N N1    B DT  C 3 6  ? 0.293   -10.240 -19.750 0.50 92.52  ? 6   DT  E N1    1 
ATOM   932  C C2    B DT  C 3 6  ? -0.723  -10.750 -20.539 0.50 91.80  ? 6   DT  E C2    1 
ATOM   933  O O2    B DT  C 3 6  ? -1.666  -10.088 -20.923 0.50 91.53  ? 6   DT  E O2    1 
ATOM   934  N N3    B DT  C 3 6  ? -0.604  -12.080 -20.854 0.50 92.01  ? 6   DT  E N3    1 
ATOM   935  C C4    B DT  C 3 6  ? 0.412   -12.942 -20.472 0.50 92.50  ? 6   DT  E C4    1 
ATOM   936  O O4    B DT  C 3 6  ? 0.416   -14.124 -20.816 0.50 92.73  ? 6   DT  E O4    1 
ATOM   937  C C5    B DT  C 3 6  ? 1.449   -12.349 -19.653 0.50 91.66  ? 6   DT  E C5    1 
ATOM   938  C C7    B DT  C 3 6  ? 2.603   -13.175 -19.174 0.50 91.60  ? 6   DT  E C7    1 
ATOM   939  C C6    B DT  C 3 6  ? 1.345   -11.048 -19.337 0.50 91.98  ? 6   DT  E C6    1 
ATOM   940  P P     B DT  C 3 7  ? -0.868  -5.513  -16.825 0.50 91.72  ? 7   DT  E P     1 
ATOM   941  O OP1   B DT  C 3 7  ? -1.097  -4.060  -17.002 0.50 90.96  ? 7   DT  E OP1   1 
ATOM   942  O OP2   B DT  C 3 7  ? -0.185  -6.040  -15.623 0.50 90.93  ? 7   DT  E OP2   1 
ATOM   943  O "O5'" B DT  C 3 7  ? -2.267  -6.265  -16.962 0.50 92.04  ? 7   DT  E "O5'" 1 
ATOM   944  C "C5'" B DT  C 3 7  ? -3.078  -5.983  -18.095 0.50 92.61  ? 7   DT  E "C5'" 1 
ATOM   945  C "C4'" B DT  C 3 7  ? -4.096  -7.080  -18.317 0.50 92.51  ? 7   DT  E "C4'" 1 
ATOM   946  O "O4'" B DT  C 3 7  ? -3.414  -8.318  -18.600 0.50 92.48  ? 7   DT  E "O4'" 1 
ATOM   947  C "C3'" B DT  C 3 7  ? -4.999  -7.380  -17.123 0.50 92.99  ? 7   DT  E "C3'" 1 
ATOM   948  O "O3'" B DT  C 3 7  ? -6.318  -6.963  -17.446 0.50 93.74  ? 7   DT  E "O3'" 1 
ATOM   949  C "C2'" B DT  C 3 7  ? -4.862  -8.894  -16.914 0.50 92.82  ? 7   DT  E "C2'" 1 
ATOM   950  C "C1'" B DT  C 3 7  ? -4.295  -9.357  -18.246 0.50 92.23  ? 7   DT  E "C1'" 1 
ATOM   951  N N1    B DT  C 3 7  ? -3.526  -10.653 -18.265 0.50 92.25  ? 7   DT  E N1    1 
ATOM   952  C C2    B DT  C 3 7  ? -3.963  -11.709 -19.053 0.50 91.45  ? 7   DT  E C2    1 
ATOM   953  O O2    B DT  C 3 7  ? -4.963  -11.682 -19.743 0.50 91.31  ? 7   DT  E O2    1 
ATOM   954  N N3    B DT  C 3 7  ? -3.180  -12.831 -19.002 0.50 91.35  ? 7   DT  E N3    1 
ATOM   955  C C4    B DT  C 3 7  ? -2.021  -13.008 -18.268 0.50 91.78  ? 7   DT  E C4    1 
ATOM   956  O O4    B DT  C 3 7  ? -1.397  -14.064 -18.303 0.50 91.82  ? 7   DT  E O4    1 
ATOM   957  C C5    B DT  C 3 7  ? -1.612  -11.870 -17.474 0.50 91.44  ? 7   DT  E C5    1 
ATOM   958  C C7    B DT  C 3 7  ? -0.372  -11.936 -16.635 0.50 91.74  ? 7   DT  E C7    1 
ATOM   959  C C6    B DT  C 3 7  ? -2.369  -10.763 -17.512 0.50 91.83  ? 7   DT  E C6    1 
ATOM   960  P P     B DT  C 3 8  ? -7.325  -6.440  -16.323 0.50 94.52  ? 8   DT  E P     1 
ATOM   961  O OP1   B DT  C 3 8  ? -8.091  -5.290  -16.854 0.50 94.37  ? 8   DT  E OP1   1 
ATOM   962  O OP2   B DT  C 3 8  ? -6.581  -6.329  -15.048 0.50 95.30  ? 8   DT  E OP2   1 
ATOM   963  O "O5'" B DT  C 3 8  ? -8.290  -7.701  -16.221 0.50 94.60  ? 8   DT  E "O5'" 1 
ATOM   964  C "C5'" B DT  C 3 8  ? -7.793  -8.905  -16.777 0.50 94.01  ? 8   DT  E "C5'" 1 
ATOM   965  C "C4'" B DT  C 3 8  ? -8.885  -9.941  -16.901 0.50 93.72  ? 8   DT  E "C4'" 1 
ATOM   966  O "O4'" B DT  C 3 8  ? -8.276  -11.106 -17.495 0.50 93.55  ? 8   DT  E "O4'" 1 
ATOM   967  C "C3'" B DT  C 3 8  ? -9.507  -10.357 -15.571 0.50 93.69  ? 8   DT  E "C3'" 1 
ATOM   968  O "O3'" B DT  C 3 8  ? -10.889 -10.016 -15.526 0.50 93.95  ? 8   DT  E "O3'" 1 
ATOM   969  C "C2'" B DT  C 3 8  ? -9.295  -11.867 -15.483 0.50 93.60  ? 8   DT  E "C2'" 1 
ATOM   970  C "C1'" B DT  C 3 8  ? -8.367  -12.229 -16.642 0.50 93.11  ? 8   DT  E "C1'" 1 
ATOM   971  N N1    B DT  C 3 8  ? -6.975  -12.664 -16.233 0.50 93.02  ? 8   DT  E N1    1 
ATOM   972  C C2    B DT  C 3 8  ? -6.455  -13.841 -16.750 0.50 92.80  ? 8   DT  E C2    1 
ATOM   973  O O2    B DT  C 3 8  ? -7.047  -14.565 -17.530 0.50 92.70  ? 8   DT  E O2    1 
ATOM   974  N N3    B DT  C 3 8  ? -5.189  -14.155 -16.317 0.50 92.48  ? 8   DT  E N3    1 
ATOM   975  C C4    B DT  C 3 8  ? -4.395  -13.434 -15.442 0.50 92.45  ? 8   DT  E C4    1 
ATOM   976  O O4    B DT  C 3 8  ? -3.270  -13.814 -15.123 0.50 92.09  ? 8   DT  E O4    1 
ATOM   977  C C5    B DT  C 3 8  ? -4.989  -12.215 -14.936 0.50 92.95  ? 8   DT  E C5    1 
ATOM   978  C C7    B DT  C 3 8  ? -4.228  -11.346 -13.974 0.50 92.42  ? 8   DT  E C7    1 
ATOM   979  C C6    B DT  C 3 8  ? -6.231  -11.892 -15.348 0.50 93.04  ? 8   DT  E C6    1 
ATOM   980  P P     B DG  C 3 9  ? -11.891 -10.846 -14.586 0.50 94.77  ? 9   DG  E P     1 
ATOM   981  O OP1   B DG  C 3 9  ? -13.278 -10.446 -14.924 0.50 94.50  ? 9   DG  E OP1   1 
ATOM   982  O OP2   B DG  C 3 9  ? -11.429 -10.721 -13.185 0.50 94.43  ? 9   DG  E OP2   1 
ATOM   983  O "O5'" B DG  C 3 9  ? -11.620 -12.354 -15.054 0.50 93.96  ? 9   DG  E "O5'" 1 
ATOM   984  C "C5'" B DG  C 3 9  ? -12.286 -12.922 -16.182 0.50 93.30  ? 9   DG  E "C5'" 1 
ATOM   985  C "C4'" B DG  C 3 9  ? -12.252 -14.434 -16.085 0.50 92.90  ? 9   DG  E "C4'" 1 
ATOM   986  O "O4'" B DG  C 3 9  ? -10.873 -14.877 -16.127 0.50 92.30  ? 9   DG  E "O4'" 1 
ATOM   987  C "C3'" B DG  C 3 9  ? -12.845 -14.989 -14.790 0.50 92.74  ? 9   DG  E "C3'" 1 
ATOM   988  O "O3'" B DG  C 3 9  ? -13.752 -16.045 -15.059 0.50 93.08  ? 9   DG  E "O3'" 1 
ATOM   989  C "C2'" B DG  C 3 9  ? -11.632 -15.477 -14.008 0.50 92.27  ? 9   DG  E "C2'" 1 
ATOM   990  C "C1'" B DG  C 3 9  ? -10.669 -15.849 -15.125 0.50 91.75  ? 9   DG  E "C1'" 1 
ATOM   991  N N9    B DG  C 3 9  ? -9.265  -15.857 -14.715 0.50 91.59  ? 9   DG  E N9    1 
ATOM   992  C C8    B DG  C 3 9  ? -8.588  -14.873 -14.036 0.50 91.33  ? 9   DG  E C8    1 
ATOM   993  N N7    B DG  C 3 9  ? -7.342  -15.163 -13.802 0.50 91.27  ? 9   DG  E N7    1 
ATOM   994  C C5    B DG  C 3 9  ? -7.178  -16.422 -14.360 0.50 91.23  ? 9   DG  E C5    1 
ATOM   995  C C6    B DG  C 3 9  ? -6.036  -17.256 -14.417 0.50 91.17  ? 9   DG  E C6    1 
ATOM   996  O O6    B DG  C 3 9  ? -4.905  -17.036 -13.973 0.50 90.95  ? 9   DG  E O6    1 
ATOM   997  N N1    B DG  C 3 9  ? -6.298  -18.458 -15.076 0.50 91.41  ? 9   DG  E N1    1 
ATOM   998  C C2    B DG  C 3 9  ? -7.513  -18.811 -15.611 0.50 91.20  ? 9   DG  E C2    1 
ATOM   999  N N2    B DG  C 3 9  ? -7.576  -20.008 -16.203 0.50 91.25  ? 9   DG  E N2    1 
ATOM   1000 N N3    B DG  C 3 9  ? -8.591  -18.038 -15.563 0.50 91.52  ? 9   DG  E N3    1 
ATOM   1001 C C4    B DG  C 3 9  ? -8.353  -16.864 -14.925 0.50 91.29  ? 9   DG  E C4    1 
ATOM   1002 P P     B DT  C 3 10 ? -14.491 -16.774 -13.845 0.50 93.34  ? 10  DT  E P     1 
ATOM   1003 O OP1   B DT  C 3 10 ? -15.948 -16.604 -14.042 0.50 93.21  ? 10  DT  E OP1   1 
ATOM   1004 O OP2   B DT  C 3 10 ? -13.859 -16.347 -12.576 0.50 93.20  ? 10  DT  E OP2   1 
ATOM   1005 O "O5'" B DT  C 3 10 ? -14.092 -18.300 -14.081 0.50 93.59  ? 10  DT  E "O5'" 1 
ATOM   1006 C "C5'" B DT  C 3 10 ? -13.820 -18.789 -15.389 0.50 94.03  ? 10  DT  E "C5'" 1 
ATOM   1007 C "C4'" B DT  C 3 10 ? -12.923 -20.006 -15.297 0.50 94.56  ? 10  DT  E "C4'" 1 
ATOM   1008 O "O4'" B DT  C 3 10 ? -11.562 -19.591 -14.973 0.50 94.85  ? 10  DT  E "O4'" 1 
ATOM   1009 C "C3'" B DT  C 3 10 ? -13.343 -20.999 -14.214 0.50 94.64  ? 10  DT  E "C3'" 1 
ATOM   1010 O "O3'" B DT  C 3 10 ? -13.250 -22.336 -14.677 0.50 95.62  ? 10  DT  E "O3'" 1 
ATOM   1011 C "C2'" B DT  C 3 10 ? -12.349 -20.724 -13.092 0.50 94.43  ? 10  DT  E "C2'" 1 
ATOM   1012 C "C1'" B DT  C 3 10 ? -11.095 -20.376 -13.890 0.50 94.07  ? 10  DT  E "C1'" 1 
ATOM   1013 N N1    B DT  C 3 10 ? -10.046 -19.640 -13.098 0.50 93.52  ? 10  DT  E N1    1 
ATOM   1014 C C2    B DT  C 3 10 ? -8.766  -20.166 -12.990 0.50 93.81  ? 10  DT  E C2    1 
ATOM   1015 O O2    B DT  C 3 10 ? -8.399  -21.208 -13.511 0.50 94.11  ? 10  DT  E O2    1 
ATOM   1016 N N3    B DT  C 3 10 ? -7.896  -19.411 -12.238 0.50 93.57  ? 10  DT  E N3    1 
ATOM   1017 C C4    B DT  C 3 10 ? -8.165  -18.215 -11.592 0.50 93.78  ? 10  DT  E C4    1 
ATOM   1018 O O4    B DT  C 3 10 ? -7.316  -17.613 -10.942 0.50 93.88  ? 10  DT  E O4    1 
ATOM   1019 C C5    B DT  C 3 10 ? -9.515  -17.722 -11.738 0.50 93.54  ? 10  DT  E C5    1 
ATOM   1020 C C7    B DT  C 3 10 ? -9.908  -16.433 -11.079 0.50 93.16  ? 10  DT  E C7    1 
ATOM   1021 C C6    B DT  C 3 10 ? -10.379 -18.446 -12.473 0.50 93.32  ? 10  DT  E C6    1 
ATOM   1022 P P     B DT  C 3 11 ? -13.894 -23.490 -13.782 0.50 96.70  ? 11  DT  E P     1 
ATOM   1023 O OP1   B DT  C 3 11 ? -15.228 -23.803 -14.340 0.50 96.66  ? 11  DT  E OP1   1 
ATOM   1024 O OP2   B DT  C 3 11 ? -13.761 -23.072 -12.363 0.50 96.63  ? 11  DT  E OP2   1 
ATOM   1025 O "O5'" B DT  C 3 11 ? -12.946 -24.752 -14.046 0.50 95.53  ? 11  DT  E "O5'" 1 
ATOM   1026 C "C5'" B DT  C 3 11 ? -11.619 -24.610 -14.537 0.50 94.60  ? 11  DT  E "C5'" 1 
ATOM   1027 C "C4'" B DT  C 3 11 ? -10.581 -25.034 -13.511 0.50 93.99  ? 11  DT  E "C4'" 1 
ATOM   1028 O "O4'" B DT  C 3 11 ? -10.040 -23.861 -12.854 0.50 93.67  ? 11  DT  E "O4'" 1 
ATOM   1029 C "C3'" B DT  C 3 11 ? -11.064 -25.948 -12.378 0.50 93.61  ? 11  DT  E "C3'" 1 
ATOM   1030 O "O3'" B DT  C 3 11 ? -10.530 -27.248 -12.582 0.50 93.56  ? 11  DT  E "O3'" 1 
ATOM   1031 C "C2'" B DT  C 3 11 ? -10.551 -25.292 -11.093 0.50 93.35  ? 11  DT  E "C2'" 1 
ATOM   1032 C "C1'" B DT  C 3 11 ? -9.535  -24.274 -11.603 0.50 93.58  ? 11  DT  E "C1'" 1 
ATOM   1033 N N1    B DT  C 3 11 ? -9.318  -23.063 -10.735 0.50 93.48  ? 11  DT  E N1    1 
ATOM   1034 C C2    B DT  C 3 11 ? -8.041  -22.746 -10.285 0.50 93.75  ? 11  DT  E C2    1 
ATOM   1035 O O2    B DT  C 3 11 ? -7.035  -23.392 -10.533 0.50 93.09  ? 11  DT  E O2    1 
ATOM   1036 N N3    B DT  C 3 11 ? -7.971  -21.615 -9.508  0.50 94.00  ? 11  DT  E N3    1 
ATOM   1037 C C4    B DT  C 3 11 ? -9.018  -20.785 -9.140  0.50 93.94  ? 11  DT  E C4    1 
ATOM   1038 O O4    B DT  C 3 11 ? -8.849  -19.792 -8.437  0.50 93.75  ? 11  DT  E O4    1 
ATOM   1039 C C5    B DT  C 3 11 ? -10.319 -21.166 -9.642  0.50 93.48  ? 11  DT  E C5    1 
ATOM   1040 C C7    B DT  C 3 11 ? -11.522 -20.333 -9.309  0.50 93.19  ? 11  DT  E C7    1 
ATOM   1041 C C6    B DT  C 3 11 ? -10.405 -22.268 -10.407 0.50 93.41  ? 11  DT  E C6    1 
ATOM   1042 P P     B DA  C 3 12 ? -10.934 -28.472 -11.641 0.50 93.44  ? 12  DA  E P     1 
ATOM   1043 O OP1   B DA  C 3 12 ? -10.676 -29.718 -12.400 0.50 93.80  ? 12  DA  E OP1   1 
ATOM   1044 O OP2   B DA  C 3 12 ? -12.283 -28.219 -11.083 0.50 93.83  ? 12  DA  E OP2   1 
ATOM   1045 O "O5'" B DA  C 3 12 ? -9.869  -28.341 -10.457 0.50 93.27  ? 12  DA  E "O5'" 1 
ATOM   1046 C "C5'" B DA  C 3 12 ? -8.499  -28.641 -10.696 0.50 93.29  ? 12  DA  E "C5'" 1 
ATOM   1047 C "C4'" B DA  C 3 12 ? -7.684  -28.485 -9.426  0.50 93.48  ? 12  DA  E "C4'" 1 
ATOM   1048 O "O4'" B DA  C 3 12 ? -7.672  -27.090 -9.028  0.50 93.42  ? 12  DA  E "O4'" 1 
ATOM   1049 C "C3'" B DA  C 3 12 ? -8.215  -29.269 -8.224  0.50 93.74  ? 12  DA  E "C3'" 1 
ATOM   1050 O "O3'" B DA  C 3 12 ? -7.190  -30.070 -7.656  0.50 94.26  ? 12  DA  E "O3'" 1 
ATOM   1051 C "C2'" B DA  C 3 12 ? -8.692  -28.198 -7.249  0.50 93.53  ? 12  DA  E "C2'" 1 
ATOM   1052 C "C1'" B DA  C 3 12 ? -7.807  -27.015 -7.623  0.50 93.79  ? 12  DA  E "C1'" 1 
ATOM   1053 N N9    B DA  C 3 12 ? -8.335  -25.698 -7.274  0.50 94.05  ? 12  DA  E N9    1 
ATOM   1054 C C8    B DA  C 3 12 ? -9.639  -25.278 -7.306  0.50 93.96  ? 12  DA  E C8    1 
ATOM   1055 N N7    B DA  C 3 12 ? -9.805  -24.030 -6.938  0.50 94.01  ? 12  DA  E N7    1 
ATOM   1056 C C5    B DA  C 3 12 ? -8.521  -23.595 -6.645  0.50 94.39  ? 12  DA  E C5    1 
ATOM   1057 C C6    B DA  C 3 12 ? -8.008  -22.356 -6.199  0.50 94.16  ? 12  DA  E C6    1 
ATOM   1058 N N6    B DA  C 3 12 ? -8.777  -21.289 -5.964  0.50 93.98  ? 12  DA  E N6    1 
ATOM   1059 N N1    B DA  C 3 12 ? -6.672  -22.254 -6.002  0.50 93.83  ? 12  DA  E N1    1 
ATOM   1060 C C2    B DA  C 3 12 ? -5.905  -23.328 -6.237  0.50 93.88  ? 12  DA  E C2    1 
ATOM   1061 N N3    B DA  C 3 12 ? -6.272  -24.541 -6.659  0.50 93.98  ? 12  DA  E N3    1 
ATOM   1062 C C4    B DA  C 3 12 ? -7.603  -24.612 -6.848  0.50 94.28  ? 12  DA  E C4    1 
ATOM   1063 P P     B DA  C 3 13 ? -7.571  -31.082 -6.487  0.50 94.93  ? 13  DA  E P     1 
ATOM   1064 O OP1   B DA  C 3 13 ? -6.589  -32.190 -6.496  0.50 95.16  ? 13  DA  E OP1   1 
ATOM   1065 O OP2   B DA  C 3 13 ? -9.014  -31.386 -6.622  0.50 95.33  ? 13  DA  E OP2   1 
ATOM   1066 O "O5'" B DA  C 3 13 ? -7.388  -30.168 -5.179  0.50 95.06  ? 13  DA  E "O5'" 1 
ATOM   1067 C "C5'" B DA  C 3 13 ? -6.321  -30.361 -4.245  0.50 94.52  ? 13  DA  E "C5'" 1 
ATOM   1068 C "C4'" B DA  C 3 13 ? -5.688  -29.047 -3.808  0.50 94.22  ? 13  DA  E "C4'" 1 
ATOM   1069 O "O4'" B DA  C 3 13 ? -6.218  -27.898 -4.520  0.50 94.06  ? 13  DA  E "O4'" 1 
ATOM   1070 C "C3'" B DA  C 3 13 ? -5.928  -28.621 -2.366  0.50 93.89  ? 13  DA  E "C3'" 1 
ATOM   1071 O "O3'" B DA  C 3 13 ? -5.274  -29.445 -1.410  0.50 93.48  ? 13  DA  E "O3'" 1 
ATOM   1072 C "C2'" B DA  C 3 13 ? -5.336  -27.221 -2.432  0.50 93.86  ? 13  DA  E "C2'" 1 
ATOM   1073 C "C1'" B DA  C 3 13 ? -5.829  -26.738 -3.796  0.50 94.01  ? 13  DA  E "C1'" 1 
ATOM   1074 N N9    B DA  C 3 13 ? -6.923  -25.773 -3.672  0.50 94.29  ? 13  DA  E N9    1 
ATOM   1075 C C8    B DA  C 3 13 ? -8.221  -25.882 -4.096  0.50 94.28  ? 13  DA  E C8    1 
ATOM   1076 N N7    B DA  C 3 13 ? -8.957  -24.828 -3.826  0.50 94.40  ? 13  DA  E N7    1 
ATOM   1077 C C5    B DA  C 3 13 ? -8.085  -23.967 -3.180  0.50 94.23  ? 13  DA  E C5    1 
ATOM   1078 C C6    B DA  C 3 13 ? -8.242  -22.675 -2.636  0.50 93.94  ? 13  DA  E C6    1 
ATOM   1079 N N6    B DA  C 3 13 ? -9.398  -22.006 -2.667  0.50 93.97  ? 13  DA  E N6    1 
ATOM   1080 N N1    B DA  C 3 13 ? -7.165  -22.095 -2.058  0.50 94.00  ? 13  DA  E N1    1 
ATOM   1081 C C2    B DA  C 3 13 ? -6.006  -22.769 -2.029  0.50 94.07  ? 13  DA  E C2    1 
ATOM   1082 N N3    B DA  C 3 13 ? -5.737  -23.987 -2.506  0.50 94.17  ? 13  DA  E N3    1 
ATOM   1083 C C4    B DA  C 3 13 ? -6.828  -24.536 -3.076  0.50 94.33  ? 13  DA  E C4    1 
ATOM   1084 P P     B DG  C 3 14 ? -5.937  -29.655 0.033   0.50 94.22  ? 14  DG  E P     1 
ATOM   1085 O OP1   B DG  C 3 14 ? -5.078  -30.598 0.781   0.50 94.07  ? 14  DG  E OP1   1 
ATOM   1086 O OP2   B DG  C 3 14 ? -7.372  -29.962 -0.165  0.50 93.65  ? 14  DG  E OP2   1 
ATOM   1087 O "O5'" B DG  C 3 14 ? -5.838  -28.215 0.730   0.50 93.72  ? 14  DG  E "O5'" 1 
ATOM   1088 C "C5'" B DG  C 3 14 ? -4.703  -27.372 0.531   0.50 93.86  ? 14  DG  E "C5'" 1 
ATOM   1089 C "C4'" B DG  C 3 14 ? -4.454  -26.426 1.702   0.50 93.58  ? 14  DG  E "C4'" 1 
ATOM   1090 O "O4'" B DG  C 3 14 ? -4.478  -25.056 1.211   0.50 93.81  ? 14  DG  E "O4'" 1 
ATOM   1091 C "C3'" B DG  C 3 14 ? -5.458  -26.456 2.853   0.50 93.56  ? 14  DG  E "C3'" 1 
ATOM   1092 O "O3'" B DG  C 3 14 ? -5.093  -27.413 3.848   0.50 93.90  ? 14  DG  E "O3'" 1 
ATOM   1093 C "C2'" B DG  C 3 14 ? -5.392  -25.026 3.378   0.50 93.39  ? 14  DG  E "C2'" 1 
ATOM   1094 C "C1'" B DG  C 3 14 ? -5.190  -24.218 2.104   0.50 93.11  ? 14  DG  E "C1'" 1 
ATOM   1095 N N9    B DG  C 3 14 ? -6.433  -23.796 1.458   0.50 93.01  ? 14  DG  E N9    1 
ATOM   1096 C C8    B DG  C 3 14 ? -7.340  -24.600 0.806   0.50 92.86  ? 14  DG  E C8    1 
ATOM   1097 N N7    B DG  C 3 14 ? -8.360  -23.952 0.320   0.50 92.90  ? 14  DG  E N7    1 
ATOM   1098 C C5    B DG  C 3 14 ? -8.120  -22.631 0.668   0.50 92.77  ? 14  DG  E C5    1 
ATOM   1099 C C6    B DG  C 3 14 ? -8.885  -21.465 0.410   0.50 92.71  ? 14  DG  E C6    1 
ATOM   1100 O O6    B DG  C 3 14 ? -9.960  -21.376 -0.200  0.50 92.65  ? 14  DG  E O6    1 
ATOM   1101 N N1    B DG  C 3 14 ? -8.288  -20.318 0.937   0.50 92.72  ? 14  DG  E N1    1 
ATOM   1102 C C2    B DG  C 3 14 ? -7.096  -20.301 1.630   0.50 92.65  ? 14  DG  E C2    1 
ATOM   1103 N N2    B DG  C 3 14 ? -6.672  -19.105 2.063   0.50 92.66  ? 14  DG  E N2    1 
ATOM   1104 N N3    B DG  C 3 14 ? -6.370  -21.388 1.877   0.50 92.55  ? 14  DG  E N3    1 
ATOM   1105 C C4    B DG  C 3 14 ? -6.937  -22.515 1.369   0.50 92.84  ? 14  DG  E C4    1 
HETATM 1106 O O     . HOH D 4 .  ? 0.941   1.926   -12.211 1.00 72.22  ? 1   HOH A O     1 
HETATM 1107 O O     . HOH D 4 .  ? 5.698   -8.071  -8.274  1.00 88.40  ? 3   HOH A O     1 
HETATM 1108 O O     . HOH D 4 .  ? 2.805   -12.183 -3.304  1.00 86.44  ? 4   HOH A O     1 
HETATM 1109 O O     . HOH D 4 .  ? -1.903  -7.420  9.575   1.00 84.43  ? 5   HOH A O     1 
HETATM 1110 O O     . HOH D 4 .  ? 0.680   0.895   1.876   0.50 73.19  ? 6   HOH A O     1 
HETATM 1111 O O     . HOH D 4 .  ? 3.894   -11.493 -11.553 1.00 89.13  ? 8   HOH A O     1 
HETATM 1112 O O     . HOH D 4 .  ? -2.967  -8.438  7.350   1.00 88.29  ? 9   HOH A O     1 
HETATM 1113 O O     . HOH D 4 .  ? 5.506   6.228   3.630   1.00 76.55  ? 10  HOH A O     1 
# 
